data_1YTH
# 
_entry.id   1YTH 
# 
_audit_conform.dict_name       mmcif_pdbx.dic 
_audit_conform.dict_version    5.397 
_audit_conform.dict_location   http://mmcif.pdb.org/dictionaries/ascii/mmcif_pdbx.dic 
# 
loop_
_database_2.database_id 
_database_2.database_code 
_database_2.pdbx_database_accession 
_database_2.pdbx_DOI 
PDB   1YTH         pdb_00001yth 10.2210/pdb1yth/pdb 
WWPDB D_1000177436 ?            ?                   
# 
loop_
_pdbx_audit_revision_history.ordinal 
_pdbx_audit_revision_history.data_content_type 
_pdbx_audit_revision_history.major_revision 
_pdbx_audit_revision_history.minor_revision 
_pdbx_audit_revision_history.revision_date 
1 'Structure model' 1 0 1997-03-12 
2 'Structure model' 1 1 2008-03-21 
3 'Structure model' 1 2 2011-07-13 
4 'Structure model' 1 3 2021-11-03 
5 'Structure model' 1 4 2024-10-23 
# 
_pdbx_audit_revision_details.ordinal             1 
_pdbx_audit_revision_details.revision_ordinal    1 
_pdbx_audit_revision_details.data_content_type   'Structure model' 
_pdbx_audit_revision_details.provider            repository 
_pdbx_audit_revision_details.type                'Initial release' 
_pdbx_audit_revision_details.description         ? 
_pdbx_audit_revision_details.details             ? 
# 
loop_
_pdbx_audit_revision_group.ordinal 
_pdbx_audit_revision_group.revision_ordinal 
_pdbx_audit_revision_group.data_content_type 
_pdbx_audit_revision_group.group 
1  2 'Structure model' 'Version format compliance' 
2  3 'Structure model' 'Atomic model'              
3  3 'Structure model' 'Database references'       
4  3 'Structure model' 'Derived calculations'      
5  3 'Structure model' 'Non-polymer description'   
6  3 'Structure model' 'Structure summary'         
7  3 'Structure model' 'Version format compliance' 
8  4 'Structure model' 'Database references'       
9  4 'Structure model' 'Derived calculations'      
10 4 'Structure model' Other                       
11 5 'Structure model' 'Data collection'           
12 5 'Structure model' 'Structure summary'         
# 
loop_
_pdbx_audit_revision_category.ordinal 
_pdbx_audit_revision_category.revision_ordinal 
_pdbx_audit_revision_category.data_content_type 
_pdbx_audit_revision_category.category 
1 4 'Structure model' database_2                
2 4 'Structure model' pdbx_database_status      
3 4 'Structure model' struct_conn               
4 4 'Structure model' struct_ref_seq_dif        
5 5 'Structure model' chem_comp_atom            
6 5 'Structure model' chem_comp_bond            
7 5 'Structure model' pdbx_entry_details        
8 5 'Structure model' pdbx_modification_feature 
# 
loop_
_pdbx_audit_revision_item.ordinal 
_pdbx_audit_revision_item.revision_ordinal 
_pdbx_audit_revision_item.data_content_type 
_pdbx_audit_revision_item.item 
1 4 'Structure model' '_database_2.pdbx_DOI'                
2 4 'Structure model' '_database_2.pdbx_database_accession' 
3 4 'Structure model' '_pdbx_database_status.process_site'  
4 4 'Structure model' '_struct_conn.pdbx_leaving_atom_flag' 
5 4 'Structure model' '_struct_ref_seq_dif.details'         
# 
_pdbx_database_status.status_code                     REL 
_pdbx_database_status.entry_id                        1YTH 
_pdbx_database_status.recvd_initial_deposition_date   1996-08-01 
_pdbx_database_status.deposit_site                    ? 
_pdbx_database_status.process_site                    BNL 
_pdbx_database_status.status_code_sf                  REL 
_pdbx_database_status.status_code_mr                  ? 
_pdbx_database_status.SG_entry                        ? 
_pdbx_database_status.status_code_cs                  ? 
_pdbx_database_status.pdb_format_compatible           Y 
_pdbx_database_status.status_code_nmr_data            ? 
_pdbx_database_status.methods_development_category    ? 
# 
loop_
_pdbx_database_related.db_name 
_pdbx_database_related.db_id 
_pdbx_database_related.content_type 
_pdbx_database_related.details 
PDB 1YTJ unspecified . 
PDB 1YTG unspecified . 
# 
loop_
_audit_author.name 
_audit_author.pdbx_ordinal 
'Rose, R.B.'    1 
'Craik, C.S.'   2 
'Douglas, N.L.' 3 
'Stroud, R.M.'  4 
# 
_citation.id                        primary 
_citation.title                     'Three-dimensional structures of HIV-1 and SIV protease product complexes.' 
_citation.journal_abbrev            Biochemistry 
_citation.journal_volume            35 
_citation.page_first                12933 
_citation.page_last                 12944 
_citation.year                      1996 
_citation.journal_id_ASTM           BICHAW 
_citation.country                   US 
_citation.journal_id_ISSN           0006-2960 
_citation.journal_id_CSD            0033 
_citation.book_publisher            ? 
_citation.pdbx_database_id_PubMed   8841139 
_citation.pdbx_database_id_DOI      10.1021/bi9612733 
# 
loop_
_citation_author.citation_id 
_citation_author.name 
_citation_author.ordinal 
_citation_author.identifier_ORCID 
primary 'Rose, R.B.'    1 ? 
primary 'Craik, C.S.'   2 ? 
primary 'Douglas, N.L.' 3 ? 
primary 'Stroud, R.M.'  4 ? 
# 
loop_
_entity.id 
_entity.type 
_entity.src_method 
_entity.pdbx_description 
_entity.formula_weight 
_entity.pdbx_number_of_molecules 
_entity.pdbx_ec 
_entity.pdbx_mutation 
_entity.pdbx_fragment 
_entity.details 
1 polymer man 'HIV PROTEASE'    10801.763 2  3.4.23.16 'CHAIN A, B, Q7K' ? ? 
2 polymer man 'PEPTIDE PRODUCT' 505.565   1  ?         ?                 ? ? 
3 water   nat water             18.015    30 ?         ?                 ? ? 
# 
_entity_name_com.entity_id   1 
_entity_name_com.name        'HIV PROTEINASE' 
# 
loop_
_entity_poly.entity_id 
_entity_poly.type 
_entity_poly.nstd_linkage 
_entity_poly.nstd_monomer 
_entity_poly.pdbx_seq_one_letter_code 
_entity_poly.pdbx_seq_one_letter_code_can 
_entity_poly.pdbx_strand_id 
_entity_poly.pdbx_target_identifier 
1 'polypeptide(L)' no no  
;PQITLWKRPLVTIRIGGQLKEALLDTGADDTVLEEMNLPGKWKPKMIGGIGGFIKVRQYDQIPVEICGHKAIGTVLVGPT
PVNIIGRNLLTQIGCTLNF
;
;PQITLWKRPLVTIRIGGQLKEALLDTGADDTVLEEMNLPGKWKPKMIGGIGGFIKVRQYDQIPVEICGHKAIGTVLVGPT
PVNIIGRNLLTQIGCTLNF
;
A,B ? 
2 'polypeptide(L)' no yes '(ACE)SLNF'                                                                                            
XSLNF                                                                                                  I   ? 
# 
_pdbx_entity_nonpoly.entity_id   3 
_pdbx_entity_nonpoly.name        water 
_pdbx_entity_nonpoly.comp_id     HOH 
# 
loop_
_entity_poly_seq.entity_id 
_entity_poly_seq.num 
_entity_poly_seq.mon_id 
_entity_poly_seq.hetero 
1 1  PRO n 
1 2  GLN n 
1 3  ILE n 
1 4  THR n 
1 5  LEU n 
1 6  TRP n 
1 7  LYS n 
1 8  ARG n 
1 9  PRO n 
1 10 LEU n 
1 11 VAL n 
1 12 THR n 
1 13 ILE n 
1 14 ARG n 
1 15 ILE n 
1 16 GLY n 
1 17 GLY n 
1 18 GLN n 
1 19 LEU n 
1 20 LYS n 
1 21 GLU n 
1 22 ALA n 
1 23 LEU n 
1 24 LEU n 
1 25 ASP n 
1 26 THR n 
1 27 GLY n 
1 28 ALA n 
1 29 ASP n 
1 30 ASP n 
1 31 THR n 
1 32 VAL n 
1 33 LEU n 
1 34 GLU n 
1 35 GLU n 
1 36 MET n 
1 37 ASN n 
1 38 LEU n 
1 39 PRO n 
1 40 GLY n 
1 41 LYS n 
1 42 TRP n 
1 43 LYS n 
1 44 PRO n 
1 45 LYS n 
1 46 MET n 
1 47 ILE n 
1 48 GLY n 
1 49 GLY n 
1 50 ILE n 
1 51 GLY n 
1 52 GLY n 
1 53 PHE n 
1 54 ILE n 
1 55 LYS n 
1 56 VAL n 
1 57 ARG n 
1 58 GLN n 
1 59 TYR n 
1 60 ASP n 
1 61 GLN n 
1 62 ILE n 
1 63 PRO n 
1 64 VAL n 
1 65 GLU n 
1 66 ILE n 
1 67 CYS n 
1 68 GLY n 
1 69 HIS n 
1 70 LYS n 
1 71 ALA n 
1 72 ILE n 
1 73 GLY n 
1 74 THR n 
1 75 VAL n 
1 76 LEU n 
1 77 VAL n 
1 78 GLY n 
1 79 PRO n 
1 80 THR n 
1 81 PRO n 
1 82 VAL n 
1 83 ASN n 
1 84 ILE n 
1 85 ILE n 
1 86 GLY n 
1 87 ARG n 
1 88 ASN n 
1 89 LEU n 
1 90 LEU n 
1 91 THR n 
1 92 GLN n 
1 93 ILE n 
1 94 GLY n 
1 95 CYS n 
1 96 THR n 
1 97 LEU n 
1 98 ASN n 
1 99 PHE n 
2 1  ACE n 
2 2  SER n 
2 3  LEU n 
2 4  ASN n 
2 5  PHE n 
# 
_entity_src_gen.entity_id                          1 
_entity_src_gen.pdbx_src_id                        1 
_entity_src_gen.pdbx_alt_source_flag               sample 
_entity_src_gen.pdbx_seq_type                      ? 
_entity_src_gen.pdbx_beg_seq_num                   ? 
_entity_src_gen.pdbx_end_seq_num                   ? 
_entity_src_gen.gene_src_common_name               ? 
_entity_src_gen.gene_src_genus                     Lentivirus 
_entity_src_gen.pdbx_gene_src_gene                 'STRAIN SF-2' 
_entity_src_gen.gene_src_species                   ? 
_entity_src_gen.gene_src_strain                    X90 
_entity_src_gen.gene_src_tissue                    ? 
_entity_src_gen.gene_src_tissue_fraction           ? 
_entity_src_gen.gene_src_details                   ? 
_entity_src_gen.pdbx_gene_src_fragment             ? 
_entity_src_gen.pdbx_gene_src_scientific_name      'Human immunodeficiency virus 1' 
_entity_src_gen.pdbx_gene_src_ncbi_taxonomy_id     11676 
_entity_src_gen.pdbx_gene_src_variant              ? 
_entity_src_gen.pdbx_gene_src_cell_line            ? 
_entity_src_gen.pdbx_gene_src_atcc                 ? 
_entity_src_gen.pdbx_gene_src_organ                ? 
_entity_src_gen.pdbx_gene_src_organelle            ? 
_entity_src_gen.pdbx_gene_src_cell                 ? 
_entity_src_gen.pdbx_gene_src_cellular_location    ? 
_entity_src_gen.host_org_common_name               ? 
_entity_src_gen.pdbx_host_org_scientific_name      BICISTRONIC 
_entity_src_gen.pdbx_host_org_ncbi_taxonomy_id     ? 
_entity_src_gen.host_org_genus                     ? 
_entity_src_gen.pdbx_host_org_gene                 'STRAIN SF-2' 
_entity_src_gen.pdbx_host_org_organ                ? 
_entity_src_gen.host_org_species                   ? 
_entity_src_gen.pdbx_host_org_tissue               ? 
_entity_src_gen.pdbx_host_org_tissue_fraction      ? 
_entity_src_gen.pdbx_host_org_strain               ? 
_entity_src_gen.pdbx_host_org_variant              ? 
_entity_src_gen.pdbx_host_org_cell_line            ? 
_entity_src_gen.pdbx_host_org_atcc                 ? 
_entity_src_gen.pdbx_host_org_culture_collection   ? 
_entity_src_gen.pdbx_host_org_cell                 ? 
_entity_src_gen.pdbx_host_org_organelle            ? 
_entity_src_gen.pdbx_host_org_cellular_location    ? 
_entity_src_gen.pdbx_host_org_vector_type          ? 
_entity_src_gen.pdbx_host_org_vector               ? 
_entity_src_gen.host_org_details                   ? 
_entity_src_gen.expression_system_id               ? 
_entity_src_gen.plasmid_name                       PSOD/PR179 
_entity_src_gen.plasmid_details                    ? 
_entity_src_gen.pdbx_description                   ? 
# 
loop_
_chem_comp.id 
_chem_comp.type 
_chem_comp.mon_nstd_flag 
_chem_comp.name 
_chem_comp.pdbx_synonyms 
_chem_comp.formula 
_chem_comp.formula_weight 
ACE non-polymer         . 'ACETYL GROUP'  ? 'C2 H4 O'        44.053  
ALA 'L-peptide linking' y ALANINE         ? 'C3 H7 N O2'     89.093  
ARG 'L-peptide linking' y ARGININE        ? 'C6 H15 N4 O2 1' 175.209 
ASN 'L-peptide linking' y ASPARAGINE      ? 'C4 H8 N2 O3'    132.118 
ASP 'L-peptide linking' y 'ASPARTIC ACID' ? 'C4 H7 N O4'     133.103 
CYS 'L-peptide linking' y CYSTEINE        ? 'C3 H7 N O2 S'   121.158 
GLN 'L-peptide linking' y GLUTAMINE       ? 'C5 H10 N2 O3'   146.144 
GLU 'L-peptide linking' y 'GLUTAMIC ACID' ? 'C5 H9 N O4'     147.129 
GLY 'peptide linking'   y GLYCINE         ? 'C2 H5 N O2'     75.067  
HIS 'L-peptide linking' y HISTIDINE       ? 'C6 H10 N3 O2 1' 156.162 
HOH non-polymer         . WATER           ? 'H2 O'           18.015  
ILE 'L-peptide linking' y ISOLEUCINE      ? 'C6 H13 N O2'    131.173 
LEU 'L-peptide linking' y LEUCINE         ? 'C6 H13 N O2'    131.173 
LYS 'L-peptide linking' y LYSINE          ? 'C6 H15 N2 O2 1' 147.195 
MET 'L-peptide linking' y METHIONINE      ? 'C5 H11 N O2 S'  149.211 
PHE 'L-peptide linking' y PHENYLALANINE   ? 'C9 H11 N O2'    165.189 
PRO 'L-peptide linking' y PROLINE         ? 'C5 H9 N O2'     115.130 
SER 'L-peptide linking' y SERINE          ? 'C3 H7 N O3'     105.093 
THR 'L-peptide linking' y THREONINE       ? 'C4 H9 N O3'     119.119 
TRP 'L-peptide linking' y TRYPTOPHAN      ? 'C11 H12 N2 O2'  204.225 
TYR 'L-peptide linking' y TYROSINE        ? 'C9 H11 N O3'    181.189 
VAL 'L-peptide linking' y VALINE          ? 'C5 H11 N O2'    117.146 
# 
loop_
_pdbx_poly_seq_scheme.asym_id 
_pdbx_poly_seq_scheme.entity_id 
_pdbx_poly_seq_scheme.seq_id 
_pdbx_poly_seq_scheme.mon_id 
_pdbx_poly_seq_scheme.ndb_seq_num 
_pdbx_poly_seq_scheme.pdb_seq_num 
_pdbx_poly_seq_scheme.auth_seq_num 
_pdbx_poly_seq_scheme.pdb_mon_id 
_pdbx_poly_seq_scheme.auth_mon_id 
_pdbx_poly_seq_scheme.pdb_strand_id 
_pdbx_poly_seq_scheme.pdb_ins_code 
_pdbx_poly_seq_scheme.hetero 
A 1 1  PRO 1  1  1  PRO PRO A . n 
A 1 2  GLN 2  2  2  GLN GLN A . n 
A 1 3  ILE 3  3  3  ILE ILE A . n 
A 1 4  THR 4  4  4  THR THR A . n 
A 1 5  LEU 5  5  5  LEU LEU A . n 
A 1 6  TRP 6  6  6  TRP TRP A . n 
A 1 7  LYS 7  7  7  LYS LYS A . n 
A 1 8  ARG 8  8  8  ARG ARG A . n 
A 1 9  PRO 9  9  9  PRO PRO A . n 
A 1 10 LEU 10 10 10 LEU LEU A . n 
A 1 11 VAL 11 11 11 VAL VAL A . n 
A 1 12 THR 12 12 12 THR THR A . n 
A 1 13 ILE 13 13 13 ILE ILE A . n 
A 1 14 ARG 14 14 14 ARG ARG A . n 
A 1 15 ILE 15 15 15 ILE ILE A . n 
A 1 16 GLY 16 16 16 GLY GLY A . n 
A 1 17 GLY 17 17 17 GLY GLY A . n 
A 1 18 GLN 18 18 18 GLN GLN A . n 
A 1 19 LEU 19 19 19 LEU LEU A . n 
A 1 20 LYS 20 20 20 LYS LYS A . n 
A 1 21 GLU 21 21 21 GLU GLU A . n 
A 1 22 ALA 22 22 22 ALA ALA A . n 
A 1 23 LEU 23 23 23 LEU LEU A . n 
A 1 24 LEU 24 24 24 LEU LEU A . n 
A 1 25 ASP 25 25 25 ASP ASP A . n 
A 1 26 THR 26 26 26 THR THR A . n 
A 1 27 GLY 27 27 27 GLY GLY A . n 
A 1 28 ALA 28 28 28 ALA ALA A . n 
A 1 29 ASP 29 29 29 ASP ASP A . n 
A 1 30 ASP 30 30 30 ASP ASP A . n 
A 1 31 THR 31 31 31 THR THR A . n 
A 1 32 VAL 32 32 32 VAL VAL A . n 
A 1 33 LEU 33 33 33 LEU LEU A . n 
A 1 34 GLU 34 34 34 GLU GLU A . n 
A 1 35 GLU 35 35 35 GLU GLU A . n 
A 1 36 MET 36 36 36 MET MET A . n 
A 1 37 ASN 37 37 37 ASN ASN A . n 
A 1 38 LEU 38 38 38 LEU LEU A . n 
A 1 39 PRO 39 39 39 PRO PRO A . n 
A 1 40 GLY 40 40 40 GLY GLY A . n 
A 1 41 LYS 41 41 41 LYS LYS A . n 
A 1 42 TRP 42 42 42 TRP TRP A . n 
A 1 43 LYS 43 43 43 LYS LYS A . n 
A 1 44 PRO 44 44 44 PRO PRO A . n 
A 1 45 LYS 45 45 45 LYS LYS A . n 
A 1 46 MET 46 46 46 MET MET A . n 
A 1 47 ILE 47 47 47 ILE ILE A . n 
A 1 48 GLY 48 48 48 GLY GLY A . n 
A 1 49 GLY 49 49 49 GLY GLY A . n 
A 1 50 ILE 50 50 50 ILE ILE A . n 
A 1 51 GLY 51 51 51 GLY GLY A . n 
A 1 52 GLY 52 52 52 GLY GLY A . n 
A 1 53 PHE 53 53 53 PHE PHE A . n 
A 1 54 ILE 54 54 54 ILE ILE A . n 
A 1 55 LYS 55 55 55 LYS LYS A . n 
A 1 56 VAL 56 56 56 VAL VAL A . n 
A 1 57 ARG 57 57 57 ARG ARG A . n 
A 1 58 GLN 58 58 58 GLN GLN A . n 
A 1 59 TYR 59 59 59 TYR TYR A . n 
A 1 60 ASP 60 60 60 ASP ASP A . n 
A 1 61 GLN 61 61 61 GLN GLN A . n 
A 1 62 ILE 62 62 62 ILE ILE A . n 
A 1 63 PRO 63 63 63 PRO PRO A . n 
A 1 64 VAL 64 64 64 VAL VAL A . n 
A 1 65 GLU 65 65 65 GLU GLU A . n 
A 1 66 ILE 66 66 66 ILE ILE A . n 
A 1 67 CYS 67 67 67 CYS CYS A . n 
A 1 68 GLY 68 68 68 GLY GLY A . n 
A 1 69 HIS 69 69 69 HIS HIS A . n 
A 1 70 LYS 70 70 70 LYS LYS A . n 
A 1 71 ALA 71 71 71 ALA ALA A . n 
A 1 72 ILE 72 72 72 ILE ILE A . n 
A 1 73 GLY 73 73 73 GLY GLY A . n 
A 1 74 THR 74 74 74 THR THR A . n 
A 1 75 VAL 75 75 75 VAL VAL A . n 
A 1 76 LEU 76 76 76 LEU LEU A . n 
A 1 77 VAL 77 77 77 VAL VAL A . n 
A 1 78 GLY 78 78 78 GLY GLY A . n 
A 1 79 PRO 79 79 79 PRO PRO A . n 
A 1 80 THR 80 80 80 THR THR A . n 
A 1 81 PRO 81 81 81 PRO PRO A . n 
A 1 82 VAL 82 82 82 VAL VAL A . n 
A 1 83 ASN 83 83 83 ASN ASN A . n 
A 1 84 ILE 84 84 84 ILE ILE A . n 
A 1 85 ILE 85 85 85 ILE ILE A . n 
A 1 86 GLY 86 86 86 GLY GLY A . n 
A 1 87 ARG 87 87 87 ARG ARG A . n 
A 1 88 ASN 88 88 88 ASN ASN A . n 
A 1 89 LEU 89 89 89 LEU LEU A . n 
A 1 90 LEU 90 90 90 LEU LEU A . n 
A 1 91 THR 91 91 91 THR THR A . n 
A 1 92 GLN 92 92 92 GLN GLN A . n 
A 1 93 ILE 93 93 93 ILE ILE A . n 
A 1 94 GLY 94 94 94 GLY GLY A . n 
A 1 95 CYS 95 95 95 CYS CYS A . n 
A 1 96 THR 96 96 96 THR THR A . n 
A 1 97 LEU 97 97 97 LEU LEU A . n 
A 1 98 ASN 98 98 98 ASN ASN A . n 
A 1 99 PHE 99 99 99 PHE PHE A . n 
B 1 1  PRO 1  1  1  PRO PRO B . n 
B 1 2  GLN 2  2  2  GLN GLN B . n 
B 1 3  ILE 3  3  3  ILE ILE B . n 
B 1 4  THR 4  4  4  THR THR B . n 
B 1 5  LEU 5  5  5  LEU LEU B . n 
B 1 6  TRP 6  6  6  TRP TRP B . n 
B 1 7  LYS 7  7  7  LYS LYS B . n 
B 1 8  ARG 8  8  8  ARG ARG B . n 
B 1 9  PRO 9  9  9  PRO PRO B . n 
B 1 10 LEU 10 10 10 LEU LEU B . n 
B 1 11 VAL 11 11 11 VAL VAL B . n 
B 1 12 THR 12 12 12 THR THR B . n 
B 1 13 ILE 13 13 13 ILE ILE B . n 
B 1 14 ARG 14 14 14 ARG ARG B . n 
B 1 15 ILE 15 15 15 ILE ILE B . n 
B 1 16 GLY 16 16 16 GLY GLY B . n 
B 1 17 GLY 17 17 17 GLY GLY B . n 
B 1 18 GLN 18 18 18 GLN GLN B . n 
B 1 19 LEU 19 19 19 LEU LEU B . n 
B 1 20 LYS 20 20 20 LYS LYS B . n 
B 1 21 GLU 21 21 21 GLU GLU B . n 
B 1 22 ALA 22 22 22 ALA ALA B . n 
B 1 23 LEU 23 23 23 LEU LEU B . n 
B 1 24 LEU 24 24 24 LEU LEU B . n 
B 1 25 ASP 25 25 25 ASP ASP B . n 
B 1 26 THR 26 26 26 THR THR B . n 
B 1 27 GLY 27 27 27 GLY GLY B . n 
B 1 28 ALA 28 28 28 ALA ALA B . n 
B 1 29 ASP 29 29 29 ASP ASP B . n 
B 1 30 ASP 30 30 30 ASP ASP B . n 
B 1 31 THR 31 31 31 THR THR B . n 
B 1 32 VAL 32 32 32 VAL VAL B . n 
B 1 33 LEU 33 33 33 LEU LEU B . n 
B 1 34 GLU 34 34 34 GLU GLU B . n 
B 1 35 GLU 35 35 35 GLU GLU B . n 
B 1 36 MET 36 36 36 MET MET B . n 
B 1 37 ASN 37 37 37 ASN ASN B . n 
B 1 38 LEU 38 38 38 LEU LEU B . n 
B 1 39 PRO 39 39 39 PRO PRO B . n 
B 1 40 GLY 40 40 40 GLY GLY B . n 
B 1 41 LYS 41 41 41 LYS LYS B . n 
B 1 42 TRP 42 42 42 TRP TRP B . n 
B 1 43 LYS 43 43 43 LYS LYS B . n 
B 1 44 PRO 44 44 44 PRO PRO B . n 
B 1 45 LYS 45 45 45 LYS LYS B . n 
B 1 46 MET 46 46 46 MET MET B . n 
B 1 47 ILE 47 47 47 ILE ILE B . n 
B 1 48 GLY 48 48 48 GLY GLY B . n 
B 1 49 GLY 49 49 49 GLY GLY B . n 
B 1 50 ILE 50 50 50 ILE ILE B . n 
B 1 51 GLY 51 51 51 GLY GLY B . n 
B 1 52 GLY 52 52 52 GLY GLY B . n 
B 1 53 PHE 53 53 53 PHE PHE B . n 
B 1 54 ILE 54 54 54 ILE ILE B . n 
B 1 55 LYS 55 55 55 LYS LYS B . n 
B 1 56 VAL 56 56 56 VAL VAL B . n 
B 1 57 ARG 57 57 57 ARG ARG B . n 
B 1 58 GLN 58 58 58 GLN GLN B . n 
B 1 59 TYR 59 59 59 TYR TYR B . n 
B 1 60 ASP 60 60 60 ASP ASP B . n 
B 1 61 GLN 61 61 61 GLN GLN B . n 
B 1 62 ILE 62 62 62 ILE ILE B . n 
B 1 63 PRO 63 63 63 PRO PRO B . n 
B 1 64 VAL 64 64 64 VAL VAL B . n 
B 1 65 GLU 65 65 65 GLU GLU B . n 
B 1 66 ILE 66 66 66 ILE ILE B . n 
B 1 67 CYS 67 67 67 CYS CYS B . n 
B 1 68 GLY 68 68 68 GLY GLY B . n 
B 1 69 HIS 69 69 69 HIS HIS B . n 
B 1 70 LYS 70 70 70 LYS LYS B . n 
B 1 71 ALA 71 71 71 ALA ALA B . n 
B 1 72 ILE 72 72 72 ILE ILE B . n 
B 1 73 GLY 73 73 73 GLY GLY B . n 
B 1 74 THR 74 74 74 THR THR B . n 
B 1 75 VAL 75 75 75 VAL VAL B . n 
B 1 76 LEU 76 76 76 LEU LEU B . n 
B 1 77 VAL 77 77 77 VAL VAL B . n 
B 1 78 GLY 78 78 78 GLY GLY B . n 
B 1 79 PRO 79 79 79 PRO PRO B . n 
B 1 80 THR 80 80 80 THR THR B . n 
B 1 81 PRO 81 81 81 PRO PRO B . n 
B 1 82 VAL 82 82 82 VAL VAL B . n 
B 1 83 ASN 83 83 83 ASN ASN B . n 
B 1 84 ILE 84 84 84 ILE ILE B . n 
B 1 85 ILE 85 85 85 ILE ILE B . n 
B 1 86 GLY 86 86 86 GLY GLY B . n 
B 1 87 ARG 87 87 87 ARG ARG B . n 
B 1 88 ASN 88 88 88 ASN ASN B . n 
B 1 89 LEU 89 89 89 LEU LEU B . n 
B 1 90 LEU 90 90 90 LEU LEU B . n 
B 1 91 THR 91 91 91 THR THR B . n 
B 1 92 GLN 92 92 92 GLN GLN B . n 
B 1 93 ILE 93 93 93 ILE ILE B . n 
B 1 94 GLY 94 94 94 GLY GLY B . n 
B 1 95 CYS 95 95 95 CYS CYS B . n 
B 1 96 THR 96 96 96 THR THR B . n 
B 1 97 LEU 97 97 97 LEU LEU B . n 
B 1 98 ASN 98 98 98 ASN ASN B . n 
B 1 99 PHE 99 99 99 PHE PHE B . n 
C 2 1  ACE 1  0  1  ACE ACE I . n 
C 2 2  SER 2  1  1  SER SER I . n 
C 2 3  LEU 3  2  2  LEU LEU I . n 
C 2 4  ASN 4  3  3  ASN ASN I . n 
C 2 5  PHE 5  4  4  PHE PHE I . n 
# 
loop_
_pdbx_nonpoly_scheme.asym_id 
_pdbx_nonpoly_scheme.entity_id 
_pdbx_nonpoly_scheme.mon_id 
_pdbx_nonpoly_scheme.ndb_seq_num 
_pdbx_nonpoly_scheme.pdb_seq_num 
_pdbx_nonpoly_scheme.auth_seq_num 
_pdbx_nonpoly_scheme.pdb_mon_id 
_pdbx_nonpoly_scheme.auth_mon_id 
_pdbx_nonpoly_scheme.pdb_strand_id 
_pdbx_nonpoly_scheme.pdb_ins_code 
D 3 HOH 1  404 404 HOH HOH A . 
D 3 HOH 2  405 405 HOH HOH A . 
D 3 HOH 3  406 406 HOH HOH A . 
D 3 HOH 4  407 407 HOH HOH A . 
D 3 HOH 5  408 408 HOH HOH A . 
D 3 HOH 6  410 410 HOH HOH A . 
D 3 HOH 7  414 414 HOH HOH A . 
D 3 HOH 8  415 415 HOH HOH A . 
D 3 HOH 9  416 416 HOH HOH A . 
D 3 HOH 10 418 418 HOH HOH A . 
D 3 HOH 11 420 420 HOH HOH A . 
D 3 HOH 12 421 421 HOH HOH A . 
D 3 HOH 13 424 424 HOH HOH A . 
D 3 HOH 14 425 425 HOH HOH A . 
D 3 HOH 15 427 427 HOH HOH A . 
E 3 HOH 1  402 402 HOH HOH B . 
E 3 HOH 2  403 403 HOH HOH B . 
E 3 HOH 3  409 409 HOH HOH B . 
E 3 HOH 4  411 411 HOH HOH B . 
E 3 HOH 5  412 412 HOH HOH B . 
E 3 HOH 6  413 413 HOH HOH B . 
E 3 HOH 7  417 417 HOH HOH B . 
E 3 HOH 8  419 419 HOH HOH B . 
E 3 HOH 9  423 423 HOH HOH B . 
E 3 HOH 10 426 426 HOH HOH B . 
E 3 HOH 11 428 428 HOH HOH B . 
E 3 HOH 12 431 431 HOH HOH B . 
F 3 HOH 1  401 401 HOH HOH I . 
F 3 HOH 2  429 429 HOH HOH I . 
F 3 HOH 3  430 430 HOH HOH I . 
# 
loop_
_pdbx_unobs_or_zero_occ_atoms.id 
_pdbx_unobs_or_zero_occ_atoms.PDB_model_num 
_pdbx_unobs_or_zero_occ_atoms.polymer_flag 
_pdbx_unobs_or_zero_occ_atoms.occupancy_flag 
_pdbx_unobs_or_zero_occ_atoms.auth_asym_id 
_pdbx_unobs_or_zero_occ_atoms.auth_comp_id 
_pdbx_unobs_or_zero_occ_atoms.auth_seq_id 
_pdbx_unobs_or_zero_occ_atoms.PDB_ins_code 
_pdbx_unobs_or_zero_occ_atoms.auth_atom_id 
_pdbx_unobs_or_zero_occ_atoms.label_alt_id 
_pdbx_unobs_or_zero_occ_atoms.label_asym_id 
_pdbx_unobs_or_zero_occ_atoms.label_comp_id 
_pdbx_unobs_or_zero_occ_atoms.label_seq_id 
_pdbx_unobs_or_zero_occ_atoms.label_atom_id 
1  1 Y 1 A LYS 7  ? CG  ? A LYS 7  CG  
2  1 Y 1 A LYS 7  ? CD  ? A LYS 7  CD  
3  1 Y 1 A LYS 7  ? CE  ? A LYS 7  CE  
4  1 Y 1 A LYS 7  ? NZ  ? A LYS 7  NZ  
5  1 Y 1 A LYS 41 ? CG  ? A LYS 41 CG  
6  1 Y 1 A LYS 41 ? CD  ? A LYS 41 CD  
7  1 Y 1 A LYS 41 ? CE  ? A LYS 41 CE  
8  1 Y 1 A LYS 41 ? NZ  ? A LYS 41 NZ  
9  1 Y 1 A LYS 43 ? CG  ? A LYS 43 CG  
10 1 Y 1 A LYS 43 ? CD  ? A LYS 43 CD  
11 1 Y 1 A LYS 43 ? CE  ? A LYS 43 CE  
12 1 Y 1 A LYS 43 ? NZ  ? A LYS 43 NZ  
13 1 Y 1 A LYS 55 ? CG  ? A LYS 55 CG  
14 1 Y 1 A LYS 55 ? CD  ? A LYS 55 CD  
15 1 Y 1 A LYS 55 ? CE  ? A LYS 55 CE  
16 1 Y 1 A LYS 55 ? NZ  ? A LYS 55 NZ  
17 1 Y 1 A LYS 70 ? CG  ? A LYS 70 CG  
18 1 Y 1 A LYS 70 ? CD  ? A LYS 70 CD  
19 1 Y 1 A LYS 70 ? CE  ? A LYS 70 CE  
20 1 Y 1 A LYS 70 ? NZ  ? A LYS 70 NZ  
21 1 Y 1 B LYS 7  ? CG  ? B LYS 7  CG  
22 1 Y 1 B LYS 7  ? CD  ? B LYS 7  CD  
23 1 Y 1 B LYS 7  ? CE  ? B LYS 7  CE  
24 1 Y 1 B LYS 7  ? NZ  ? B LYS 7  NZ  
25 1 Y 1 B ARG 14 ? CG  ? B ARG 14 CG  
26 1 Y 1 B ARG 14 ? CD  ? B ARG 14 CD  
27 1 Y 1 B ARG 14 ? NE  ? B ARG 14 NE  
28 1 Y 1 B ARG 14 ? CZ  ? B ARG 14 CZ  
29 1 Y 1 B ARG 14 ? NH1 ? B ARG 14 NH1 
30 1 Y 1 B ARG 14 ? NH2 ? B ARG 14 NH2 
31 1 Y 1 B GLN 18 ? CG  ? B GLN 18 CG  
32 1 Y 1 B GLN 18 ? CD  ? B GLN 18 CD  
33 1 Y 1 B GLN 18 ? OE1 ? B GLN 18 OE1 
34 1 Y 1 B GLN 18 ? NE2 ? B GLN 18 NE2 
35 1 Y 1 B GLU 21 ? CG  ? B GLU 21 CG  
36 1 Y 1 B GLU 21 ? CD  ? B GLU 21 CD  
37 1 Y 1 B GLU 21 ? OE1 ? B GLU 21 OE1 
38 1 Y 1 B GLU 21 ? OE2 ? B GLU 21 OE2 
39 1 Y 1 B LYS 41 ? CG  ? B LYS 41 CG  
40 1 Y 1 B LYS 41 ? CD  ? B LYS 41 CD  
41 1 Y 1 B LYS 41 ? CE  ? B LYS 41 CE  
42 1 Y 1 B LYS 41 ? NZ  ? B LYS 41 NZ  
43 1 Y 1 B LYS 43 ? CG  ? B LYS 43 CG  
44 1 Y 1 B LYS 43 ? CD  ? B LYS 43 CD  
45 1 Y 1 B LYS 43 ? CE  ? B LYS 43 CE  
46 1 Y 1 B LYS 43 ? NZ  ? B LYS 43 NZ  
47 1 Y 1 B LYS 55 ? CG  ? B LYS 55 CG  
48 1 Y 1 B LYS 55 ? CD  ? B LYS 55 CD  
49 1 Y 1 B LYS 55 ? CE  ? B LYS 55 CE  
50 1 Y 1 B LYS 55 ? NZ  ? B LYS 55 NZ  
51 1 Y 1 B GLU 65 ? CG  ? B GLU 65 CG  
52 1 Y 1 B GLU 65 ? CD  ? B GLU 65 CD  
53 1 Y 1 B GLU 65 ? OE1 ? B GLU 65 OE1 
54 1 Y 1 B GLU 65 ? OE2 ? B GLU 65 OE2 
55 1 Y 1 B LYS 70 ? CG  ? B LYS 70 CG  
56 1 Y 1 B LYS 70 ? CD  ? B LYS 70 CD  
57 1 Y 1 B LYS 70 ? CE  ? B LYS 70 CE  
58 1 Y 1 B LYS 70 ? NZ  ? B LYS 70 NZ  
59 1 Y 0 I ACE 0  ? O   ? C ACE 1  O   
60 1 Y 0 I ACE 0  ? CH3 ? C ACE 1  CH3 
# 
loop_
_software.name 
_software.classification 
_software.version 
_software.citation_id 
_software.pdbx_ordinal 
X-PLOR 'model building' . ? 1 
X-PLOR refinement       . ? 2 
DENZO  'data reduction' . ? 3 
X-PLOR phasing          . ? 4 
# 
_cell.entry_id           1YTH 
_cell.length_a           51.100 
_cell.length_b           59.300 
_cell.length_c           61.400 
_cell.angle_alpha        90.00 
_cell.angle_beta         90.00 
_cell.angle_gamma        90.00 
_cell.Z_PDB              8 
_cell.pdbx_unique_axis   ? 
_cell.length_a_esd       ? 
_cell.length_b_esd       ? 
_cell.length_c_esd       ? 
_cell.angle_alpha_esd    ? 
_cell.angle_beta_esd     ? 
_cell.angle_gamma_esd    ? 
# 
_symmetry.entry_id                         1YTH 
_symmetry.space_group_name_H-M             'P 21 21 21' 
_symmetry.pdbx_full_space_group_name_H-M   ? 
_symmetry.cell_setting                     ? 
_symmetry.Int_Tables_number                19 
_symmetry.space_group_name_Hall            ? 
# 
_exptl.entry_id          1YTH 
_exptl.method            'X-RAY DIFFRACTION' 
_exptl.crystals_number   ? 
# 
_exptl_crystal.id                    1 
_exptl_crystal.density_meas          ? 
_exptl_crystal.density_Matthews      2.10 
_exptl_crystal.density_percent_sol   40. 
_exptl_crystal.description           ? 
_exptl_crystal.F_000                 ? 
_exptl_crystal.preparation           ? 
# 
_diffrn.id                     1 
_diffrn.ambient_temp           ? 
_diffrn.ambient_temp_details   ? 
_diffrn.crystal_id             1 
# 
_diffrn_detector.diffrn_id              1 
_diffrn_detector.detector               'IMAGE PLATE' 
_diffrn_detector.type                   MARRESEARCH 
_diffrn_detector.pdbx_collection_date   ? 
_diffrn_detector.details                ? 
# 
_diffrn_radiation.diffrn_id                        1 
_diffrn_radiation.wavelength_id                    1 
_diffrn_radiation.pdbx_monochromatic_or_laue_m_l   M 
_diffrn_radiation.monochromator                    ? 
_diffrn_radiation.pdbx_diffrn_protocol             ? 
_diffrn_radiation.pdbx_scattering_type             x-ray 
# 
_diffrn_radiation_wavelength.id           1 
_diffrn_radiation_wavelength.wavelength   1.08 
_diffrn_radiation_wavelength.wt           1.0 
# 
_diffrn_source.diffrn_id                   1 
_diffrn_source.source                      SYNCHROTRON 
_diffrn_source.type                        SSRL 
_diffrn_source.pdbx_synchrotron_site       SSRL 
_diffrn_source.pdbx_synchrotron_beamline   ? 
_diffrn_source.pdbx_wavelength             1.08 
_diffrn_source.pdbx_wavelength_list        ? 
# 
_reflns.entry_id                     1YTH 
_reflns.observed_criterion_sigma_I   2. 
_reflns.observed_criterion_sigma_F   ? 
_reflns.d_resolution_low             ? 
_reflns.d_resolution_high            ? 
_reflns.number_obs                   9700 
_reflns.number_all                   ? 
_reflns.percent_possible_obs         96. 
_reflns.pdbx_Rmerge_I_obs            0.0800000 
_reflns.pdbx_Rsym_value              ? 
_reflns.pdbx_netI_over_sigmaI        ? 
_reflns.B_iso_Wilson_estimate        ? 
_reflns.pdbx_redundancy              3. 
_reflns.R_free_details               ? 
_reflns.limit_h_max                  ? 
_reflns.limit_h_min                  ? 
_reflns.limit_k_max                  ? 
_reflns.limit_k_min                  ? 
_reflns.limit_l_max                  ? 
_reflns.limit_l_min                  ? 
_reflns.observed_criterion_F_max     ? 
_reflns.observed_criterion_F_min     ? 
_reflns.pdbx_chi_squared             ? 
_reflns.pdbx_scaling_rejects         ? 
_reflns.pdbx_ordinal                 1 
_reflns.pdbx_diffrn_id               1 
# 
_refine.entry_id                                 1YTH 
_refine.ls_number_reflns_obs                     29000 
_refine.ls_number_reflns_all                     ? 
_refine.pdbx_ls_sigma_I                          ? 
_refine.pdbx_ls_sigma_F                          0.0 
_refine.pdbx_data_cutoff_high_absF               ? 
_refine.pdbx_data_cutoff_low_absF                ? 
_refine.pdbx_data_cutoff_high_rms_absF           ? 
_refine.ls_d_res_low                             7.0 
_refine.ls_d_res_high                            2.2 
_refine.ls_percent_reflns_obs                    ? 
_refine.ls_R_factor_obs                          0.1980000 
_refine.ls_R_factor_all                          ? 
_refine.ls_R_factor_R_work                       0.1980000 
_refine.ls_R_factor_R_free                       0.2830000 
_refine.ls_R_factor_R_free_error                 ? 
_refine.ls_R_factor_R_free_error_details         ? 
_refine.ls_percent_reflns_R_free                 ? 
_refine.ls_number_reflns_R_free                  ? 
_refine.ls_number_parameters                     ? 
_refine.ls_number_restraints                     ? 
_refine.occupancy_min                            ? 
_refine.occupancy_max                            ? 
_refine.B_iso_mean                               21. 
_refine.aniso_B[1][1]                            ? 
_refine.aniso_B[2][2]                            ? 
_refine.aniso_B[3][3]                            ? 
_refine.aniso_B[1][2]                            ? 
_refine.aniso_B[1][3]                            ? 
_refine.aniso_B[2][3]                            ? 
_refine.solvent_model_details                    ? 
_refine.solvent_model_param_ksol                 ? 
_refine.solvent_model_param_bsol                 ? 
_refine.pdbx_ls_cross_valid_method               ? 
_refine.details                                  ? 
_refine.pdbx_starting_model                      ? 
_refine.pdbx_method_to_determine_struct          ? 
_refine.pdbx_isotropic_thermal_model             ? 
_refine.pdbx_stereochemistry_target_values       ? 
_refine.pdbx_stereochem_target_val_spec_case     ? 
_refine.pdbx_R_Free_selection_details            ? 
_refine.pdbx_overall_ESU_R_Free                  ? 
_refine.overall_SU_ML                            ? 
_refine.overall_SU_B                             ? 
_refine.pdbx_refine_id                           'X-RAY DIFFRACTION' 
_refine.ls_redundancy_reflns_obs                 ? 
_refine.pdbx_overall_phase_error                 ? 
_refine.B_iso_min                                ? 
_refine.B_iso_max                                ? 
_refine.correlation_coeff_Fo_to_Fc               ? 
_refine.correlation_coeff_Fo_to_Fc_free          ? 
_refine.pdbx_solvent_vdw_probe_radii             ? 
_refine.pdbx_solvent_ion_probe_radii             ? 
_refine.pdbx_solvent_shrinkage_radii             ? 
_refine.overall_SU_R_Cruickshank_DPI             ? 
_refine.overall_SU_R_free                        ? 
_refine.ls_wR_factor_R_free                      ? 
_refine.ls_wR_factor_R_work                      ? 
_refine.overall_FOM_free_R_set                   ? 
_refine.overall_FOM_work_R_set                   ? 
_refine.pdbx_overall_ESU_R                       ? 
_refine.pdbx_diffrn_id                           1 
_refine.pdbx_TLS_residual_ADP_flag               ? 
_refine.pdbx_overall_SU_R_free_Cruickshank_DPI   ? 
_refine.pdbx_overall_SU_R_Blow_DPI               ? 
_refine.pdbx_overall_SU_R_free_Blow_DPI          ? 
# 
_refine_hist.pdbx_refine_id                   'X-RAY DIFFRACTION' 
_refine_hist.cycle_id                         LAST 
_refine_hist.pdbx_number_atoms_protein        1495 
_refine_hist.pdbx_number_atoms_nucleic_acid   0 
_refine_hist.pdbx_number_atoms_ligand         0 
_refine_hist.number_atoms_solvent             30 
_refine_hist.number_atoms_total               1525 
_refine_hist.d_res_high                       2.2 
_refine_hist.d_res_low                        7.0 
# 
loop_
_refine_ls_restr.type 
_refine_ls_restr.dev_ideal 
_refine_ls_restr.dev_ideal_target 
_refine_ls_restr.weight 
_refine_ls_restr.number 
_refine_ls_restr.pdbx_refine_id 
_refine_ls_restr.pdbx_restraint_function 
x_bond_d                0.014 ? ? ? 'X-RAY DIFFRACTION' ? 
x_bond_d_na             ?     ? ? ? 'X-RAY DIFFRACTION' ? 
x_bond_d_prot           ?     ? ? ? 'X-RAY DIFFRACTION' ? 
x_angle_d               ?     ? ? ? 'X-RAY DIFFRACTION' ? 
x_angle_d_na            ?     ? ? ? 'X-RAY DIFFRACTION' ? 
x_angle_d_prot          ?     ? ? ? 'X-RAY DIFFRACTION' ? 
x_angle_deg             2.9   ? ? ? 'X-RAY DIFFRACTION' ? 
x_angle_deg_na          ?     ? ? ? 'X-RAY DIFFRACTION' ? 
x_angle_deg_prot        ?     ? ? ? 'X-RAY DIFFRACTION' ? 
x_dihedral_angle_d      ?     ? ? ? 'X-RAY DIFFRACTION' ? 
x_dihedral_angle_d_na   ?     ? ? ? 'X-RAY DIFFRACTION' ? 
x_dihedral_angle_d_prot ?     ? ? ? 'X-RAY DIFFRACTION' ? 
x_improper_angle_d      ?     ? ? ? 'X-RAY DIFFRACTION' ? 
x_improper_angle_d_na   ?     ? ? ? 'X-RAY DIFFRACTION' ? 
x_improper_angle_d_prot ?     ? ? ? 'X-RAY DIFFRACTION' ? 
x_mcbond_it             ?     ? ? ? 'X-RAY DIFFRACTION' ? 
x_mcangle_it            ?     ? ? ? 'X-RAY DIFFRACTION' ? 
x_scbond_it             ?     ? ? ? 'X-RAY DIFFRACTION' ? 
x_scangle_it            ?     ? ? ? 'X-RAY DIFFRACTION' ? 
# 
_struct_ncs_oper.id             1 
_struct_ncs_oper.code           given 
_struct_ncs_oper.details        ? 
_struct_ncs_oper.matrix[1][1]   -0.86470045 
_struct_ncs_oper.matrix[1][2]   -0.42195747 
_struct_ncs_oper.matrix[1][3]   -0.27047186 
_struct_ncs_oper.matrix[2][1]   -0.37429646 
_struct_ncs_oper.matrix[2][2]   0.18359950 
_struct_ncs_oper.matrix[2][3]   0.90844354 
_struct_ncs_oper.matrix[3][1]   -0.33401092 
_struct_ncs_oper.matrix[3][2]   0.88801769 
_struct_ncs_oper.matrix[3][3]   -0.31689905 
_struct_ncs_oper.vector[1]      0.20215 
_struct_ncs_oper.vector[2]      0.10201 
_struct_ncs_oper.vector[3]      -0.08419 
# 
_struct.entry_id                  1YTH 
_struct.title                     'SIV PROTEASE CRYSTALLIZED WITH PEPTIDE PRODUCT' 
_struct.pdbx_model_details        ? 
_struct.pdbx_CASP_flag            ? 
_struct.pdbx_model_type_details   ? 
# 
_struct_keywords.entry_id        1YTH 
_struct_keywords.pdbx_keywords   HYDROLASE/PEPTIDE 
_struct_keywords.text            
'AIDS, POLYPROTEIN, HYDROLASE, ASPARTYL PROTEASE, ENDONUCLEASE, RNA-DIRECTED DNA POLYMERASE, HYDROLASE-PEPTIDE COMPLEX' 
# 
loop_
_struct_asym.id 
_struct_asym.pdbx_blank_PDB_chainid_flag 
_struct_asym.pdbx_modified 
_struct_asym.entity_id 
_struct_asym.details 
A N N 1 ? 
B N N 1 ? 
C N N 2 ? 
D N N 3 ? 
E N N 3 ? 
F N N 3 ? 
# 
loop_
_struct_ref.id 
_struct_ref.db_name 
_struct_ref.db_code 
_struct_ref.entity_id 
_struct_ref.pdbx_db_accession 
_struct_ref.pdbx_align_begin 
_struct_ref.pdbx_seq_one_letter_code 
_struct_ref.pdbx_db_isoform 
1 UNP POL_HV1A2 1 P03369 1 
;FFREDLAFLQGKAREFSSEQTRANSPTRRELQVWGGENNSLSEAGADRQGTVSFNFPQITLWQRPLVTIRIGGQLKEALL
DTGADDTVLEEMNLPGKWKPKMIGGIGGFIKVRQYDQIPVEICGHKAIGTVLVGPTPVNIIGRNLLTQIGCTLNFPISPI
ETVPVKLKPGMDGPKVKQWPLTEEKIKALVEICTEMEKEGKISKIGPENPYNTPVFAIKKKDSTKWRKLVDFRELNKRTQ
DFWEVQLGIPHPAGLKKKKSVTVLDVGDAYFSVPLDKDFRKYTAFTIPSINNETPGIRYQYNVLPQGWKGSPAIFQSSMT
KILEPFRKQNPDIVIYQYMDDLYVGSDLEIGQHRTKIEELRQHLLRWGFTTPDKKHQKEPPFLWMGYELHPDKWTVQPIM
LPEKDSWTVNDIQKLVGKLNWASQIYAGIKVKQLCKLLRGTKALTEVIPLTEEAELELAENREILKEPVHEVYYDPSKDL
VAEIQKQGQGQWTYQIYQEPFKNLKTGKYARMRGAHTNDVKQLTEAVQKVSTESIVIWGKIPKFKLPIQKETWEAWWMEY
WQATWIPEWEFVNTPPLVKLWYQLEKEPIVGAETFYVDGAANRETKLGKAGYVTDRGRQKVVSIADTTNQKTELQAIHLA
LQDSGLEVNIVTDSQYALGIIQAQPDKSESELVSQIIEQLIKKEKVYLAWVPAHKGIGGNEQVDKLVSAGIRKVLFLNGI
DKAQEEHEKYHSNWRAMASDFNLPPVVAKEIVASCDKCQLKGEAMHGQVDCSPGIWQLDCTHLEGKIILVAVHVASGYIE
AEVIPAETGQETAYFLLKLAGRWPVKTIHTDNGSNFTSTTVKAACWWAGIKQEFGIPYNPQSQGVVESMNNELKKIIGQV
RDQAEHLKTAVQMAVFIHNFKRKGGIGGYSAGERIVDIIATDIQTKELQKQITKIQNFRVYYRDNKDPLWKGPAKLLWKG
EGAVVIQDNSDIKVVPRRKAKIIRDYGKQMAGDDCVASRQDED
;
? 
2 PDB 1YTH      2 1YTH   ? XSLNF ? 
# 
loop_
_struct_ref_seq.align_id 
_struct_ref_seq.ref_id 
_struct_ref_seq.pdbx_PDB_id_code 
_struct_ref_seq.pdbx_strand_id 
_struct_ref_seq.seq_align_beg 
_struct_ref_seq.pdbx_seq_align_beg_ins_code 
_struct_ref_seq.seq_align_end 
_struct_ref_seq.pdbx_seq_align_end_ins_code 
_struct_ref_seq.pdbx_db_accession 
_struct_ref_seq.db_align_beg 
_struct_ref_seq.pdbx_db_align_beg_ins_code 
_struct_ref_seq.db_align_end 
_struct_ref_seq.pdbx_db_align_end_ins_code 
_struct_ref_seq.pdbx_auth_seq_align_beg 
_struct_ref_seq.pdbx_auth_seq_align_end 
1 1 1YTH A 1 ? 99 ? P03369 57 ? 155 ? 1 99 
2 1 1YTH B 1 ? 99 ? P03369 57 ? 155 ? 1 99 
3 2 1YTH I 1 ? 5  ? 1YTH   0  ? 4   ? 0 4  
# 
loop_
_struct_ref_seq_dif.align_id 
_struct_ref_seq_dif.pdbx_pdb_id_code 
_struct_ref_seq_dif.mon_id 
_struct_ref_seq_dif.pdbx_pdb_strand_id 
_struct_ref_seq_dif.seq_num 
_struct_ref_seq_dif.pdbx_pdb_ins_code 
_struct_ref_seq_dif.pdbx_seq_db_name 
_struct_ref_seq_dif.pdbx_seq_db_accession_code 
_struct_ref_seq_dif.db_mon_id 
_struct_ref_seq_dif.pdbx_seq_db_seq_num 
_struct_ref_seq_dif.details 
_struct_ref_seq_dif.pdbx_auth_seq_num 
_struct_ref_seq_dif.pdbx_ordinal 
1 1YTH LYS A 7 ? UNP P03369 GLN 63 'engineered mutation' 7 1 
2 1YTH LYS B 7 ? UNP P03369 GLN 63 'engineered mutation' 7 2 
# 
_pdbx_struct_assembly.id                   1 
_pdbx_struct_assembly.details              author_and_software_defined_assembly 
_pdbx_struct_assembly.method_details       PISA 
_pdbx_struct_assembly.oligomeric_details   trimeric 
_pdbx_struct_assembly.oligomeric_count     3 
# 
loop_
_pdbx_struct_assembly_prop.biol_id 
_pdbx_struct_assembly_prop.type 
_pdbx_struct_assembly_prop.value 
_pdbx_struct_assembly_prop.details 
1 'ABSA (A^2)' 4820 ? 
1 MORE         -25  ? 
1 'SSA (A^2)'  8680 ? 
# 
_pdbx_struct_assembly_gen.assembly_id       1 
_pdbx_struct_assembly_gen.oper_expression   1 
_pdbx_struct_assembly_gen.asym_id_list      A,B,C,D,E,F 
# 
_pdbx_struct_oper_list.id                   1 
_pdbx_struct_oper_list.type                 'identity operation' 
_pdbx_struct_oper_list.name                 1_555 
_pdbx_struct_oper_list.symmetry_operation   x,y,z 
_pdbx_struct_oper_list.matrix[1][1]         1.0000000000 
_pdbx_struct_oper_list.matrix[1][2]         0.0000000000 
_pdbx_struct_oper_list.matrix[1][3]         0.0000000000 
_pdbx_struct_oper_list.vector[1]            0.0000000000 
_pdbx_struct_oper_list.matrix[2][1]         0.0000000000 
_pdbx_struct_oper_list.matrix[2][2]         1.0000000000 
_pdbx_struct_oper_list.matrix[2][3]         0.0000000000 
_pdbx_struct_oper_list.vector[2]            0.0000000000 
_pdbx_struct_oper_list.matrix[3][1]         0.0000000000 
_pdbx_struct_oper_list.matrix[3][2]         0.0000000000 
_pdbx_struct_oper_list.matrix[3][3]         1.0000000000 
_pdbx_struct_oper_list.vector[3]            0.0000000000 
# 
_struct_biol.id        1 
_struct_biol.details   ? 
# 
loop_
_struct_conf.conf_type_id 
_struct_conf.id 
_struct_conf.pdbx_PDB_helix_id 
_struct_conf.beg_label_comp_id 
_struct_conf.beg_label_asym_id 
_struct_conf.beg_label_seq_id 
_struct_conf.pdbx_beg_PDB_ins_code 
_struct_conf.end_label_comp_id 
_struct_conf.end_label_asym_id 
_struct_conf.end_label_seq_id 
_struct_conf.pdbx_end_PDB_ins_code 
_struct_conf.beg_auth_comp_id 
_struct_conf.beg_auth_asym_id 
_struct_conf.beg_auth_seq_id 
_struct_conf.end_auth_comp_id 
_struct_conf.end_auth_asym_id 
_struct_conf.end_auth_seq_id 
_struct_conf.pdbx_PDB_helix_class 
_struct_conf.details 
_struct_conf.pdbx_PDB_helix_length 
HELX_P HELX_P1 1 ARG A 87 ? LEU A 90 ? ARG A 87 LEU A 90 1 ? 4 
HELX_P HELX_P2 2 ARG B 87 ? LEU B 90 ? ARG B 87 LEU B 90 1 ? 4 
# 
_struct_conf_type.id          HELX_P 
_struct_conf_type.criteria    ? 
_struct_conf_type.reference   ? 
# 
_struct_conn.id                            covale1 
_struct_conn.conn_type_id                  covale 
_struct_conn.pdbx_leaving_atom_flag        both 
_struct_conn.pdbx_PDB_id                   ? 
_struct_conn.ptnr1_label_asym_id           C 
_struct_conn.ptnr1_label_comp_id           ACE 
_struct_conn.ptnr1_label_seq_id            1 
_struct_conn.ptnr1_label_atom_id           C 
_struct_conn.pdbx_ptnr1_label_alt_id       ? 
_struct_conn.pdbx_ptnr1_PDB_ins_code       ? 
_struct_conn.pdbx_ptnr1_standard_comp_id   ? 
_struct_conn.ptnr1_symmetry                1_555 
_struct_conn.ptnr2_label_asym_id           C 
_struct_conn.ptnr2_label_comp_id           SER 
_struct_conn.ptnr2_label_seq_id            2 
_struct_conn.ptnr2_label_atom_id           N 
_struct_conn.pdbx_ptnr2_label_alt_id       ? 
_struct_conn.pdbx_ptnr2_PDB_ins_code       ? 
_struct_conn.ptnr1_auth_asym_id            I 
_struct_conn.ptnr1_auth_comp_id            ACE 
_struct_conn.ptnr1_auth_seq_id             0 
_struct_conn.ptnr2_auth_asym_id            I 
_struct_conn.ptnr2_auth_comp_id            SER 
_struct_conn.ptnr2_auth_seq_id             1 
_struct_conn.ptnr2_symmetry                1_555 
_struct_conn.pdbx_ptnr3_label_atom_id      ? 
_struct_conn.pdbx_ptnr3_label_seq_id       ? 
_struct_conn.pdbx_ptnr3_label_comp_id      ? 
_struct_conn.pdbx_ptnr3_label_asym_id      ? 
_struct_conn.pdbx_ptnr3_label_alt_id       ? 
_struct_conn.pdbx_ptnr3_PDB_ins_code       ? 
_struct_conn.details                       ? 
_struct_conn.pdbx_dist_value               1.348 
_struct_conn.pdbx_value_order              ? 
_struct_conn.pdbx_role                     ? 
# 
_struct_conn_type.id          covale 
_struct_conn_type.criteria    ? 
_struct_conn_type.reference   ? 
# 
_pdbx_modification_feature.ordinal                            1 
_pdbx_modification_feature.label_comp_id                      ACE 
_pdbx_modification_feature.label_asym_id                      C 
_pdbx_modification_feature.label_seq_id                       1 
_pdbx_modification_feature.label_alt_id                       ? 
_pdbx_modification_feature.modified_residue_label_comp_id     SER 
_pdbx_modification_feature.modified_residue_label_asym_id     C 
_pdbx_modification_feature.modified_residue_label_seq_id      2 
_pdbx_modification_feature.modified_residue_label_alt_id      ? 
_pdbx_modification_feature.auth_comp_id                       ACE 
_pdbx_modification_feature.auth_asym_id                       I 
_pdbx_modification_feature.auth_seq_id                        0 
_pdbx_modification_feature.PDB_ins_code                       ? 
_pdbx_modification_feature.symmetry                           1_555 
_pdbx_modification_feature.modified_residue_auth_comp_id      SER 
_pdbx_modification_feature.modified_residue_auth_asym_id      I 
_pdbx_modification_feature.modified_residue_auth_seq_id       1 
_pdbx_modification_feature.modified_residue_PDB_ins_code      ? 
_pdbx_modification_feature.modified_residue_symmetry          1_555 
_pdbx_modification_feature.comp_id_linking_atom               . 
_pdbx_modification_feature.modified_residue_id_linking_atom   . 
_pdbx_modification_feature.modified_residue_id                SER 
_pdbx_modification_feature.ref_pcm_id                         6 
_pdbx_modification_feature.ref_comp_id                        ACE 
_pdbx_modification_feature.type                               None 
_pdbx_modification_feature.category                           'Terminal acetylation' 
# 
loop_
_struct_sheet.id 
_struct_sheet.type 
_struct_sheet.number_strands 
_struct_sheet.details 
A ? 4 ? 
B ? 3 ? 
C ? 2 ? 
D ? 5 ? 
E ? 4 ? 
# 
loop_
_struct_sheet_order.sheet_id 
_struct_sheet_order.range_id_1 
_struct_sheet_order.range_id_2 
_struct_sheet_order.offset 
_struct_sheet_order.sense 
A 1 2 ? anti-parallel 
A 2 3 ? anti-parallel 
A 3 4 ? anti-parallel 
B 1 2 ? anti-parallel 
B 2 3 ? anti-parallel 
C 1 2 ? anti-parallel 
D 1 2 ? anti-parallel 
D 2 3 ? anti-parallel 
D 3 4 ? anti-parallel 
D 4 5 ? parallel      
E 1 2 ? parallel      
E 2 3 ? anti-parallel 
E 3 4 ? anti-parallel 
# 
loop_
_struct_sheet_range.sheet_id 
_struct_sheet_range.id 
_struct_sheet_range.beg_label_comp_id 
_struct_sheet_range.beg_label_asym_id 
_struct_sheet_range.beg_label_seq_id 
_struct_sheet_range.pdbx_beg_PDB_ins_code 
_struct_sheet_range.end_label_comp_id 
_struct_sheet_range.end_label_asym_id 
_struct_sheet_range.end_label_seq_id 
_struct_sheet_range.pdbx_end_PDB_ins_code 
_struct_sheet_range.beg_auth_comp_id 
_struct_sheet_range.beg_auth_asym_id 
_struct_sheet_range.beg_auth_seq_id 
_struct_sheet_range.end_auth_comp_id 
_struct_sheet_range.end_auth_asym_id 
_struct_sheet_range.end_auth_seq_id 
A 1 GLN A 18 ? LEU A 23 ? GLN A 18 LEU A 23 
A 2 LEU A 10 ? ILE A 15 ? LEU A 10 ILE A 15 
A 3 ILE A 62 ? ILE A 66 ? ILE A 62 ILE A 66 
A 4 HIS A 69 ? GLY A 73 ? HIS A 69 GLY A 73 
B 1 LYS A 43 ? GLY A 49 ? LYS A 43 GLY A 49 
B 2 GLY A 52 ? TYR A 59 ? GLY A 52 TYR A 59 
B 3 VAL A 75 ? GLY A 78 ? VAL A 75 GLY A 78 
C 1 THR A 96 ? ASN A 98 ? THR A 96 ASN A 98 
C 2 THR B 96 ? ASN B 98 ? THR B 96 ASN B 98 
D 1 HIS B 69 ? GLY B 73 ? HIS B 69 GLY B 73 
D 2 ILE B 62 ? ILE B 66 ? ILE B 62 ILE B 66 
D 3 LEU B 10 ? ILE B 15 ? LEU B 10 ILE B 15 
D 4 GLN B 18 ? LEU B 24 ? GLN B 18 LEU B 24 
D 5 ASN B 83 ? ILE B 85 ? ASN B 83 ILE B 85 
E 1 THR B 31 ? LEU B 33 ? THR B 31 LEU B 33 
E 2 VAL B 75 ? GLY B 78 ? VAL B 75 GLY B 78 
E 3 GLY B 52 ? TYR B 59 ? GLY B 52 TYR B 59 
E 4 LYS B 43 ? GLY B 49 ? LYS B 43 GLY B 49 
# 
loop_
_pdbx_struct_sheet_hbond.sheet_id 
_pdbx_struct_sheet_hbond.range_id_1 
_pdbx_struct_sheet_hbond.range_id_2 
_pdbx_struct_sheet_hbond.range_1_label_atom_id 
_pdbx_struct_sheet_hbond.range_1_label_comp_id 
_pdbx_struct_sheet_hbond.range_1_label_asym_id 
_pdbx_struct_sheet_hbond.range_1_label_seq_id 
_pdbx_struct_sheet_hbond.range_1_PDB_ins_code 
_pdbx_struct_sheet_hbond.range_1_auth_atom_id 
_pdbx_struct_sheet_hbond.range_1_auth_comp_id 
_pdbx_struct_sheet_hbond.range_1_auth_asym_id 
_pdbx_struct_sheet_hbond.range_1_auth_seq_id 
_pdbx_struct_sheet_hbond.range_2_label_atom_id 
_pdbx_struct_sheet_hbond.range_2_label_comp_id 
_pdbx_struct_sheet_hbond.range_2_label_asym_id 
_pdbx_struct_sheet_hbond.range_2_label_seq_id 
_pdbx_struct_sheet_hbond.range_2_PDB_ins_code 
_pdbx_struct_sheet_hbond.range_2_auth_atom_id 
_pdbx_struct_sheet_hbond.range_2_auth_comp_id 
_pdbx_struct_sheet_hbond.range_2_auth_asym_id 
_pdbx_struct_sheet_hbond.range_2_auth_seq_id 
A 1 2 O GLN A 18 ? O GLN A 18 N ILE A 15 ? N ILE A 15 
A 2 3 O ARG A 14 ? O ARG A 14 N GLU A 65 ? N GLU A 65 
A 3 4 O ILE A 62 ? O ILE A 62 N GLY A 73 ? N GLY A 73 
B 1 2 O LYS A 43 ? O LYS A 43 N GLN A 58 ? N GLN A 58 
B 2 3 O ARG A 57 ? O ARG A 57 N VAL A 77 ? N VAL A 77 
C 1 2 O THR A 96 ? O THR A 96 N ASN B 98 ? N ASN B 98 
D 1 2 O HIS B 69 ? O HIS B 69 N ILE B 66 ? N ILE B 66 
D 2 3 O GLU B 65 ? O GLU B 65 N ARG B 14 ? N ARG B 14 
D 3 4 O VAL B 11 ? O VAL B 11 N ALA B 22 ? N ALA B 22 
D 4 5 O LEU B 23 ? O LEU B 23 N ASN B 83 ? N ASN B 83 
E 1 2 O THR B 31 ? O THR B 31 N LEU B 76 ? N LEU B 76 
E 2 3 O VAL B 75 ? O VAL B 75 N TYR B 59 ? N TYR B 59 
E 3 4 O GLY B 52 ? O GLY B 52 N GLY B 49 ? N GLY B 49 
# 
_struct_site.id                   AC1 
_struct_site.pdbx_evidence_code   Software 
_struct_site.pdbx_auth_asym_id    ? 
_struct_site.pdbx_auth_comp_id    ? 
_struct_site.pdbx_auth_seq_id     ? 
_struct_site.pdbx_auth_ins_code   ? 
_struct_site.pdbx_num_residues    14 
_struct_site.details              'BINDING SITE FOR CHAIN I OF PEPTIDE PRODUCT' 
# 
loop_
_struct_site_gen.id 
_struct_site_gen.site_id 
_struct_site_gen.pdbx_num_res 
_struct_site_gen.label_comp_id 
_struct_site_gen.label_asym_id 
_struct_site_gen.label_seq_id 
_struct_site_gen.pdbx_auth_ins_code 
_struct_site_gen.auth_comp_id 
_struct_site_gen.auth_asym_id 
_struct_site_gen.auth_seq_id 
_struct_site_gen.label_atom_id 
_struct_site_gen.label_alt_id 
_struct_site_gen.symmetry 
_struct_site_gen.details 
1  AC1 14 ASP A 25 ? ASP A 25  . ? 1_555 ? 
2  AC1 14 GLY A 27 ? GLY A 27  . ? 1_555 ? 
3  AC1 14 ALA A 28 ? ALA A 28  . ? 1_555 ? 
4  AC1 14 ASP A 29 ? ASP A 29  . ? 1_555 ? 
5  AC1 14 ASP A 30 ? ASP A 30  . ? 1_555 ? 
6  AC1 14 LYS A 45 ? LYS A 45  . ? 1_555 ? 
7  AC1 14 ILE A 47 ? ILE A 47  . ? 1_555 ? 
8  AC1 14 GLY A 48 ? GLY A 48  . ? 1_555 ? 
9  AC1 14 GLY A 49 ? GLY A 49  . ? 1_555 ? 
10 AC1 14 ARG B 8  ? ARG B 8   . ? 1_555 ? 
11 AC1 14 ASP B 25 ? ASP B 25  . ? 1_555 ? 
12 AC1 14 PRO B 81 ? PRO B 81  . ? 1_555 ? 
13 AC1 14 VAL B 82 ? VAL B 82  . ? 1_555 ? 
14 AC1 14 HOH F .  ? HOH I 401 . ? 1_555 ? 
# 
_pdbx_entry_details.entry_id                   1YTH 
_pdbx_entry_details.compound_details           ? 
_pdbx_entry_details.source_details             ? 
_pdbx_entry_details.nonpolymer_details         ? 
_pdbx_entry_details.sequence_details           ? 
_pdbx_entry_details.has_ligand_of_interest     ? 
_pdbx_entry_details.has_protein_modification   Y 
# 
_pdbx_validate_rmsd_bond.id                        1 
_pdbx_validate_rmsd_bond.PDB_model_num             1 
_pdbx_validate_rmsd_bond.auth_atom_id_1            NE2 
_pdbx_validate_rmsd_bond.auth_asym_id_1            B 
_pdbx_validate_rmsd_bond.auth_comp_id_1            HIS 
_pdbx_validate_rmsd_bond.auth_seq_id_1             69 
_pdbx_validate_rmsd_bond.PDB_ins_code_1            ? 
_pdbx_validate_rmsd_bond.label_alt_id_1            ? 
_pdbx_validate_rmsd_bond.auth_atom_id_2            CD2 
_pdbx_validate_rmsd_bond.auth_asym_id_2            B 
_pdbx_validate_rmsd_bond.auth_comp_id_2            HIS 
_pdbx_validate_rmsd_bond.auth_seq_id_2             69 
_pdbx_validate_rmsd_bond.PDB_ins_code_2            ? 
_pdbx_validate_rmsd_bond.label_alt_id_2            ? 
_pdbx_validate_rmsd_bond.bond_value                1.298 
_pdbx_validate_rmsd_bond.bond_target_value         1.373 
_pdbx_validate_rmsd_bond.bond_deviation            -0.075 
_pdbx_validate_rmsd_bond.bond_standard_deviation   0.011 
_pdbx_validate_rmsd_bond.linker_flag               N 
# 
loop_
_pdbx_validate_rmsd_angle.id 
_pdbx_validate_rmsd_angle.PDB_model_num 
_pdbx_validate_rmsd_angle.auth_atom_id_1 
_pdbx_validate_rmsd_angle.auth_asym_id_1 
_pdbx_validate_rmsd_angle.auth_comp_id_1 
_pdbx_validate_rmsd_angle.auth_seq_id_1 
_pdbx_validate_rmsd_angle.PDB_ins_code_1 
_pdbx_validate_rmsd_angle.label_alt_id_1 
_pdbx_validate_rmsd_angle.auth_atom_id_2 
_pdbx_validate_rmsd_angle.auth_asym_id_2 
_pdbx_validate_rmsd_angle.auth_comp_id_2 
_pdbx_validate_rmsd_angle.auth_seq_id_2 
_pdbx_validate_rmsd_angle.PDB_ins_code_2 
_pdbx_validate_rmsd_angle.label_alt_id_2 
_pdbx_validate_rmsd_angle.auth_atom_id_3 
_pdbx_validate_rmsd_angle.auth_asym_id_3 
_pdbx_validate_rmsd_angle.auth_comp_id_3 
_pdbx_validate_rmsd_angle.auth_seq_id_3 
_pdbx_validate_rmsd_angle.PDB_ins_code_3 
_pdbx_validate_rmsd_angle.label_alt_id_3 
_pdbx_validate_rmsd_angle.angle_value 
_pdbx_validate_rmsd_angle.angle_target_value 
_pdbx_validate_rmsd_angle.angle_deviation 
_pdbx_validate_rmsd_angle.angle_standard_deviation 
_pdbx_validate_rmsd_angle.linker_flag 
1  1 CD1 A TRP 6  ? ? CG  A TRP 6  ? ? CD2 A TRP 6  ? ? 111.82 106.30 5.52  0.80 N 
2  1 CE2 A TRP 6  ? ? CD2 A TRP 6  ? ? CG  A TRP 6  ? ? 101.74 107.30 -5.56 0.80 N 
3  1 NE  A ARG 8  ? ? CZ  A ARG 8  ? ? NH2 A ARG 8  ? ? 116.82 120.30 -3.48 0.50 N 
4  1 CD1 A TRP 42 ? ? CG  A TRP 42 ? ? CD2 A TRP 42 ? ? 113.12 106.30 6.82  0.80 N 
5  1 CE2 A TRP 42 ? ? CD2 A TRP 42 ? ? CG  A TRP 42 ? ? 101.50 107.30 -5.80 0.80 N 
6  1 NE  A ARG 87 ? ? CZ  A ARG 87 ? ? NH1 A ARG 87 ? ? 124.71 120.30 4.41  0.50 N 
7  1 NE  A ARG 87 ? ? CZ  A ARG 87 ? ? NH2 A ARG 87 ? ? 115.89 120.30 -4.41 0.50 N 
8  1 CD1 B TRP 6  ? ? CG  B TRP 6  ? ? CD2 B TRP 6  ? ? 113.47 106.30 7.17  0.80 N 
9  1 CE2 B TRP 6  ? ? CD2 B TRP 6  ? ? CG  B TRP 6  ? ? 101.27 107.30 -6.03 0.80 N 
10 1 CD1 B TRP 42 ? ? CG  B TRP 42 ? ? CD2 B TRP 42 ? ? 113.79 106.30 7.49  0.80 N 
11 1 CG  B TRP 42 ? ? CD1 B TRP 42 ? ? NE1 B TRP 42 ? ? 103.83 110.10 -6.27 1.00 N 
12 1 CE2 B TRP 42 ? ? CD2 B TRP 42 ? ? CG  B TRP 42 ? ? 100.99 107.30 -6.31 0.80 N 
13 1 NE  B ARG 87 ? ? CZ  B ARG 87 ? ? NH1 B ARG 87 ? ? 124.10 120.30 3.80  0.50 N 
14 1 NE  B ARG 87 ? ? CZ  B ARG 87 ? ? NH2 B ARG 87 ? ? 117.13 120.30 -3.17 0.50 N 
# 
loop_
_pdbx_validate_torsion.id 
_pdbx_validate_torsion.PDB_model_num 
_pdbx_validate_torsion.auth_comp_id 
_pdbx_validate_torsion.auth_asym_id 
_pdbx_validate_torsion.auth_seq_id 
_pdbx_validate_torsion.PDB_ins_code 
_pdbx_validate_torsion.label_alt_id 
_pdbx_validate_torsion.phi 
_pdbx_validate_torsion.psi 
1 1 ASN B 37 ? ? -101.66 73.39 
2 1 PRO B 79 ? ? -69.53  33.83 
# 
loop_
_chem_comp_atom.comp_id 
_chem_comp_atom.atom_id 
_chem_comp_atom.type_symbol 
_chem_comp_atom.pdbx_aromatic_flag 
_chem_comp_atom.pdbx_stereo_config 
_chem_comp_atom.pdbx_ordinal 
ACE C    C N N 1   
ACE O    O N N 2   
ACE CH3  C N N 3   
ACE H    H N N 4   
ACE H1   H N N 5   
ACE H2   H N N 6   
ACE H3   H N N 7   
ALA N    N N N 8   
ALA CA   C N S 9   
ALA C    C N N 10  
ALA O    O N N 11  
ALA CB   C N N 12  
ALA OXT  O N N 13  
ALA H    H N N 14  
ALA H2   H N N 15  
ALA HA   H N N 16  
ALA HB1  H N N 17  
ALA HB2  H N N 18  
ALA HB3  H N N 19  
ALA HXT  H N N 20  
ARG N    N N N 21  
ARG CA   C N S 22  
ARG C    C N N 23  
ARG O    O N N 24  
ARG CB   C N N 25  
ARG CG   C N N 26  
ARG CD   C N N 27  
ARG NE   N N N 28  
ARG CZ   C N N 29  
ARG NH1  N N N 30  
ARG NH2  N N N 31  
ARG OXT  O N N 32  
ARG H    H N N 33  
ARG H2   H N N 34  
ARG HA   H N N 35  
ARG HB2  H N N 36  
ARG HB3  H N N 37  
ARG HG2  H N N 38  
ARG HG3  H N N 39  
ARG HD2  H N N 40  
ARG HD3  H N N 41  
ARG HE   H N N 42  
ARG HH11 H N N 43  
ARG HH12 H N N 44  
ARG HH21 H N N 45  
ARG HH22 H N N 46  
ARG HXT  H N N 47  
ASN N    N N N 48  
ASN CA   C N S 49  
ASN C    C N N 50  
ASN O    O N N 51  
ASN CB   C N N 52  
ASN CG   C N N 53  
ASN OD1  O N N 54  
ASN ND2  N N N 55  
ASN OXT  O N N 56  
ASN H    H N N 57  
ASN H2   H N N 58  
ASN HA   H N N 59  
ASN HB2  H N N 60  
ASN HB3  H N N 61  
ASN HD21 H N N 62  
ASN HD22 H N N 63  
ASN HXT  H N N 64  
ASP N    N N N 65  
ASP CA   C N S 66  
ASP C    C N N 67  
ASP O    O N N 68  
ASP CB   C N N 69  
ASP CG   C N N 70  
ASP OD1  O N N 71  
ASP OD2  O N N 72  
ASP OXT  O N N 73  
ASP H    H N N 74  
ASP H2   H N N 75  
ASP HA   H N N 76  
ASP HB2  H N N 77  
ASP HB3  H N N 78  
ASP HD2  H N N 79  
ASP HXT  H N N 80  
CYS N    N N N 81  
CYS CA   C N R 82  
CYS C    C N N 83  
CYS O    O N N 84  
CYS CB   C N N 85  
CYS SG   S N N 86  
CYS OXT  O N N 87  
CYS H    H N N 88  
CYS H2   H N N 89  
CYS HA   H N N 90  
CYS HB2  H N N 91  
CYS HB3  H N N 92  
CYS HG   H N N 93  
CYS HXT  H N N 94  
GLN N    N N N 95  
GLN CA   C N S 96  
GLN C    C N N 97  
GLN O    O N N 98  
GLN CB   C N N 99  
GLN CG   C N N 100 
GLN CD   C N N 101 
GLN OE1  O N N 102 
GLN NE2  N N N 103 
GLN OXT  O N N 104 
GLN H    H N N 105 
GLN H2   H N N 106 
GLN HA   H N N 107 
GLN HB2  H N N 108 
GLN HB3  H N N 109 
GLN HG2  H N N 110 
GLN HG3  H N N 111 
GLN HE21 H N N 112 
GLN HE22 H N N 113 
GLN HXT  H N N 114 
GLU N    N N N 115 
GLU CA   C N S 116 
GLU C    C N N 117 
GLU O    O N N 118 
GLU CB   C N N 119 
GLU CG   C N N 120 
GLU CD   C N N 121 
GLU OE1  O N N 122 
GLU OE2  O N N 123 
GLU OXT  O N N 124 
GLU H    H N N 125 
GLU H2   H N N 126 
GLU HA   H N N 127 
GLU HB2  H N N 128 
GLU HB3  H N N 129 
GLU HG2  H N N 130 
GLU HG3  H N N 131 
GLU HE2  H N N 132 
GLU HXT  H N N 133 
GLY N    N N N 134 
GLY CA   C N N 135 
GLY C    C N N 136 
GLY O    O N N 137 
GLY OXT  O N N 138 
GLY H    H N N 139 
GLY H2   H N N 140 
GLY HA2  H N N 141 
GLY HA3  H N N 142 
GLY HXT  H N N 143 
HIS N    N N N 144 
HIS CA   C N S 145 
HIS C    C N N 146 
HIS O    O N N 147 
HIS CB   C N N 148 
HIS CG   C Y N 149 
HIS ND1  N Y N 150 
HIS CD2  C Y N 151 
HIS CE1  C Y N 152 
HIS NE2  N Y N 153 
HIS OXT  O N N 154 
HIS H    H N N 155 
HIS H2   H N N 156 
HIS HA   H N N 157 
HIS HB2  H N N 158 
HIS HB3  H N N 159 
HIS HD1  H N N 160 
HIS HD2  H N N 161 
HIS HE1  H N N 162 
HIS HE2  H N N 163 
HIS HXT  H N N 164 
HOH O    O N N 165 
HOH H1   H N N 166 
HOH H2   H N N 167 
ILE N    N N N 168 
ILE CA   C N S 169 
ILE C    C N N 170 
ILE O    O N N 171 
ILE CB   C N S 172 
ILE CG1  C N N 173 
ILE CG2  C N N 174 
ILE CD1  C N N 175 
ILE OXT  O N N 176 
ILE H    H N N 177 
ILE H2   H N N 178 
ILE HA   H N N 179 
ILE HB   H N N 180 
ILE HG12 H N N 181 
ILE HG13 H N N 182 
ILE HG21 H N N 183 
ILE HG22 H N N 184 
ILE HG23 H N N 185 
ILE HD11 H N N 186 
ILE HD12 H N N 187 
ILE HD13 H N N 188 
ILE HXT  H N N 189 
LEU N    N N N 190 
LEU CA   C N S 191 
LEU C    C N N 192 
LEU O    O N N 193 
LEU CB   C N N 194 
LEU CG   C N N 195 
LEU CD1  C N N 196 
LEU CD2  C N N 197 
LEU OXT  O N N 198 
LEU H    H N N 199 
LEU H2   H N N 200 
LEU HA   H N N 201 
LEU HB2  H N N 202 
LEU HB3  H N N 203 
LEU HG   H N N 204 
LEU HD11 H N N 205 
LEU HD12 H N N 206 
LEU HD13 H N N 207 
LEU HD21 H N N 208 
LEU HD22 H N N 209 
LEU HD23 H N N 210 
LEU HXT  H N N 211 
LYS N    N N N 212 
LYS CA   C N S 213 
LYS C    C N N 214 
LYS O    O N N 215 
LYS CB   C N N 216 
LYS CG   C N N 217 
LYS CD   C N N 218 
LYS CE   C N N 219 
LYS NZ   N N N 220 
LYS OXT  O N N 221 
LYS H    H N N 222 
LYS H2   H N N 223 
LYS HA   H N N 224 
LYS HB2  H N N 225 
LYS HB3  H N N 226 
LYS HG2  H N N 227 
LYS HG3  H N N 228 
LYS HD2  H N N 229 
LYS HD3  H N N 230 
LYS HE2  H N N 231 
LYS HE3  H N N 232 
LYS HZ1  H N N 233 
LYS HZ2  H N N 234 
LYS HZ3  H N N 235 
LYS HXT  H N N 236 
MET N    N N N 237 
MET CA   C N S 238 
MET C    C N N 239 
MET O    O N N 240 
MET CB   C N N 241 
MET CG   C N N 242 
MET SD   S N N 243 
MET CE   C N N 244 
MET OXT  O N N 245 
MET H    H N N 246 
MET H2   H N N 247 
MET HA   H N N 248 
MET HB2  H N N 249 
MET HB3  H N N 250 
MET HG2  H N N 251 
MET HG3  H N N 252 
MET HE1  H N N 253 
MET HE2  H N N 254 
MET HE3  H N N 255 
MET HXT  H N N 256 
PHE N    N N N 257 
PHE CA   C N S 258 
PHE C    C N N 259 
PHE O    O N N 260 
PHE CB   C N N 261 
PHE CG   C Y N 262 
PHE CD1  C Y N 263 
PHE CD2  C Y N 264 
PHE CE1  C Y N 265 
PHE CE2  C Y N 266 
PHE CZ   C Y N 267 
PHE OXT  O N N 268 
PHE H    H N N 269 
PHE H2   H N N 270 
PHE HA   H N N 271 
PHE HB2  H N N 272 
PHE HB3  H N N 273 
PHE HD1  H N N 274 
PHE HD2  H N N 275 
PHE HE1  H N N 276 
PHE HE2  H N N 277 
PHE HZ   H N N 278 
PHE HXT  H N N 279 
PRO N    N N N 280 
PRO CA   C N S 281 
PRO C    C N N 282 
PRO O    O N N 283 
PRO CB   C N N 284 
PRO CG   C N N 285 
PRO CD   C N N 286 
PRO OXT  O N N 287 
PRO H    H N N 288 
PRO HA   H N N 289 
PRO HB2  H N N 290 
PRO HB3  H N N 291 
PRO HG2  H N N 292 
PRO HG3  H N N 293 
PRO HD2  H N N 294 
PRO HD3  H N N 295 
PRO HXT  H N N 296 
SER N    N N N 297 
SER CA   C N S 298 
SER C    C N N 299 
SER O    O N N 300 
SER CB   C N N 301 
SER OG   O N N 302 
SER OXT  O N N 303 
SER H    H N N 304 
SER H2   H N N 305 
SER HA   H N N 306 
SER HB2  H N N 307 
SER HB3  H N N 308 
SER HG   H N N 309 
SER HXT  H N N 310 
THR N    N N N 311 
THR CA   C N S 312 
THR C    C N N 313 
THR O    O N N 314 
THR CB   C N R 315 
THR OG1  O N N 316 
THR CG2  C N N 317 
THR OXT  O N N 318 
THR H    H N N 319 
THR H2   H N N 320 
THR HA   H N N 321 
THR HB   H N N 322 
THR HG1  H N N 323 
THR HG21 H N N 324 
THR HG22 H N N 325 
THR HG23 H N N 326 
THR HXT  H N N 327 
TRP N    N N N 328 
TRP CA   C N S 329 
TRP C    C N N 330 
TRP O    O N N 331 
TRP CB   C N N 332 
TRP CG   C Y N 333 
TRP CD1  C Y N 334 
TRP CD2  C Y N 335 
TRP NE1  N Y N 336 
TRP CE2  C Y N 337 
TRP CE3  C Y N 338 
TRP CZ2  C Y N 339 
TRP CZ3  C Y N 340 
TRP CH2  C Y N 341 
TRP OXT  O N N 342 
TRP H    H N N 343 
TRP H2   H N N 344 
TRP HA   H N N 345 
TRP HB2  H N N 346 
TRP HB3  H N N 347 
TRP HD1  H N N 348 
TRP HE1  H N N 349 
TRP HE3  H N N 350 
TRP HZ2  H N N 351 
TRP HZ3  H N N 352 
TRP HH2  H N N 353 
TRP HXT  H N N 354 
TYR N    N N N 355 
TYR CA   C N S 356 
TYR C    C N N 357 
TYR O    O N N 358 
TYR CB   C N N 359 
TYR CG   C Y N 360 
TYR CD1  C Y N 361 
TYR CD2  C Y N 362 
TYR CE1  C Y N 363 
TYR CE2  C Y N 364 
TYR CZ   C Y N 365 
TYR OH   O N N 366 
TYR OXT  O N N 367 
TYR H    H N N 368 
TYR H2   H N N 369 
TYR HA   H N N 370 
TYR HB2  H N N 371 
TYR HB3  H N N 372 
TYR HD1  H N N 373 
TYR HD2  H N N 374 
TYR HE1  H N N 375 
TYR HE2  H N N 376 
TYR HH   H N N 377 
TYR HXT  H N N 378 
VAL N    N N N 379 
VAL CA   C N S 380 
VAL C    C N N 381 
VAL O    O N N 382 
VAL CB   C N N 383 
VAL CG1  C N N 384 
VAL CG2  C N N 385 
VAL OXT  O N N 386 
VAL H    H N N 387 
VAL H2   H N N 388 
VAL HA   H N N 389 
VAL HB   H N N 390 
VAL HG11 H N N 391 
VAL HG12 H N N 392 
VAL HG13 H N N 393 
VAL HG21 H N N 394 
VAL HG22 H N N 395 
VAL HG23 H N N 396 
VAL HXT  H N N 397 
# 
loop_
_chem_comp_bond.comp_id 
_chem_comp_bond.atom_id_1 
_chem_comp_bond.atom_id_2 
_chem_comp_bond.value_order 
_chem_comp_bond.pdbx_aromatic_flag 
_chem_comp_bond.pdbx_stereo_config 
_chem_comp_bond.pdbx_ordinal 
ACE C   O    doub N N 1   
ACE C   CH3  sing N N 2   
ACE C   H    sing N N 3   
ACE CH3 H1   sing N N 4   
ACE CH3 H2   sing N N 5   
ACE CH3 H3   sing N N 6   
ALA N   CA   sing N N 7   
ALA N   H    sing N N 8   
ALA N   H2   sing N N 9   
ALA CA  C    sing N N 10  
ALA CA  CB   sing N N 11  
ALA CA  HA   sing N N 12  
ALA C   O    doub N N 13  
ALA C   OXT  sing N N 14  
ALA CB  HB1  sing N N 15  
ALA CB  HB2  sing N N 16  
ALA CB  HB3  sing N N 17  
ALA OXT HXT  sing N N 18  
ARG N   CA   sing N N 19  
ARG N   H    sing N N 20  
ARG N   H2   sing N N 21  
ARG CA  C    sing N N 22  
ARG CA  CB   sing N N 23  
ARG CA  HA   sing N N 24  
ARG C   O    doub N N 25  
ARG C   OXT  sing N N 26  
ARG CB  CG   sing N N 27  
ARG CB  HB2  sing N N 28  
ARG CB  HB3  sing N N 29  
ARG CG  CD   sing N N 30  
ARG CG  HG2  sing N N 31  
ARG CG  HG3  sing N N 32  
ARG CD  NE   sing N N 33  
ARG CD  HD2  sing N N 34  
ARG CD  HD3  sing N N 35  
ARG NE  CZ   sing N N 36  
ARG NE  HE   sing N N 37  
ARG CZ  NH1  sing N N 38  
ARG CZ  NH2  doub N N 39  
ARG NH1 HH11 sing N N 40  
ARG NH1 HH12 sing N N 41  
ARG NH2 HH21 sing N N 42  
ARG NH2 HH22 sing N N 43  
ARG OXT HXT  sing N N 44  
ASN N   CA   sing N N 45  
ASN N   H    sing N N 46  
ASN N   H2   sing N N 47  
ASN CA  C    sing N N 48  
ASN CA  CB   sing N N 49  
ASN CA  HA   sing N N 50  
ASN C   O    doub N N 51  
ASN C   OXT  sing N N 52  
ASN CB  CG   sing N N 53  
ASN CB  HB2  sing N N 54  
ASN CB  HB3  sing N N 55  
ASN CG  OD1  doub N N 56  
ASN CG  ND2  sing N N 57  
ASN ND2 HD21 sing N N 58  
ASN ND2 HD22 sing N N 59  
ASN OXT HXT  sing N N 60  
ASP N   CA   sing N N 61  
ASP N   H    sing N N 62  
ASP N   H2   sing N N 63  
ASP CA  C    sing N N 64  
ASP CA  CB   sing N N 65  
ASP CA  HA   sing N N 66  
ASP C   O    doub N N 67  
ASP C   OXT  sing N N 68  
ASP CB  CG   sing N N 69  
ASP CB  HB2  sing N N 70  
ASP CB  HB3  sing N N 71  
ASP CG  OD1  doub N N 72  
ASP CG  OD2  sing N N 73  
ASP OD2 HD2  sing N N 74  
ASP OXT HXT  sing N N 75  
CYS N   CA   sing N N 76  
CYS N   H    sing N N 77  
CYS N   H2   sing N N 78  
CYS CA  C    sing N N 79  
CYS CA  CB   sing N N 80  
CYS CA  HA   sing N N 81  
CYS C   O    doub N N 82  
CYS C   OXT  sing N N 83  
CYS CB  SG   sing N N 84  
CYS CB  HB2  sing N N 85  
CYS CB  HB3  sing N N 86  
CYS SG  HG   sing N N 87  
CYS OXT HXT  sing N N 88  
GLN N   CA   sing N N 89  
GLN N   H    sing N N 90  
GLN N   H2   sing N N 91  
GLN CA  C    sing N N 92  
GLN CA  CB   sing N N 93  
GLN CA  HA   sing N N 94  
GLN C   O    doub N N 95  
GLN C   OXT  sing N N 96  
GLN CB  CG   sing N N 97  
GLN CB  HB2  sing N N 98  
GLN CB  HB3  sing N N 99  
GLN CG  CD   sing N N 100 
GLN CG  HG2  sing N N 101 
GLN CG  HG3  sing N N 102 
GLN CD  OE1  doub N N 103 
GLN CD  NE2  sing N N 104 
GLN NE2 HE21 sing N N 105 
GLN NE2 HE22 sing N N 106 
GLN OXT HXT  sing N N 107 
GLU N   CA   sing N N 108 
GLU N   H    sing N N 109 
GLU N   H2   sing N N 110 
GLU CA  C    sing N N 111 
GLU CA  CB   sing N N 112 
GLU CA  HA   sing N N 113 
GLU C   O    doub N N 114 
GLU C   OXT  sing N N 115 
GLU CB  CG   sing N N 116 
GLU CB  HB2  sing N N 117 
GLU CB  HB3  sing N N 118 
GLU CG  CD   sing N N 119 
GLU CG  HG2  sing N N 120 
GLU CG  HG3  sing N N 121 
GLU CD  OE1  doub N N 122 
GLU CD  OE2  sing N N 123 
GLU OE2 HE2  sing N N 124 
GLU OXT HXT  sing N N 125 
GLY N   CA   sing N N 126 
GLY N   H    sing N N 127 
GLY N   H2   sing N N 128 
GLY CA  C    sing N N 129 
GLY CA  HA2  sing N N 130 
GLY CA  HA3  sing N N 131 
GLY C   O    doub N N 132 
GLY C   OXT  sing N N 133 
GLY OXT HXT  sing N N 134 
HIS N   CA   sing N N 135 
HIS N   H    sing N N 136 
HIS N   H2   sing N N 137 
HIS CA  C    sing N N 138 
HIS CA  CB   sing N N 139 
HIS CA  HA   sing N N 140 
HIS C   O    doub N N 141 
HIS C   OXT  sing N N 142 
HIS CB  CG   sing N N 143 
HIS CB  HB2  sing N N 144 
HIS CB  HB3  sing N N 145 
HIS CG  ND1  sing Y N 146 
HIS CG  CD2  doub Y N 147 
HIS ND1 CE1  doub Y N 148 
HIS ND1 HD1  sing N N 149 
HIS CD2 NE2  sing Y N 150 
HIS CD2 HD2  sing N N 151 
HIS CE1 NE2  sing Y N 152 
HIS CE1 HE1  sing N N 153 
HIS NE2 HE2  sing N N 154 
HIS OXT HXT  sing N N 155 
HOH O   H1   sing N N 156 
HOH O   H2   sing N N 157 
ILE N   CA   sing N N 158 
ILE N   H    sing N N 159 
ILE N   H2   sing N N 160 
ILE CA  C    sing N N 161 
ILE CA  CB   sing N N 162 
ILE CA  HA   sing N N 163 
ILE C   O    doub N N 164 
ILE C   OXT  sing N N 165 
ILE CB  CG1  sing N N 166 
ILE CB  CG2  sing N N 167 
ILE CB  HB   sing N N 168 
ILE CG1 CD1  sing N N 169 
ILE CG1 HG12 sing N N 170 
ILE CG1 HG13 sing N N 171 
ILE CG2 HG21 sing N N 172 
ILE CG2 HG22 sing N N 173 
ILE CG2 HG23 sing N N 174 
ILE CD1 HD11 sing N N 175 
ILE CD1 HD12 sing N N 176 
ILE CD1 HD13 sing N N 177 
ILE OXT HXT  sing N N 178 
LEU N   CA   sing N N 179 
LEU N   H    sing N N 180 
LEU N   H2   sing N N 181 
LEU CA  C    sing N N 182 
LEU CA  CB   sing N N 183 
LEU CA  HA   sing N N 184 
LEU C   O    doub N N 185 
LEU C   OXT  sing N N 186 
LEU CB  CG   sing N N 187 
LEU CB  HB2  sing N N 188 
LEU CB  HB3  sing N N 189 
LEU CG  CD1  sing N N 190 
LEU CG  CD2  sing N N 191 
LEU CG  HG   sing N N 192 
LEU CD1 HD11 sing N N 193 
LEU CD1 HD12 sing N N 194 
LEU CD1 HD13 sing N N 195 
LEU CD2 HD21 sing N N 196 
LEU CD2 HD22 sing N N 197 
LEU CD2 HD23 sing N N 198 
LEU OXT HXT  sing N N 199 
LYS N   CA   sing N N 200 
LYS N   H    sing N N 201 
LYS N   H2   sing N N 202 
LYS CA  C    sing N N 203 
LYS CA  CB   sing N N 204 
LYS CA  HA   sing N N 205 
LYS C   O    doub N N 206 
LYS C   OXT  sing N N 207 
LYS CB  CG   sing N N 208 
LYS CB  HB2  sing N N 209 
LYS CB  HB3  sing N N 210 
LYS CG  CD   sing N N 211 
LYS CG  HG2  sing N N 212 
LYS CG  HG3  sing N N 213 
LYS CD  CE   sing N N 214 
LYS CD  HD2  sing N N 215 
LYS CD  HD3  sing N N 216 
LYS CE  NZ   sing N N 217 
LYS CE  HE2  sing N N 218 
LYS CE  HE3  sing N N 219 
LYS NZ  HZ1  sing N N 220 
LYS NZ  HZ2  sing N N 221 
LYS NZ  HZ3  sing N N 222 
LYS OXT HXT  sing N N 223 
MET N   CA   sing N N 224 
MET N   H    sing N N 225 
MET N   H2   sing N N 226 
MET CA  C    sing N N 227 
MET CA  CB   sing N N 228 
MET CA  HA   sing N N 229 
MET C   O    doub N N 230 
MET C   OXT  sing N N 231 
MET CB  CG   sing N N 232 
MET CB  HB2  sing N N 233 
MET CB  HB3  sing N N 234 
MET CG  SD   sing N N 235 
MET CG  HG2  sing N N 236 
MET CG  HG3  sing N N 237 
MET SD  CE   sing N N 238 
MET CE  HE1  sing N N 239 
MET CE  HE2  sing N N 240 
MET CE  HE3  sing N N 241 
MET OXT HXT  sing N N 242 
PHE N   CA   sing N N 243 
PHE N   H    sing N N 244 
PHE N   H2   sing N N 245 
PHE CA  C    sing N N 246 
PHE CA  CB   sing N N 247 
PHE CA  HA   sing N N 248 
PHE C   O    doub N N 249 
PHE C   OXT  sing N N 250 
PHE CB  CG   sing N N 251 
PHE CB  HB2  sing N N 252 
PHE CB  HB3  sing N N 253 
PHE CG  CD1  doub Y N 254 
PHE CG  CD2  sing Y N 255 
PHE CD1 CE1  sing Y N 256 
PHE CD1 HD1  sing N N 257 
PHE CD2 CE2  doub Y N 258 
PHE CD2 HD2  sing N N 259 
PHE CE1 CZ   doub Y N 260 
PHE CE1 HE1  sing N N 261 
PHE CE2 CZ   sing Y N 262 
PHE CE2 HE2  sing N N 263 
PHE CZ  HZ   sing N N 264 
PHE OXT HXT  sing N N 265 
PRO N   CA   sing N N 266 
PRO N   CD   sing N N 267 
PRO N   H    sing N N 268 
PRO CA  C    sing N N 269 
PRO CA  CB   sing N N 270 
PRO CA  HA   sing N N 271 
PRO C   O    doub N N 272 
PRO C   OXT  sing N N 273 
PRO CB  CG   sing N N 274 
PRO CB  HB2  sing N N 275 
PRO CB  HB3  sing N N 276 
PRO CG  CD   sing N N 277 
PRO CG  HG2  sing N N 278 
PRO CG  HG3  sing N N 279 
PRO CD  HD2  sing N N 280 
PRO CD  HD3  sing N N 281 
PRO OXT HXT  sing N N 282 
SER N   CA   sing N N 283 
SER N   H    sing N N 284 
SER N   H2   sing N N 285 
SER CA  C    sing N N 286 
SER CA  CB   sing N N 287 
SER CA  HA   sing N N 288 
SER C   O    doub N N 289 
SER C   OXT  sing N N 290 
SER CB  OG   sing N N 291 
SER CB  HB2  sing N N 292 
SER CB  HB3  sing N N 293 
SER OG  HG   sing N N 294 
SER OXT HXT  sing N N 295 
THR N   CA   sing N N 296 
THR N   H    sing N N 297 
THR N   H2   sing N N 298 
THR CA  C    sing N N 299 
THR CA  CB   sing N N 300 
THR CA  HA   sing N N 301 
THR C   O    doub N N 302 
THR C   OXT  sing N N 303 
THR CB  OG1  sing N N 304 
THR CB  CG2  sing N N 305 
THR CB  HB   sing N N 306 
THR OG1 HG1  sing N N 307 
THR CG2 HG21 sing N N 308 
THR CG2 HG22 sing N N 309 
THR CG2 HG23 sing N N 310 
THR OXT HXT  sing N N 311 
TRP N   CA   sing N N 312 
TRP N   H    sing N N 313 
TRP N   H2   sing N N 314 
TRP CA  C    sing N N 315 
TRP CA  CB   sing N N 316 
TRP CA  HA   sing N N 317 
TRP C   O    doub N N 318 
TRP C   OXT  sing N N 319 
TRP CB  CG   sing N N 320 
TRP CB  HB2  sing N N 321 
TRP CB  HB3  sing N N 322 
TRP CG  CD1  doub Y N 323 
TRP CG  CD2  sing Y N 324 
TRP CD1 NE1  sing Y N 325 
TRP CD1 HD1  sing N N 326 
TRP CD2 CE2  doub Y N 327 
TRP CD2 CE3  sing Y N 328 
TRP NE1 CE2  sing Y N 329 
TRP NE1 HE1  sing N N 330 
TRP CE2 CZ2  sing Y N 331 
TRP CE3 CZ3  doub Y N 332 
TRP CE3 HE3  sing N N 333 
TRP CZ2 CH2  doub Y N 334 
TRP CZ2 HZ2  sing N N 335 
TRP CZ3 CH2  sing Y N 336 
TRP CZ3 HZ3  sing N N 337 
TRP CH2 HH2  sing N N 338 
TRP OXT HXT  sing N N 339 
TYR N   CA   sing N N 340 
TYR N   H    sing N N 341 
TYR N   H2   sing N N 342 
TYR CA  C    sing N N 343 
TYR CA  CB   sing N N 344 
TYR CA  HA   sing N N 345 
TYR C   O    doub N N 346 
TYR C   OXT  sing N N 347 
TYR CB  CG   sing N N 348 
TYR CB  HB2  sing N N 349 
TYR CB  HB3  sing N N 350 
TYR CG  CD1  doub Y N 351 
TYR CG  CD2  sing Y N 352 
TYR CD1 CE1  sing Y N 353 
TYR CD1 HD1  sing N N 354 
TYR CD2 CE2  doub Y N 355 
TYR CD2 HD2  sing N N 356 
TYR CE1 CZ   doub Y N 357 
TYR CE1 HE1  sing N N 358 
TYR CE2 CZ   sing Y N 359 
TYR CE2 HE2  sing N N 360 
TYR CZ  OH   sing N N 361 
TYR OH  HH   sing N N 362 
TYR OXT HXT  sing N N 363 
VAL N   CA   sing N N 364 
VAL N   H    sing N N 365 
VAL N   H2   sing N N 366 
VAL CA  C    sing N N 367 
VAL CA  CB   sing N N 368 
VAL CA  HA   sing N N 369 
VAL C   O    doub N N 370 
VAL C   OXT  sing N N 371 
VAL CB  CG1  sing N N 372 
VAL CB  CG2  sing N N 373 
VAL CB  HB   sing N N 374 
VAL CG1 HG11 sing N N 375 
VAL CG1 HG12 sing N N 376 
VAL CG1 HG13 sing N N 377 
VAL CG2 HG21 sing N N 378 
VAL CG2 HG22 sing N N 379 
VAL CG2 HG23 sing N N 380 
VAL OXT HXT  sing N N 381 
# 
_atom_sites.entry_id                    1YTH 
_atom_sites.fract_transf_matrix[1][1]   0.01701116 
_atom_sites.fract_transf_matrix[1][2]   -0.00194670 
_atom_sites.fract_transf_matrix[1][3]   0.00947504 
_atom_sites.fract_transf_matrix[2][1]   0.00333514 
_atom_sites.fract_transf_matrix[2][2]   0.01631852 
_atom_sites.fract_transf_matrix[2][3]   -0.00263507 
_atom_sites.fract_transf_matrix[3][1]   -0.00737814 
_atom_sites.fract_transf_matrix[3][2]   0.00377207 
_atom_sites.fract_transf_matrix[3][3]   0.01402145 
_atom_sites.fract_transf_vector[1]      0.101264 
_atom_sites.fract_transf_vector[2]      0.019370 
_atom_sites.fract_transf_vector[3]      0.296210 
# 
loop_
_atom_type.symbol 
C 
N 
O 
S 
# 
loop_
_atom_site.group_PDB 
_atom_site.id 
_atom_site.type_symbol 
_atom_site.label_atom_id 
_atom_site.label_alt_id 
_atom_site.label_comp_id 
_atom_site.label_asym_id 
_atom_site.label_entity_id 
_atom_site.label_seq_id 
_atom_site.pdbx_PDB_ins_code 
_atom_site.Cartn_x 
_atom_site.Cartn_y 
_atom_site.Cartn_z 
_atom_site.occupancy 
_atom_site.B_iso_or_equiv 
_atom_site.pdbx_formal_charge 
_atom_site.auth_seq_id 
_atom_site.auth_comp_id 
_atom_site.auth_asym_id 
_atom_site.auth_atom_id 
_atom_site.pdbx_PDB_model_num 
ATOM   1    N N   . PRO A 1 1  ? -12.540 10.907  7.863   1.00 34.17 ? 1   PRO A N   1 
ATOM   2    C CA  . PRO A 1 1  ? -12.440 10.551  9.261   1.00 31.25 ? 1   PRO A CA  1 
ATOM   3    C C   . PRO A 1 1  ? -10.974 10.294  9.513   1.00 28.26 ? 1   PRO A C   1 
ATOM   4    O O   . PRO A 1 1  ? -10.189 10.467  8.582   1.00 26.35 ? 1   PRO A O   1 
ATOM   5    C CB  . PRO A 1 1  ? -13.279 9.320   9.417   1.00 34.03 ? 1   PRO A CB  1 
ATOM   6    C CG  . PRO A 1 1  ? -13.303 8.724   8.005   1.00 34.26 ? 1   PRO A CG  1 
ATOM   7    C CD  . PRO A 1 1  ? -13.418 9.979   7.196   1.00 31.04 ? 1   PRO A CD  1 
ATOM   8    N N   . GLN A 1 2  ? -10.615 9.897   10.726  1.00 29.47 ? 2   GLN A N   1 
ATOM   9    C CA  . GLN A 1 2  ? -9.250  9.535   11.083  1.00 30.75 ? 2   GLN A CA  1 
ATOM   10   C C   . GLN A 1 2  ? -9.297  8.024   11.261  1.00 28.86 ? 2   GLN A C   1 
ATOM   11   O O   . GLN A 1 2  ? -10.184 7.516   11.957  1.00 29.58 ? 2   GLN A O   1 
ATOM   12   C CB  . GLN A 1 2  ? -8.843  10.197  12.379  1.00 35.46 ? 2   GLN A CB  1 
ATOM   13   C CG  . GLN A 1 2  ? -7.588  9.636   13.034  1.00 39.28 ? 2   GLN A CG  1 
ATOM   14   C CD  . GLN A 1 2  ? -6.956  10.592  14.028  1.00 40.63 ? 2   GLN A CD  1 
ATOM   15   O OE1 . GLN A 1 2  ? -6.167  11.458  13.670  1.00 43.18 ? 2   GLN A OE1 1 
ATOM   16   N NE2 . GLN A 1 2  ? -7.217  10.516  15.316  1.00 41.70 ? 2   GLN A NE2 1 
ATOM   17   N N   . ILE A 1 3  ? -8.383  7.319   10.606  1.00 24.30 ? 3   ILE A N   1 
ATOM   18   C CA  . ILE A 1 3  ? -8.374  5.864   10.554  1.00 22.95 ? 3   ILE A CA  1 
ATOM   19   C C   . ILE A 1 3  ? -7.003  5.457   11.072  1.00 20.62 ? 3   ILE A C   1 
ATOM   20   O O   . ILE A 1 3  ? -5.962  5.995   10.687  1.00 17.38 ? 3   ILE A O   1 
ATOM   21   C CB  . ILE A 1 3  ? -8.625  5.443   9.090   1.00 23.54 ? 3   ILE A CB  1 
ATOM   22   C CG1 . ILE A 1 3  ? -10.037 5.892   8.762   1.00 27.59 ? 3   ILE A CG1 1 
ATOM   23   C CG2 . ILE A 1 3  ? -8.489  3.945   8.867   1.00 23.27 ? 3   ILE A CG2 1 
ATOM   24   C CD1 . ILE A 1 3  ? -10.497 5.747   7.318   1.00 29.34 ? 3   ILE A CD1 1 
ATOM   25   N N   . THR A 1 4  ? -7.034  4.561   12.058  1.00 22.83 ? 4   THR A N   1 
ATOM   26   C CA  . THR A 1 4  ? -5.838  4.044   12.710  1.00 20.81 ? 4   THR A CA  1 
ATOM   27   C C   . THR A 1 4  ? -5.445  2.769   11.981  1.00 18.90 ? 4   THR A C   1 
ATOM   28   O O   . THR A 1 4  ? -6.250  2.174   11.265  1.00 20.32 ? 4   THR A O   1 
ATOM   29   C CB  . THR A 1 4  ? -6.130  3.811   14.257  1.00 24.48 ? 4   THR A CB  1 
ATOM   30   O OG1 . THR A 1 4  ? -7.325  3.037   14.380  1.00 22.82 ? 4   THR A OG1 1 
ATOM   31   C CG2 . THR A 1 4  ? -6.242  5.151   15.030  1.00 21.09 ? 4   THR A CG2 1 
ATOM   32   N N   . LEU A 1 5  ? -4.225  2.300   12.142  1.00 18.49 ? 5   LEU A N   1 
ATOM   33   C CA  . LEU A 1 5  ? -3.758  1.239   11.306  1.00 19.37 ? 5   LEU A CA  1 
ATOM   34   C C   . LEU A 1 5  ? -3.588  -0.064  12.040  1.00 22.99 ? 5   LEU A C   1 
ATOM   35   O O   . LEU A 1 5  ? -2.795  -0.902  11.631  1.00 26.05 ? 5   LEU A O   1 
ATOM   36   C CB  . LEU A 1 5  ? -2.485  1.763   10.671  1.00 15.31 ? 5   LEU A CB  1 
ATOM   37   C CG  . LEU A 1 5  ? -2.826  2.882   9.692   1.00 13.94 ? 5   LEU A CG  1 
ATOM   38   C CD1 . LEU A 1 5  ? -1.538  3.606   9.317   1.00 10.34 ? 5   LEU A CD1 1 
ATOM   39   C CD2 . LEU A 1 5  ? -3.619  2.304   8.505   1.00 13.23 ? 5   LEU A CD2 1 
ATOM   40   N N   . TRP A 1 6  ? -4.325  -0.251  13.144  1.00 23.94 ? 6   TRP A N   1 
ATOM   41   C CA  . TRP A 1 6  ? -4.257  -1.489  13.907  1.00 24.74 ? 6   TRP A CA  1 
ATOM   42   C C   . TRP A 1 6  ? -4.960  -2.584  13.128  1.00 23.89 ? 6   TRP A C   1 
ATOM   43   O O   . TRP A 1 6  ? -4.642  -3.766  13.243  1.00 23.24 ? 6   TRP A O   1 
ATOM   44   C CB  . TRP A 1 6  ? -4.927  -1.313  15.287  1.00 30.85 ? 6   TRP A CB  1 
ATOM   45   C CG  . TRP A 1 6  ? -4.301  -0.175  16.080  1.00 32.94 ? 6   TRP A CG  1 
ATOM   46   C CD1 . TRP A 1 6  ? -4.853  1.091   16.170  1.00 35.91 ? 6   TRP A CD1 1 
ATOM   47   C CD2 . TRP A 1 6  ? -3.092  -0.239  16.676  1.00 32.53 ? 6   TRP A CD2 1 
ATOM   48   N NE1 . TRP A 1 6  ? -3.975  1.841   16.808  1.00 33.22 ? 6   TRP A NE1 1 
ATOM   49   C CE2 . TRP A 1 6  ? -2.921  1.084   17.118  1.00 32.92 ? 6   TRP A CE2 1 
ATOM   50   C CE3 . TRP A 1 6  ? -2.138  -1.216  16.879  1.00 32.00 ? 6   TRP A CE3 1 
ATOM   51   C CZ2 . TRP A 1 6  ? -1.769  1.463   17.773  1.00 30.40 ? 6   TRP A CZ2 1 
ATOM   52   C CZ3 . TRP A 1 6  ? -0.975  -0.837  17.541  1.00 32.41 ? 6   TRP A CZ3 1 
ATOM   53   C CH2 . TRP A 1 6  ? -0.802  0.480   17.976  1.00 32.48 ? 6   TRP A CH2 1 
ATOM   54   N N   . LYS A 1 7  ? -5.953  -2.232  12.326  1.00 20.01 ? 7   LYS A N   1 
ATOM   55   C CA  . LYS A 1 7  ? -6.580  -3.241  11.508  1.00 23.05 ? 7   LYS A CA  1 
ATOM   56   C C   . LYS A 1 7  ? -6.299  -2.747  10.068  1.00 23.90 ? 7   LYS A C   1 
ATOM   57   O O   . LYS A 1 7  ? -5.852  -1.605  9.903   1.00 21.24 ? 7   LYS A O   1 
ATOM   58   C CB  . LYS A 1 7  ? -8.072  -3.266  11.874  1.00 22.66 ? 7   LYS A CB  1 
ATOM   59   N N   . ARG A 1 8  ? -6.467  -3.569  9.025   1.00 17.98 ? 8   ARG A N   1 
ATOM   60   C CA  . ARG A 1 8  ? -6.297  -3.145  7.666   1.00 18.82 ? 8   ARG A CA  1 
ATOM   61   C C   . ARG A 1 8  ? -7.298  -2.032  7.421   1.00 22.23 ? 8   ARG A C   1 
ATOM   62   O O   . ARG A 1 8  ? -8.466  -2.146  7.845   1.00 21.87 ? 8   ARG A O   1 
ATOM   63   C CB  . ARG A 1 8  ? -6.628  -4.219  6.689   1.00 23.65 ? 8   ARG A CB  1 
ATOM   64   C CG  . ARG A 1 8  ? -5.688  -5.374  6.729   1.00 28.58 ? 8   ARG A CG  1 
ATOM   65   C CD  . ARG A 1 8  ? -5.928  -6.134  5.480   1.00 30.82 ? 8   ARG A CD  1 
ATOM   66   N NE  . ARG A 1 8  ? -5.363  -7.458  5.632   1.00 39.36 ? 8   ARG A NE  1 
ATOM   67   C CZ  . ARG A 1 8  ? -4.482  -7.974  4.783   1.00 42.95 ? 8   ARG A CZ  1 
ATOM   68   N NH1 . ARG A 1 8  ? -3.914  -7.240  3.799   1.00 46.83 ? 8   ARG A NH1 1 
ATOM   69   N NH2 . ARG A 1 8  ? -4.105  -9.238  4.999   1.00 42.88 ? 8   ARG A NH2 1 
ATOM   70   N N   . PRO A 1 9  ? -6.937  -0.930  6.772   1.00 20.63 ? 9   PRO A N   1 
ATOM   71   C CA  . PRO A 1 9  ? -7.895  0.153   6.492   1.00 18.40 ? 9   PRO A CA  1 
ATOM   72   C C   . PRO A 1 9  ? -8.887  -0.143  5.359   1.00 17.27 ? 9   PRO A C   1 
ATOM   73   O O   . PRO A 1 9  ? -8.784  0.402   4.266   1.00 15.04 ? 9   PRO A O   1 
ATOM   74   C CB  . PRO A 1 9  ? -6.995  1.348   6.248   1.00 15.51 ? 9   PRO A CB  1 
ATOM   75   C CG  . PRO A 1 9  ? -5.736  0.728   5.733   1.00 20.44 ? 9   PRO A CG  1 
ATOM   76   C CD  . PRO A 1 9  ? -5.553  -0.506  6.616   1.00 21.69 ? 9   PRO A CD  1 
ATOM   77   N N   . LEU A 1 10 ? -9.852  -1.029  5.606   1.00 19.90 ? 10  LEU A N   1 
ATOM   78   C CA  . LEU A 1 10 ? -10.850 -1.411  4.619   1.00 23.07 ? 10  LEU A CA  1 
ATOM   79   C C   . LEU A 1 10 ? -12.033 -0.465  4.731   1.00 23.07 ? 10  LEU A C   1 
ATOM   80   O O   . LEU A 1 10 ? -12.482 -0.112  5.820   1.00 26.05 ? 10  LEU A O   1 
ATOM   81   C CB  . LEU A 1 10 ? -11.386 -2.821  4.814   1.00 22.80 ? 10  LEU A CB  1 
ATOM   82   C CG  . LEU A 1 10 ? -10.680 -4.061  4.267   1.00 27.30 ? 10  LEU A CG  1 
ATOM   83   C CD1 . LEU A 1 10 ? -9.567  -3.798  3.260   1.00 23.40 ? 10  LEU A CD1 1 
ATOM   84   C CD2 . LEU A 1 10 ? -10.043 -4.708  5.469   1.00 29.11 ? 10  LEU A CD2 1 
ATOM   85   N N   . VAL A 1 11 ? -12.583 -0.102  3.585   1.00 21.86 ? 11  VAL A N   1 
ATOM   86   C CA  . VAL A 1 11 ? -13.604 0.918   3.456   1.00 22.24 ? 11  VAL A CA  1 
ATOM   87   C C   . VAL A 1 11 ? -14.664 0.353   2.483   1.00 20.71 ? 11  VAL A C   1 
ATOM   88   O O   . VAL A 1 11 ? -14.368 -0.516  1.656   1.00 13.88 ? 11  VAL A O   1 
ATOM   89   C CB  . VAL A 1 11 ? -12.703 2.144   3.006   1.00 23.12 ? 11  VAL A CB  1 
ATOM   90   C CG1 . VAL A 1 11 ? -13.064 2.715   1.679   1.00 22.82 ? 11  VAL A CG1 1 
ATOM   91   C CG2 . VAL A 1 11 ? -12.789 3.181   4.076   1.00 24.23 ? 11  VAL A CG2 1 
ATOM   92   N N   . THR A 1 12 ? -15.934 0.778   2.588   1.00 20.80 ? 12  THR A N   1 
ATOM   93   C CA  . THR A 1 12 ? -16.940 0.462   1.600   1.00 20.58 ? 12  THR A CA  1 
ATOM   94   C C   . THR A 1 12 ? -16.902 1.580   0.571   1.00 19.03 ? 12  THR A C   1 
ATOM   95   O O   . THR A 1 12 ? -16.836 2.787   0.882   1.00 18.71 ? 12  THR A O   1 
ATOM   96   C CB  . THR A 1 12 ? -18.358 0.381   2.240   1.00 26.50 ? 12  THR A CB  1 
ATOM   97   O OG1 . THR A 1 12 ? -18.292 -0.693  3.170   1.00 28.25 ? 12  THR A OG1 1 
ATOM   98   C CG2 . THR A 1 12 ? -19.488 0.035   1.265   1.00 27.39 ? 12  THR A CG2 1 
ATOM   99   N N   . ILE A 1 13 ? -16.846 1.127   -0.672  1.00 17.74 ? 13  ILE A N   1 
ATOM   100  C CA  . ILE A 1 13 ? -16.866 1.995   -1.810  1.00 19.01 ? 13  ILE A CA  1 
ATOM   101  C C   . ILE A 1 13 ? -18.125 1.616   -2.571  1.00 21.09 ? 13  ILE A C   1 
ATOM   102  O O   . ILE A 1 13 ? -18.670 0.514   -2.391  1.00 20.45 ? 13  ILE A O   1 
ATOM   103  C CB  . ILE A 1 13 ? -15.614 1.802   -2.727  1.00 19.35 ? 13  ILE A CB  1 
ATOM   104  C CG1 . ILE A 1 13 ? -15.461 0.417   -3.341  1.00 17.33 ? 13  ILE A CG1 1 
ATOM   105  C CG2 . ILE A 1 13 ? -14.430 2.137   -1.816  1.00 16.41 ? 13  ILE A CG2 1 
ATOM   106  C CD1 . ILE A 1 13 ? -14.538 0.320   -4.557  1.00 16.45 ? 13  ILE A CD1 1 
ATOM   107  N N   . ARG A 1 14 ? -18.613 2.543   -3.409  1.00 25.97 ? 14  ARG A N   1 
ATOM   108  C CA  . ARG A 1 14 ? -19.752 2.322   -4.299  1.00 25.36 ? 14  ARG A CA  1 
ATOM   109  C C   . ARG A 1 14 ? -19.226 2.629   -5.701  1.00 21.75 ? 14  ARG A C   1 
ATOM   110  O O   . ARG A 1 14 ? -18.641 3.683   -5.986  1.00 22.36 ? 14  ARG A O   1 
ATOM   111  C CB  . ARG A 1 14 ? -20.907 3.251   -3.901  1.00 29.88 ? 14  ARG A CB  1 
ATOM   112  C CG  . ARG A 1 14 ? -22.155 2.773   -4.616  1.00 37.79 ? 14  ARG A CG  1 
ATOM   113  C CD  . ARG A 1 14 ? -23.173 3.871   -4.849  1.00 46.17 ? 14  ARG A CD  1 
ATOM   114  N NE  . ARG A 1 14 ? -23.903 4.172   -3.627  1.00 53.23 ? 14  ARG A NE  1 
ATOM   115  C CZ  . ARG A 1 14 ? -24.954 5.015   -3.617  1.00 57.22 ? 14  ARG A CZ  1 
ATOM   116  N NH1 . ARG A 1 14 ? -25.354 5.669   -4.733  1.00 58.45 ? 14  ARG A NH1 1 
ATOM   117  N NH2 . ARG A 1 14 ? -25.611 5.207   -2.456  1.00 55.62 ? 14  ARG A NH2 1 
ATOM   118  N N   . ILE A 1 15 ? -19.349 1.680   -6.599  1.00 23.95 ? 15  ILE A N   1 
ATOM   119  C CA  . ILE A 1 15 ? -18.834 1.768   -7.933  1.00 28.56 ? 15  ILE A CA  1 
ATOM   120  C C   . ILE A 1 15 ? -19.760 0.941   -8.834  1.00 35.41 ? 15  ILE A C   1 
ATOM   121  O O   . ILE A 1 15 ? -20.109 -0.223  -8.580  1.00 36.62 ? 15  ILE A O   1 
ATOM   122  C CB  . ILE A 1 15 ? -17.367 1.235   -7.963  1.00 27.68 ? 15  ILE A CB  1 
ATOM   123  C CG1 . ILE A 1 15 ? -16.866 1.455   -9.401  1.00 29.26 ? 15  ILE A CG1 1 
ATOM   124  C CG2 . ILE A 1 15 ? -17.260 -0.227  -7.488  1.00 23.81 ? 15  ILE A CG2 1 
ATOM   125  C CD1 . ILE A 1 15 ? -15.358 1.447   -9.652  1.00 28.09 ? 15  ILE A CD1 1 
ATOM   126  N N   . GLY A 1 16 ? -20.257 1.604   -9.884  1.00 41.34 ? 16  GLY A N   1 
ATOM   127  C CA  . GLY A 1 16 ? -21.153 1.003   -10.875 1.00 41.59 ? 16  GLY A CA  1 
ATOM   128  C C   . GLY A 1 16 ? -22.464 0.541   -10.246 1.00 40.45 ? 16  GLY A C   1 
ATOM   129  O O   . GLY A 1 16 ? -23.121 -0.393  -10.721 1.00 43.21 ? 16  GLY A O   1 
ATOM   130  N N   . GLY A 1 17 ? -22.839 1.225   -9.162  1.00 36.77 ? 17  GLY A N   1 
ATOM   131  C CA  . GLY A 1 17 ? -24.035 0.881   -8.442  1.00 36.15 ? 17  GLY A CA  1 
ATOM   132  C C   . GLY A 1 17 ? -23.773 -0.216  -7.436  1.00 37.97 ? 17  GLY A C   1 
ATOM   133  O O   . GLY A 1 17 ? -24.624 -0.513  -6.604  1.00 41.30 ? 17  GLY A O   1 
ATOM   134  N N   . GLN A 1 18 ? -22.609 -0.839  -7.452  1.00 38.34 ? 18  GLN A N   1 
ATOM   135  C CA  . GLN A 1 18 ? -22.272 -1.874  -6.505  1.00 37.67 ? 18  GLN A CA  1 
ATOM   136  C C   . GLN A 1 18 ? -21.482 -1.344  -5.313  1.00 34.77 ? 18  GLN A C   1 
ATOM   137  O O   . GLN A 1 18 ? -20.639 -0.458  -5.442  1.00 31.42 ? 18  GLN A O   1 
ATOM   138  C CB  . GLN A 1 18 ? -21.430 -2.923  -7.162  1.00 40.89 ? 18  GLN A CB  1 
ATOM   139  C CG  . GLN A 1 18 ? -21.992 -3.850  -8.203  1.00 45.60 ? 18  GLN A CG  1 
ATOM   140  C CD  . GLN A 1 18 ? -21.218 -5.169  -8.112  1.00 48.97 ? 18  GLN A CD  1 
ATOM   141  O OE1 . GLN A 1 18 ? -21.792 -6.236  -8.294  1.00 50.82 ? 18  GLN A OE1 1 
ATOM   142  N NE2 . GLN A 1 18 ? -19.921 -5.263  -7.816  1.00 47.60 ? 18  GLN A NE2 1 
ATOM   143  N N   . LEU A 1 19 ? -21.733 -1.906  -4.143  1.00 32.59 ? 19  LEU A N   1 
ATOM   144  C CA  . LEU A 1 19 ? -20.953 -1.615  -2.952  1.00 32.02 ? 19  LEU A CA  1 
ATOM   145  C C   . LEU A 1 19 ? -19.868 -2.684  -2.972  1.00 31.56 ? 19  LEU A C   1 
ATOM   146  O O   . LEU A 1 19 ? -20.107 -3.794  -3.478  1.00 33.10 ? 19  LEU A O   1 
ATOM   147  C CB  . LEU A 1 19 ? -21.770 -1.780  -1.680  1.00 29.69 ? 19  LEU A CB  1 
ATOM   148  C CG  . LEU A 1 19 ? -22.460 -0.571  -1.077  1.00 31.83 ? 19  LEU A CG  1 
ATOM   149  C CD1 . LEU A 1 19 ? -23.292 0.208   -2.088  1.00 31.21 ? 19  LEU A CD1 1 
ATOM   150  C CD2 . LEU A 1 19 ? -23.361 -1.095  0.024   1.00 28.65 ? 19  LEU A CD2 1 
ATOM   151  N N   . LYS A 1 20 ? -18.679 -2.384  -2.455  1.00 26.58 ? 20  LYS A N   1 
ATOM   152  C CA  . LYS A 1 20 ? -17.570 -3.322  -2.353  1.00 22.46 ? 20  LYS A CA  1 
ATOM   153  C C   . LYS A 1 20 ? -16.747 -2.794  -1.189  1.00 20.83 ? 20  LYS A C   1 
ATOM   154  O O   . LYS A 1 20 ? -16.926 -1.662  -0.737  1.00 25.67 ? 20  LYS A O   1 
ATOM   155  C CB  . LYS A 1 20 ? -16.658 -3.326  -3.587  1.00 21.56 ? 20  LYS A CB  1 
ATOM   156  C CG  . LYS A 1 20 ? -17.206 -3.584  -4.986  1.00 24.11 ? 20  LYS A CG  1 
ATOM   157  C CD  . LYS A 1 20 ? -16.730 -4.953  -5.385  1.00 29.33 ? 20  LYS A CD  1 
ATOM   158  C CE  . LYS A 1 20 ? -16.223 -4.972  -6.813  1.00 31.69 ? 20  LYS A CE  1 
ATOM   159  N NZ  . LYS A 1 20 ? -15.159 -5.969  -6.937  1.00 36.15 ? 20  LYS A NZ  1 
ATOM   160  N N   . GLU A 1 21 ? -15.827 -3.595  -0.704  1.00 18.41 ? 21  GLU A N   1 
ATOM   161  C CA  . GLU A 1 21 ? -14.904 -3.244  0.342   1.00 19.15 ? 21  GLU A CA  1 
ATOM   162  C C   . GLU A 1 21 ? -13.550 -3.128  -0.331  1.00 15.39 ? 21  GLU A C   1 
ATOM   163  O O   . GLU A 1 21 ? -13.189 -3.965  -1.185  1.00 16.48 ? 21  GLU A O   1 
ATOM   164  C CB  . GLU A 1 21 ? -14.906 -4.349  1.356   1.00 25.96 ? 21  GLU A CB  1 
ATOM   165  C CG  . GLU A 1 21 ? -15.326 -3.933  2.768   1.00 38.45 ? 21  GLU A CG  1 
ATOM   166  C CD  . GLU A 1 21 ? -16.775 -3.507  3.028   1.00 44.12 ? 21  GLU A CD  1 
ATOM   167  O OE1 . GLU A 1 21 ? -17.614 -3.466  2.109   1.00 47.42 ? 21  GLU A OE1 1 
ATOM   168  O OE2 . GLU A 1 21 ? -17.057 -3.220  4.199   1.00 48.53 ? 21  GLU A OE2 1 
ATOM   169  N N   . ALA A 1 22 ? -12.773 -2.126  0.030   1.00 13.80 ? 22  ALA A N   1 
ATOM   170  C CA  . ALA A 1 22 ? -11.474 -1.892  -0.580  1.00 12.43 ? 22  ALA A CA  1 
ATOM   171  C C   . ALA A 1 22 ? -10.533 -1.336  0.472   1.00 12.25 ? 22  ALA A C   1 
ATOM   172  O O   . ALA A 1 22 ? -10.925 -0.743  1.471   1.00 9.77  ? 22  ALA A O   1 
ATOM   173  C CB  . ALA A 1 22 ? -11.614 -0.899  -1.723  1.00 10.17 ? 22  ALA A CB  1 
ATOM   174  N N   . LEU A 1 23 ? -9.260  -1.563  0.251   1.00 13.19 ? 23  LEU A N   1 
ATOM   175  C CA  . LEU A 1 23 ? -8.188  -1.192  1.143   1.00 14.19 ? 23  LEU A CA  1 
ATOM   176  C C   . LEU A 1 23 ? -7.671  0.210   0.828   1.00 11.82 ? 23  LEU A C   1 
ATOM   177  O O   . LEU A 1 23 ? -7.234  0.436   -0.320  1.00 10.75 ? 23  LEU A O   1 
ATOM   178  C CB  . LEU A 1 23 ? -7.051  -2.147  0.956   1.00 15.97 ? 23  LEU A CB  1 
ATOM   179  C CG  . LEU A 1 23 ? -6.225  -2.765  2.080   1.00 21.75 ? 23  LEU A CG  1 
ATOM   180  C CD1 . LEU A 1 23 ? -4.851  -2.692  1.552   1.00 18.73 ? 23  LEU A CD1 1 
ATOM   181  C CD2 . LEU A 1 23 ? -6.225  -2.070  3.399   1.00 20.23 ? 23  LEU A CD2 1 
ATOM   182  N N   . LEU A 1 24 ? -7.653  1.131   1.800   1.00 8.20  ? 24  LEU A N   1 
ATOM   183  C CA  . LEU A 1 24 ? -7.047  2.442   1.603   1.00 12.48 ? 24  LEU A CA  1 
ATOM   184  C C   . LEU A 1 24 ? -5.543  2.204   1.596   1.00 11.99 ? 24  LEU A C   1 
ATOM   185  O O   . LEU A 1 24 ? -4.991  1.885   2.640   1.00 12.22 ? 24  LEU A O   1 
ATOM   186  C CB  . LEU A 1 24 ? -7.414  3.361   2.738   1.00 13.39 ? 24  LEU A CB  1 
ATOM   187  C CG  . LEU A 1 24 ? -8.592  4.347   2.610   1.00 19.45 ? 24  LEU A CG  1 
ATOM   188  C CD1 . LEU A 1 24 ? -9.479  4.043   1.413   1.00 17.78 ? 24  LEU A CD1 1 
ATOM   189  C CD2 . LEU A 1 24 ? -9.300  4.348   3.926   1.00 13.40 ? 24  LEU A CD2 1 
ATOM   190  N N   . ASP A 1 25 ? -4.863  2.401   0.484   1.00 7.79  ? 25  ASP A N   1 
ATOM   191  C CA  . ASP A 1 25 ? -3.508  1.957   0.344   1.00 9.01  ? 25  ASP A CA  1 
ATOM   192  C C   . ASP A 1 25 ? -2.634  3.078   -0.164  1.00 8.91  ? 25  ASP A C   1 
ATOM   193  O O   . ASP A 1 25 ? -2.573  3.328   -1.372  1.00 9.40  ? 25  ASP A O   1 
ATOM   194  C CB  . ASP A 1 25 ? -3.528  0.777   -0.617  1.00 7.90  ? 25  ASP A CB  1 
ATOM   195  C CG  . ASP A 1 25 ? -2.250  0.085   -0.929  1.00 9.83  ? 25  ASP A CG  1 
ATOM   196  O OD1 . ASP A 1 25 ? -1.180  0.525   -0.570  1.00 6.41  ? 25  ASP A OD1 1 
ATOM   197  O OD2 . ASP A 1 25 ? -2.358  -0.934  -1.577  1.00 12.21 ? 25  ASP A OD2 1 
ATOM   198  N N   . THR A 1 26 ? -1.836  3.688   0.715   1.00 7.15  ? 26  THR A N   1 
ATOM   199  C CA  . THR A 1 26 ? -0.961  4.748   0.300   1.00 6.09  ? 26  THR A CA  1 
ATOM   200  C C   . THR A 1 26 ? 0.217   4.186   -0.483  1.00 5.96  ? 26  THR A C   1 
ATOM   201  O O   . THR A 1 26 ? 0.938   4.916   -1.162  1.00 11.24 ? 26  THR A O   1 
ATOM   202  C CB  . THR A 1 26 ? -0.562  5.465   1.559   1.00 6.09  ? 26  THR A CB  1 
ATOM   203  O OG1 . THR A 1 26 ? 0.121   4.497   2.340   1.00 11.01 ? 26  THR A OG1 1 
ATOM   204  C CG2 . THR A 1 26 ? -1.752  6.055   2.314   1.00 7.40  ? 26  THR A CG2 1 
ATOM   205  N N   . GLY A 1 27 ? 0.439   2.882   -0.489  1.00 6.89  ? 27  GLY A N   1 
ATOM   206  C CA  . GLY A 1 27 ? 1.534   2.307   -1.262  1.00 8.38  ? 27  GLY A CA  1 
ATOM   207  C C   . GLY A 1 27 ? 1.216   1.967   -2.705  1.00 9.54  ? 27  GLY A C   1 
ATOM   208  O O   . GLY A 1 27 ? 2.040   1.392   -3.400  1.00 7.32  ? 27  GLY A O   1 
ATOM   209  N N   . ALA A 1 28 ? 0.048   2.346   -3.185  1.00 7.00  ? 28  ALA A N   1 
ATOM   210  C CA  . ALA A 1 28 ? -0.377  2.004   -4.521  1.00 10.46 ? 28  ALA A CA  1 
ATOM   211  C C   . ALA A 1 28 ? -0.530  3.274   -5.310  1.00 7.61  ? 28  ALA A C   1 
ATOM   212  O O   . ALA A 1 28 ? -1.121  4.234   -4.810  1.00 7.69  ? 28  ALA A O   1 
ATOM   213  C CB  . ALA A 1 28 ? -1.727  1.302   -4.489  1.00 9.81  ? 28  ALA A CB  1 
ATOM   214  N N   . ASP A 1 29 ? 0.000   3.277   -6.517  1.00 6.87  ? 29  ASP A N   1 
ATOM   215  C CA  . ASP A 1 29 ? -0.170  4.421   -7.357  1.00 9.20  ? 29  ASP A CA  1 
ATOM   216  C C   . ASP A 1 29 ? -1.618  4.493   -7.854  1.00 12.04 ? 29  ASP A C   1 
ATOM   217  O O   . ASP A 1 29 ? -2.229  5.558   -7.922  1.00 12.44 ? 29  ASP A O   1 
ATOM   218  C CB  . ASP A 1 29 ? 0.779   4.351   -8.570  1.00 11.47 ? 29  ASP A CB  1 
ATOM   219  C CG  . ASP A 1 29 ? 2.270   4.452   -8.272  1.00 13.84 ? 29  ASP A CG  1 
ATOM   220  O OD1 . ASP A 1 29 ? 2.688   4.858   -7.187  1.00 13.00 ? 29  ASP A OD1 1 
ATOM   221  O OD2 . ASP A 1 29 ? 3.041   4.100   -9.146  1.00 13.11 ? 29  ASP A OD2 1 
ATOM   222  N N   . ASP A 1 30 ? -2.193  3.348   -8.136  1.00 13.29 ? 30  ASP A N   1 
ATOM   223  C CA  . ASP A 1 30 ? -3.485  3.220   -8.797  1.00 16.31 ? 30  ASP A CA  1 
ATOM   224  C C   . ASP A 1 30 ? -4.513  2.511   -7.939  1.00 13.19 ? 30  ASP A C   1 
ATOM   225  O O   . ASP A 1 30 ? -4.186  1.960   -6.890  1.00 10.63 ? 30  ASP A O   1 
ATOM   226  C CB  . ASP A 1 30 ? -3.334  2.419   -10.050 1.00 16.09 ? 30  ASP A CB  1 
ATOM   227  C CG  . ASP A 1 30 ? -2.168  2.876   -10.896 1.00 22.55 ? 30  ASP A CG  1 
ATOM   228  O OD1 . ASP A 1 30 ? -2.231  3.986   -11.425 1.00 19.30 ? 30  ASP A OD1 1 
ATOM   229  O OD2 . ASP A 1 30 ? -1.191  2.114   -10.979 1.00 28.14 ? 30  ASP A OD2 1 
ATOM   230  N N   . THR A 1 31 ? -5.740  2.541   -8.410  1.00 10.21 ? 31  THR A N   1 
ATOM   231  C CA  . THR A 1 31 ? -6.856  1.917   -7.766  1.00 8.74  ? 31  THR A CA  1 
ATOM   232  C C   . THR A 1 31 ? -7.077  0.669   -8.609  1.00 13.91 ? 31  THR A C   1 
ATOM   233  O O   . THR A 1 31 ? -7.323  0.793   -9.825  1.00 14.57 ? 31  THR A O   1 
ATOM   234  C CB  . THR A 1 31 ? -8.034  2.885   -7.853  1.00 11.65 ? 31  THR A CB  1 
ATOM   235  O OG1 . THR A 1 31 ? -7.667  3.987   -7.012  1.00 14.78 ? 31  THR A OG1 1 
ATOM   236  C CG2 . THR A 1 31 ? -9.367  2.293   -7.443  1.00 10.97 ? 31  THR A CG2 1 
ATOM   237  N N   . VAL A 1 32 ? -7.011  -0.533  -8.013  1.00 11.69 ? 32  VAL A N   1 
ATOM   238  C CA  . VAL A 1 32 ? -7.183  -1.746  -8.767  1.00 13.16 ? 32  VAL A CA  1 
ATOM   239  C C   . VAL A 1 32 ? -8.085  -2.664  -7.973  1.00 13.80 ? 32  VAL A C   1 
ATOM   240  O O   . VAL A 1 32 ? -8.015  -2.852  -6.760  1.00 13.26 ? 32  VAL A O   1 
ATOM   241  C CB  . VAL A 1 32 ? -5.713  -2.370  -9.215  1.00 15.41 ? 32  VAL A CB  1 
ATOM   242  C CG1 . VAL A 1 32 ? -4.608  -1.912  -8.365  1.00 13.51 ? 32  VAL A CG1 1 
ATOM   243  C CG2 . VAL A 1 32 ? -5.830  -3.864  -9.382  1.00 10.05 ? 32  VAL A CG2 1 
ATOM   244  N N   . LEU A 1 33 ? -9.137  -2.936  -8.737  1.00 9.70  ? 33  LEU A N   1 
ATOM   245  C CA  . LEU A 1 33 ? -10.294 -3.690  -8.320  1.00 10.00 ? 33  LEU A CA  1 
ATOM   246  C C   . LEU A 1 33 ? -10.328 -5.073  -8.945  1.00 10.47 ? 33  LEU A C   1 
ATOM   247  O O   . LEU A 1 33 ? -9.807  -5.328  -10.033 1.00 11.03 ? 33  LEU A O   1 
ATOM   248  C CB  . LEU A 1 33 ? -11.504 -2.889  -8.729  1.00 14.11 ? 33  LEU A CB  1 
ATOM   249  C CG  . LEU A 1 33 ? -12.081 -1.798  -7.810  1.00 19.01 ? 33  LEU A CG  1 
ATOM   250  C CD1 . LEU A 1 33 ? -11.132 -0.757  -7.388  1.00 21.42 ? 33  LEU A CD1 1 
ATOM   251  C CD2 . LEU A 1 33 ? -13.084 -1.076  -8.608  1.00 20.21 ? 33  LEU A CD2 1 
ATOM   252  N N   . GLU A 1 34 ? -10.895 -6.026  -8.228  1.00 14.05 ? 34  GLU A N   1 
ATOM   253  C CA  . GLU A 1 34 ? -11.126 -7.389  -8.695  1.00 17.83 ? 34  GLU A CA  1 
ATOM   254  C C   . GLU A 1 34 ? -11.919 -7.350  -9.951  1.00 18.42 ? 34  GLU A C   1 
ATOM   255  O O   . GLU A 1 34 ? -12.625 -6.378  -10.195 1.00 16.33 ? 34  GLU A O   1 
ATOM   256  C CB  . GLU A 1 34 ? -11.975 -8.191  -7.807  1.00 20.04 ? 34  GLU A CB  1 
ATOM   257  C CG  . GLU A 1 34 ? -11.186 -8.371  -6.556  1.00 30.52 ? 34  GLU A CG  1 
ATOM   258  C CD  . GLU A 1 34 ? -12.053 -8.881  -5.432  1.00 35.84 ? 34  GLU A CD  1 
ATOM   259  O OE1 . GLU A 1 34 ? -13.277 -8.613  -5.459  1.00 41.70 ? 34  GLU A OE1 1 
ATOM   260  O OE2 . GLU A 1 34 ? -11.470 -9.514  -4.543  1.00 35.49 ? 34  GLU A OE2 1 
ATOM   261  N N   . GLU A 1 35 ? -11.837 -8.429  -10.711 1.00 20.33 ? 35  GLU A N   1 
ATOM   262  C CA  . GLU A 1 35 ? -12.498 -8.448  -11.988 1.00 26.01 ? 35  GLU A CA  1 
ATOM   263  C C   . GLU A 1 35 ? -13.997 -8.275  -11.725 1.00 26.15 ? 35  GLU A C   1 
ATOM   264  O O   . GLU A 1 35 ? -14.590 -8.936  -10.875 1.00 28.59 ? 35  GLU A O   1 
ATOM   265  C CB  . GLU A 1 35 ? -12.178 -9.765  -12.697 1.00 28.38 ? 35  GLU A CB  1 
ATOM   266  C CG  . GLU A 1 35 ? -11.888 -9.577  -14.191 1.00 37.43 ? 35  GLU A CG  1 
ATOM   267  C CD  . GLU A 1 35 ? -13.047 -9.071  -15.084 1.00 43.26 ? 35  GLU A CD  1 
ATOM   268  O OE1 . GLU A 1 35 ? -14.178 -9.574  -14.945 1.00 44.14 ? 35  GLU A OE1 1 
ATOM   269  O OE2 . GLU A 1 35 ? -12.814 -8.178  -15.926 1.00 44.82 ? 35  GLU A OE2 1 
ATOM   270  N N   . MET A 1 36 ? -14.523 -7.230  -12.348 1.00 24.53 ? 36  MET A N   1 
ATOM   271  C CA  . MET A 1 36 ? -15.925 -6.895  -12.357 1.00 24.91 ? 36  MET A CA  1 
ATOM   272  C C   . MET A 1 36 ? -16.220 -6.310  -13.739 1.00 26.42 ? 36  MET A C   1 
ATOM   273  O O   . MET A 1 36 ? -15.333 -5.901  -14.512 1.00 30.32 ? 36  MET A O   1 
ATOM   274  C CB  . MET A 1 36 ? -16.230 -5.876  -11.278 1.00 23.90 ? 36  MET A CB  1 
ATOM   275  C CG  . MET A 1 36 ? -15.719 -4.470  -11.531 1.00 27.58 ? 36  MET A CG  1 
ATOM   276  S SD  . MET A 1 36 ? -16.096 -3.506  -10.071 1.00 29.55 ? 36  MET A SD  1 
ATOM   277  C CE  . MET A 1 36 ? -17.852 -3.244  -10.207 1.00 32.09 ? 36  MET A CE  1 
ATOM   278  N N   . ASN A 1 37 ? -17.493 -6.308  -14.110 1.00 30.54 ? 37  ASN A N   1 
ATOM   279  C CA  . ASN A 1 37 ? -17.913 -5.737  -15.389 1.00 30.08 ? 37  ASN A CA  1 
ATOM   280  C C   . ASN A 1 37 ? -18.149 -4.262  -15.101 1.00 28.15 ? 37  ASN A C   1 
ATOM   281  O O   . ASN A 1 37 ? -18.818 -3.908  -14.125 1.00 27.57 ? 37  ASN A O   1 
ATOM   282  C CB  . ASN A 1 37 ? -19.227 -6.325  -15.879 1.00 35.50 ? 37  ASN A CB  1 
ATOM   283  C CG  . ASN A 1 37 ? -19.352 -7.831  -15.707 1.00 39.66 ? 37  ASN A CG  1 
ATOM   284  O OD1 . ASN A 1 37 ? -18.439 -8.623  -15.985 1.00 43.58 ? 37  ASN A OD1 1 
ATOM   285  N ND2 . ASN A 1 37 ? -20.509 -8.250  -15.206 1.00 39.89 ? 37  ASN A ND2 1 
ATOM   286  N N   . LEU A 1 38 ? -17.515 -3.366  -15.829 1.00 24.40 ? 38  LEU A N   1 
ATOM   287  C CA  . LEU A 1 38 ? -17.805 -1.971  -15.628 1.00 25.17 ? 38  LEU A CA  1 
ATOM   288  C C   . LEU A 1 38 ? -18.182 -1.449  -16.996 1.00 25.75 ? 38  LEU A C   1 
ATOM   289  O O   . LEU A 1 38 ? -17.753 -1.999  -18.015 1.00 28.66 ? 38  LEU A O   1 
ATOM   290  C CB  . LEU A 1 38 ? -16.606 -1.178  -15.148 1.00 21.04 ? 38  LEU A CB  1 
ATOM   291  C CG  . LEU A 1 38 ? -16.269 -1.118  -13.719 1.00 15.40 ? 38  LEU A CG  1 
ATOM   292  C CD1 . LEU A 1 38 ? -15.025 -0.282  -13.592 1.00 14.44 ? 38  LEU A CD1 1 
ATOM   293  C CD2 . LEU A 1 38 ? -17.371 -0.514  -12.954 1.00 13.26 ? 38  LEU A CD2 1 
ATOM   294  N N   . PRO A 1 39 ? -19.000 -0.415  -17.077 1.00 29.85 ? 39  PRO A N   1 
ATOM   295  C CA  . PRO A 1 39 ? -19.285 0.247   -18.338 1.00 32.05 ? 39  PRO A CA  1 
ATOM   296  C C   . PRO A 1 39 ? -18.110 1.056   -18.904 1.00 33.36 ? 39  PRO A C   1 
ATOM   297  O O   . PRO A 1 39 ? -17.280 1.640   -18.196 1.00 36.82 ? 39  PRO A O   1 
ATOM   298  C CB  . PRO A 1 39 ? -20.536 1.072   -18.007 1.00 32.66 ? 39  PRO A CB  1 
ATOM   299  C CG  . PRO A 1 39 ? -20.318 1.452   -16.540 1.00 33.44 ? 39  PRO A CG  1 
ATOM   300  C CD  . PRO A 1 39 ? -19.785 0.139   -15.962 1.00 31.67 ? 39  PRO A CD  1 
ATOM   301  N N   . GLY A 1 40 ? -17.998 1.120   -20.220 1.00 33.30 ? 40  GLY A N   1 
ATOM   302  C CA  . GLY A 1 40 ? -17.000 1.982   -20.778 1.00 28.99 ? 40  GLY A CA  1 
ATOM   303  C C   . GLY A 1 40 ? -16.154 1.124   -21.647 1.00 27.94 ? 40  GLY A C   1 
ATOM   304  O O   . GLY A 1 40 ? -16.257 -0.096  -21.707 1.00 28.70 ? 40  GLY A O   1 
ATOM   305  N N   . LYS A 1 41 ? -15.431 1.870   -22.448 1.00 26.42 ? 41  LYS A N   1 
ATOM   306  C CA  . LYS A 1 41 ? -14.418 1.283   -23.266 1.00 27.42 ? 41  LYS A CA  1 
ATOM   307  C C   . LYS A 1 41 ? -13.225 1.174   -22.300 1.00 28.31 ? 41  LYS A C   1 
ATOM   308  O O   . LYS A 1 41 ? -12.979 2.071   -21.484 1.00 32.35 ? 41  LYS A O   1 
ATOM   309  C CB  . LYS A 1 41 ? -14.145 2.241   -24.405 1.00 27.14 ? 41  LYS A CB  1 
ATOM   310  N N   . TRP A 1 42 ? -12.472 0.101   -22.282 1.00 27.31 ? 42  TRP A N   1 
ATOM   311  C CA  . TRP A 1 42 ? -11.310 0.032   -21.419 1.00 25.32 ? 42  TRP A CA  1 
ATOM   312  C C   . TRP A 1 42 ? -10.109 -0.242  -22.334 1.00 25.17 ? 42  TRP A C   1 
ATOM   313  O O   . TRP A 1 42 ? -10.286 -0.814  -23.431 1.00 29.56 ? 42  TRP A O   1 
ATOM   314  C CB  . TRP A 1 42 ? -11.531 -1.080  -20.385 1.00 20.20 ? 42  TRP A CB  1 
ATOM   315  C CG  . TRP A 1 42 ? -11.900 -2.403  -21.021 1.00 20.54 ? 42  TRP A CG  1 
ATOM   316  C CD1 . TRP A 1 42 ? -13.207 -2.727  -21.209 1.00 22.09 ? 42  TRP A CD1 1 
ATOM   317  C CD2 . TRP A 1 42 ? -11.041 -3.374  -21.446 1.00 21.61 ? 42  TRP A CD2 1 
ATOM   318  N NE1 . TRP A 1 42 ? -13.185 -3.920  -21.748 1.00 22.79 ? 42  TRP A NE1 1 
ATOM   319  C CE2 . TRP A 1 42 ? -11.924 -4.344  -21.906 1.00 21.99 ? 42  TRP A CE2 1 
ATOM   320  C CE3 . TRP A 1 42 ? -9.671  -3.593  -21.519 1.00 21.84 ? 42  TRP A CE3 1 
ATOM   321  C CZ2 . TRP A 1 42 ? -11.451 -5.548  -22.438 1.00 24.59 ? 42  TRP A CZ2 1 
ATOM   322  C CZ3 . TRP A 1 42 ? -9.194  -4.794  -22.057 1.00 22.12 ? 42  TRP A CZ3 1 
ATOM   323  C CH2 . TRP A 1 42 ? -10.069 -5.767  -22.511 1.00 23.74 ? 42  TRP A CH2 1 
ATOM   324  N N   . LYS A 1 43 ? -8.892  0.106   -21.891 1.00 20.13 ? 43  LYS A N   1 
ATOM   325  C CA  . LYS A 1 43 ? -7.684  -0.149  -22.641 1.00 16.81 ? 43  LYS A CA  1 
ATOM   326  C C   . LYS A 1 43 ? -6.968  -1.218  -21.823 1.00 17.78 ? 43  LYS A C   1 
ATOM   327  O O   . LYS A 1 43 ? -7.196  -1.241  -20.614 1.00 18.68 ? 43  LYS A O   1 
ATOM   328  C CB  . LYS A 1 43 ? -6.893  1.126   -22.686 1.00 20.00 ? 43  LYS A CB  1 
ATOM   329  N N   . PRO A 1 44 ? -6.196  -2.192  -22.314 1.00 16.74 ? 44  PRO A N   1 
ATOM   330  C CA  . PRO A 1 44 ? -5.306  -2.977  -21.473 1.00 17.72 ? 44  PRO A CA  1 
ATOM   331  C C   . PRO A 1 44 ? -4.142  -2.111  -20.983 1.00 20.44 ? 44  PRO A C   1 
ATOM   332  O O   . PRO A 1 44 ? -3.681  -1.184  -21.672 1.00 20.47 ? 44  PRO A O   1 
ATOM   333  C CB  . PRO A 1 44 ? -4.894  -4.106  -22.349 1.00 16.09 ? 44  PRO A CB  1 
ATOM   334  C CG  . PRO A 1 44 ? -4.942  -3.527  -23.730 1.00 17.29 ? 44  PRO A CG  1 
ATOM   335  C CD  . PRO A 1 44 ? -6.219  -2.701  -23.679 1.00 15.02 ? 44  PRO A CD  1 
ATOM   336  N N   . LYS A 1 45 ? -3.679  -2.391  -19.768 1.00 19.77 ? 45  LYS A N   1 
ATOM   337  C CA  . LYS A 1 45 ? -2.552  -1.692  -19.171 1.00 20.09 ? 45  LYS A CA  1 
ATOM   338  C C   . LYS A 1 45 ? -1.795  -2.757  -18.376 1.00 20.79 ? 45  LYS A C   1 
ATOM   339  O O   . LYS A 1 45 ? -2.357  -3.792  -18.029 1.00 19.03 ? 45  LYS A O   1 
ATOM   340  C CB  . LYS A 1 45 ? -3.050  -0.585  -18.226 1.00 23.44 ? 45  LYS A CB  1 
ATOM   341  C CG  . LYS A 1 45 ? -1.937  0.165   -17.534 1.00 28.20 ? 45  LYS A CG  1 
ATOM   342  C CD  . LYS A 1 45 ? -2.473  1.260   -16.636 1.00 34.73 ? 45  LYS A CD  1 
ATOM   343  C CE  . LYS A 1 45 ? -1.324  2.015   -15.924 1.00 38.89 ? 45  LYS A CE  1 
ATOM   344  N NZ  . LYS A 1 45 ? -0.239  2.504   -16.786 1.00 41.73 ? 45  LYS A NZ  1 
ATOM   345  N N   . MET A 1 46 ? -0.512  -2.593  -18.090 1.00 19.00 ? 46  MET A N   1 
ATOM   346  C CA  . MET A 1 46 ? 0.215   -3.532  -17.274 1.00 20.96 ? 46  MET A CA  1 
ATOM   347  C C   . MET A 1 46 ? 0.637   -2.786  -16.063 1.00 20.49 ? 46  MET A C   1 
ATOM   348  O O   . MET A 1 46 ? 1.042   -1.638  -16.268 1.00 18.76 ? 46  MET A O   1 
ATOM   349  C CB  . MET A 1 46 ? 1.431   -4.008  -17.959 1.00 25.82 ? 46  MET A CB  1 
ATOM   350  C CG  . MET A 1 46 ? 0.964   -5.194  -18.756 1.00 32.59 ? 46  MET A CG  1 
ATOM   351  S SD  . MET A 1 46 ? 2.417   -6.112  -19.255 1.00 46.74 ? 46  MET A SD  1 
ATOM   352  C CE  . MET A 1 46 ? 3.308   -6.134  -17.715 1.00 42.07 ? 46  MET A CE  1 
ATOM   353  N N   . ILE A 1 47 ? 0.492   -3.373  -14.862 1.00 15.64 ? 47  ILE A N   1 
ATOM   354  C CA  . ILE A 1 47 ? 0.941   -2.722  -13.632 1.00 16.23 ? 47  ILE A CA  1 
ATOM   355  C C   . ILE A 1 47 ? 1.785   -3.701  -12.788 1.00 14.66 ? 47  ILE A C   1 
ATOM   356  O O   . ILE A 1 47 ? 1.686   -4.910  -12.999 1.00 12.65 ? 47  ILE A O   1 
ATOM   357  C CB  . ILE A 1 47 ? -0.245  -2.216  -12.734 1.00 16.77 ? 47  ILE A CB  1 
ATOM   358  C CG1 . ILE A 1 47 ? -1.164  -3.360  -12.283 1.00 15.38 ? 47  ILE A CG1 1 
ATOM   359  C CG2 . ILE A 1 47 ? -0.922  -1.075  -13.512 1.00 18.87 ? 47  ILE A CG2 1 
ATOM   360  C CD1 . ILE A 1 47 ? -2.183  -2.974  -11.191 1.00 14.74 ? 47  ILE A CD1 1 
ATOM   361  N N   . GLY A 1 48 ? 2.649   -3.234  -11.871 1.00 12.99 ? 48  GLY A N   1 
ATOM   362  C CA  . GLY A 1 48 ? 3.426   -4.110  -11.021 1.00 11.37 ? 48  GLY A CA  1 
ATOM   363  C C   . GLY A 1 48 ? 3.033   -3.996  -9.576  1.00 12.65 ? 48  GLY A C   1 
ATOM   364  O O   . GLY A 1 48 ? 2.510   -2.984  -9.078  1.00 16.72 ? 48  GLY A O   1 
ATOM   365  N N   . GLY A 1 49 ? 3.294   -5.052  -8.857  1.00 13.86 ? 49  GLY A N   1 
ATOM   366  C CA  . GLY A 1 49 ? 3.032   -5.104  -7.435  1.00 15.68 ? 49  GLY A CA  1 
ATOM   367  C C   . GLY A 1 49 ? 4.224   -5.835  -6.837  1.00 19.91 ? 49  GLY A C   1 
ATOM   368  O O   . GLY A 1 49 ? 5.251   -6.075  -7.507  1.00 17.68 ? 49  GLY A O   1 
ATOM   369  N N   . ILE A 1 50 ? 4.086   -6.300  -5.612  1.00 18.74 ? 50  ILE A N   1 
ATOM   370  C CA  . ILE A 1 50 ? 5.187   -6.974  -4.947  1.00 20.39 ? 50  ILE A CA  1 
ATOM   371  C C   . ILE A 1 50 ? 5.626   -8.227  -5.686  1.00 21.53 ? 50  ILE A C   1 
ATOM   372  O O   . ILE A 1 50 ? 6.833   -8.495  -5.713  1.00 22.93 ? 50  ILE A O   1 
ATOM   373  C CB  . ILE A 1 50 ? 4.778   -7.348  -3.480  1.00 23.92 ? 50  ILE A CB  1 
ATOM   374  C CG1 . ILE A 1 50 ? 6.030   -7.653  -2.666  1.00 22.67 ? 50  ILE A CG1 1 
ATOM   375  C CG2 . ILE A 1 50 ? 3.818   -8.551  -3.464  1.00 24.10 ? 50  ILE A CG2 1 
ATOM   376  C CD1 . ILE A 1 50 ? 6.799   -6.379  -2.340  1.00 24.39 ? 50  ILE A CD1 1 
ATOM   377  N N   . GLY A 1 51 ? 4.682   -8.968  -6.288  1.00 16.36 ? 51  GLY A N   1 
ATOM   378  C CA  . GLY A 1 51 ? 5.019   -10.236 -6.906  1.00 15.29 ? 51  GLY A CA  1 
ATOM   379  C C   . GLY A 1 51 ? 5.373   -10.111 -8.377  1.00 16.34 ? 51  GLY A C   1 
ATOM   380  O O   . GLY A 1 51 ? 5.722   -11.108 -8.996  1.00 18.46 ? 51  GLY A O   1 
ATOM   381  N N   . GLY A 1 52 ? 5.284   -8.962  -9.046  1.00 14.85 ? 52  GLY A N   1 
ATOM   382  C CA  . GLY A 1 52 ? 5.559   -8.875  -10.461 1.00 13.70 ? 52  GLY A CA  1 
ATOM   383  C C   . GLY A 1 52 ? 4.495   -8.045  -11.127 1.00 14.86 ? 52  GLY A C   1 
ATOM   384  O O   . GLY A 1 52 ? 3.796   -7.303  -10.463 1.00 14.29 ? 52  GLY A O   1 
ATOM   385  N N   . PHE A 1 53 ? 4.364   -8.204  -12.435 1.00 16.62 ? 53  PHE A N   1 
ATOM   386  C CA  . PHE A 1 53 ? 3.511   -7.391  -13.286 1.00 18.04 ? 53  PHE A CA  1 
ATOM   387  C C   . PHE A 1 53 ? 2.342   -8.220  -13.722 1.00 19.25 ? 53  PHE A C   1 
ATOM   388  O O   . PHE A 1 53 ? 2.505   -9.431  -13.907 1.00 17.52 ? 53  PHE A O   1 
ATOM   389  C CB  . PHE A 1 53 ? 4.305   -6.914  -14.523 1.00 17.54 ? 53  PHE A CB  1 
ATOM   390  C CG  . PHE A 1 53 ? 5.206   -5.748  -14.158 1.00 19.79 ? 53  PHE A CG  1 
ATOM   391  C CD1 . PHE A 1 53 ? 6.324   -5.942  -13.329 1.00 21.72 ? 53  PHE A CD1 1 
ATOM   392  C CD2 . PHE A 1 53 ? 4.851   -4.455  -14.570 1.00 21.62 ? 53  PHE A CD2 1 
ATOM   393  C CE1 . PHE A 1 53 ? 7.079   -4.837  -12.903 1.00 21.97 ? 53  PHE A CE1 1 
ATOM   394  C CE2 . PHE A 1 53 ? 5.607   -3.350  -14.147 1.00 22.48 ? 53  PHE A CE2 1 
ATOM   395  C CZ  . PHE A 1 53 ? 6.715   -3.547  -13.309 1.00 25.06 ? 53  PHE A CZ  1 
ATOM   396  N N   . ILE A 1 54 ? 1.171   -7.590  -13.825 1.00 21.11 ? 54  ILE A N   1 
ATOM   397  C CA  . ILE A 1 54 ? -0.079  -8.211  -14.288 1.00 16.91 ? 54  ILE A CA  1 
ATOM   398  C C   . ILE A 1 54 ? -0.696  -7.270  -15.331 1.00 17.14 ? 54  ILE A C   1 
ATOM   399  O O   . ILE A 1 54 ? -0.358  -6.089  -15.415 1.00 16.59 ? 54  ILE A O   1 
ATOM   400  C CB  . ILE A 1 54 ? -1.137  -8.439  -13.151 1.00 11.68 ? 54  ILE A CB  1 
ATOM   401  C CG1 . ILE A 1 54 ? -1.533  -7.181  -12.443 1.00 10.69 ? 54  ILE A CG1 1 
ATOM   402  C CG2 . ILE A 1 54 ? -0.507  -9.311  -12.056 1.00 13.26 ? 54  ILE A CG2 1 
ATOM   403  C CD1 . ILE A 1 54 ? -2.772  -7.303  -11.522 1.00 9.05  ? 54  ILE A CD1 1 
ATOM   404  N N   . LYS A 1 55 ? -1.573  -7.795  -16.177 1.00 15.34 ? 55  LYS A N   1 
ATOM   405  C CA  . LYS A 1 55 ? -2.320  -7.008  -17.128 1.00 17.58 ? 55  LYS A CA  1 
ATOM   406  C C   . LYS A 1 55 ? -3.699  -6.764  -16.502 1.00 15.55 ? 55  LYS A C   1 
ATOM   407  O O   . LYS A 1 55 ? -4.325  -7.611  -15.841 1.00 16.09 ? 55  LYS A O   1 
ATOM   408  C CB  . LYS A 1 55 ? -2.442  -7.782  -18.472 1.00 17.80 ? 55  LYS A CB  1 
ATOM   409  N N   . VAL A 1 56 ? -4.158  -5.535  -16.684 1.00 15.67 ? 56  VAL A N   1 
ATOM   410  C CA  . VAL A 1 56 ? -5.419  -5.059  -16.178 1.00 11.85 ? 56  VAL A CA  1 
ATOM   411  C C   . VAL A 1 56 ? -6.196  -4.354  -17.274 1.00 14.01 ? 56  VAL A C   1 
ATOM   412  O O   . VAL A 1 56 ? -5.639  -4.021  -18.316 1.00 13.90 ? 56  VAL A O   1 
ATOM   413  C CB  . VAL A 1 56 ? -5.212  -4.065  -15.009 1.00 8.82  ? 56  VAL A CB  1 
ATOM   414  C CG1 . VAL A 1 56 ? -4.720  -4.849  -13.763 1.00 11.77 ? 56  VAL A CG1 1 
ATOM   415  C CG2 . VAL A 1 56 ? -4.250  -2.952  -15.466 1.00 4.52  ? 56  VAL A CG2 1 
ATOM   416  N N   . ARG A 1 57 ? -7.473  -4.051  -17.022 1.00 14.70 ? 57  ARG A N   1 
ATOM   417  C CA  . ARG A 1 57 ? -8.314  -3.321  -17.949 1.00 16.20 ? 57  ARG A CA  1 
ATOM   418  C C   . ARG A 1 57 ? -8.344  -1.950  -17.325 1.00 16.32 ? 57  ARG A C   1 
ATOM   419  O O   . ARG A 1 57 ? -8.624  -1.880  -16.122 1.00 17.08 ? 57  ARG A O   1 
ATOM   420  C CB  . ARG A 1 57 ? -9.715  -3.851  -17.952 1.00 19.42 ? 57  ARG A CB  1 
ATOM   421  C CG  . ARG A 1 57 ? -9.811  -5.274  -18.390 1.00 24.40 ? 57  ARG A CG  1 
ATOM   422  C CD  . ARG A 1 57 ? -11.229 -5.739  -18.204 1.00 31.80 ? 57  ARG A CD  1 
ATOM   423  N NE  . ARG A 1 57 ? -11.165 -7.075  -18.749 1.00 43.94 ? 57  ARG A NE  1 
ATOM   424  C CZ  . ARG A 1 57 ? -12.057 -7.572  -19.620 1.00 47.78 ? 57  ARG A CZ  1 
ATOM   425  N NH1 . ARG A 1 57 ? -13.178 -6.910  -19.938 1.00 48.72 ? 57  ARG A NH1 1 
ATOM   426  N NH2 . ARG A 1 57 ? -11.830 -8.786  -20.153 1.00 48.97 ? 57  ARG A NH2 1 
ATOM   427  N N   . GLN A 1 58 ? -8.106  -0.886  -18.070 1.00 12.89 ? 58  GLN A N   1 
ATOM   428  C CA  . GLN A 1 58 ? -8.118  0.435   -17.494 1.00 14.91 ? 58  GLN A CA  1 
ATOM   429  C C   . GLN A 1 58 ? -9.424  1.077   -17.936 1.00 18.87 ? 58  GLN A C   1 
ATOM   430  O O   . GLN A 1 58 ? -9.646  1.133   -19.153 1.00 17.57 ? 58  GLN A O   1 
ATOM   431  C CB  . GLN A 1 58 ? -6.979  1.243   -18.019 1.00 12.04 ? 58  GLN A CB  1 
ATOM   432  C CG  . GLN A 1 58 ? -7.044  2.697   -17.529 1.00 19.46 ? 58  GLN A CG  1 
ATOM   433  C CD  . GLN A 1 58 ? -5.914  3.587   -18.019 1.00 22.63 ? 58  GLN A CD  1 
ATOM   434  O OE1 . GLN A 1 58 ? -4.853  3.109   -18.370 1.00 25.09 ? 58  GLN A OE1 1 
ATOM   435  N NE2 . GLN A 1 58 ? -5.977  4.907   -18.064 1.00 24.19 ? 58  GLN A NE2 1 
ATOM   436  N N   . TYR A 1 59 ? -10.245 1.514   -16.970 1.00 17.42 ? 59  TYR A N   1 
ATOM   437  C CA  . TYR A 1 59 ? -11.418 2.321   -17.203 1.00 18.09 ? 59  TYR A CA  1 
ATOM   438  C C   . TYR A 1 59 ? -11.162 3.756   -16.703 1.00 21.15 ? 59  TYR A C   1 
ATOM   439  O O   . TYR A 1 59 ? -10.711 3.994   -15.571 1.00 20.94 ? 59  TYR A O   1 
ATOM   440  C CB  . TYR A 1 59 ? -12.593 1.795   -16.453 1.00 17.07 ? 59  TYR A CB  1 
ATOM   441  C CG  . TYR A 1 59 ? -13.036 0.426   -16.900 1.00 18.35 ? 59  TYR A CG  1 
ATOM   442  C CD1 . TYR A 1 59 ? -12.473 -0.704  -16.329 1.00 19.22 ? 59  TYR A CD1 1 
ATOM   443  C CD2 . TYR A 1 59 ? -14.037 0.313   -17.859 1.00 21.56 ? 59  TYR A CD2 1 
ATOM   444  C CE1 . TYR A 1 59 ? -12.914 -1.959  -16.712 1.00 22.05 ? 59  TYR A CE1 1 
ATOM   445  C CE2 . TYR A 1 59 ? -14.487 -0.945  -18.247 1.00 20.89 ? 59  TYR A CE2 1 
ATOM   446  C CZ  . TYR A 1 59 ? -13.927 -2.066  -17.662 1.00 22.62 ? 59  TYR A CZ  1 
ATOM   447  O OH  . TYR A 1 59 ? -14.408 -3.307  -17.991 1.00 26.00 ? 59  TYR A OH  1 
ATOM   448  N N   . ASP A 1 60 ? -11.367 4.762   -17.547 1.00 21.82 ? 60  ASP A N   1 
ATOM   449  C CA  . ASP A 1 60 ? -11.200 6.161   -17.167 1.00 23.77 ? 60  ASP A CA  1 
ATOM   450  C C   . ASP A 1 60 ? -12.494 6.836   -16.771 1.00 24.16 ? 60  ASP A C   1 
ATOM   451  O O   . ASP A 1 60 ? -13.623 6.410   -17.075 1.00 22.36 ? 60  ASP A O   1 
ATOM   452  C CB  . ASP A 1 60 ? -10.593 6.985   -18.301 1.00 27.58 ? 60  ASP A CB  1 
ATOM   453  C CG  . ASP A 1 60 ? -9.119  6.718   -18.558 1.00 32.26 ? 60  ASP A CG  1 
ATOM   454  O OD1 . ASP A 1 60 ? -8.403  6.402   -17.616 1.00 36.13 ? 60  ASP A OD1 1 
ATOM   455  O OD2 . ASP A 1 60 ? -8.663  6.845   -19.689 1.00 35.70 ? 60  ASP A OD2 1 
ATOM   456  N N   . GLN A 1 61 ? -12.247 7.912   -16.023 1.00 22.29 ? 61  GLN A N   1 
ATOM   457  C CA  . GLN A 1 61 ? -13.309 8.770   -15.583 1.00 24.40 ? 61  GLN A CA  1 
ATOM   458  C C   . GLN A 1 61 ? -14.475 8.050   -14.929 1.00 24.63 ? 61  GLN A C   1 
ATOM   459  O O   . GLN A 1 61 ? -15.625 8.379   -15.200 1.00 24.49 ? 61  GLN A O   1 
ATOM   460  C CB  . GLN A 1 61 ? -13.793 9.603   -16.799 1.00 30.26 ? 61  GLN A CB  1 
ATOM   461  C CG  . GLN A 1 61 ? -12.778 10.632  -17.308 1.00 34.60 ? 61  GLN A CG  1 
ATOM   462  C CD  . GLN A 1 61 ? -12.343 11.610  -16.229 1.00 35.56 ? 61  GLN A CD  1 
ATOM   463  O OE1 . GLN A 1 61 ? -11.159 11.860  -15.953 1.00 35.35 ? 61  GLN A OE1 1 
ATOM   464  N NE2 . GLN A 1 61 ? -13.377 12.142  -15.594 1.00 40.70 ? 61  GLN A NE2 1 
ATOM   465  N N   . ILE A 1 62 ? -14.208 7.088   -14.039 1.00 21.94 ? 62  ILE A N   1 
ATOM   466  C CA  . ILE A 1 62 ? -15.223 6.319   -13.358 1.00 16.26 ? 62  ILE A CA  1 
ATOM   467  C C   . ILE A 1 62 ? -15.528 7.068   -12.082 1.00 16.70 ? 62  ILE A C   1 
ATOM   468  O O   . ILE A 1 62 ? -14.619 7.573   -11.437 1.00 20.59 ? 62  ILE A O   1 
ATOM   469  C CB  . ILE A 1 62 ? -14.704 4.907   -13.041 1.00 15.77 ? 62  ILE A CB  1 
ATOM   470  C CG1 . ILE A 1 62 ? -14.383 4.148   -14.307 1.00 16.81 ? 62  ILE A CG1 1 
ATOM   471  C CG2 . ILE A 1 62 ? -15.779 4.118   -12.313 1.00 14.26 ? 62  ILE A CG2 1 
ATOM   472  C CD1 . ILE A 1 62 ? -15.585 3.854   -15.271 1.00 20.62 ? 62  ILE A CD1 1 
ATOM   473  N N   . PRO A 1 63 ? -16.768 7.191   -11.674 1.00 16.45 ? 63  PRO A N   1 
ATOM   474  C CA  . PRO A 1 63 ? -17.154 7.740   -10.405 1.00 16.78 ? 63  PRO A CA  1 
ATOM   475  C C   . PRO A 1 63 ? -17.102 6.682   -9.320  1.00 18.71 ? 63  PRO A C   1 
ATOM   476  O O   . PRO A 1 63 ? -17.629 5.572   -9.528  1.00 18.89 ? 63  PRO A O   1 
ATOM   477  C CB  . PRO A 1 63 ? -18.526 8.265   -10.650 1.00 22.01 ? 63  PRO A CB  1 
ATOM   478  C CG  . PRO A 1 63 ? -18.672 8.317   -12.159 1.00 24.83 ? 63  PRO A CG  1 
ATOM   479  C CD  . PRO A 1 63 ? -17.911 7.083   -12.571 1.00 23.06 ? 63  PRO A CD  1 
ATOM   480  N N   . VAL A 1 64 ? -16.466 6.973   -8.178  1.00 13.84 ? 64  VAL A N   1 
ATOM   481  C CA  . VAL A 1 64 ? -16.336 5.999   -7.109  1.00 13.83 ? 64  VAL A CA  1 
ATOM   482  C C   . VAL A 1 64 ? -16.648 6.766   -5.841  1.00 17.55 ? 64  VAL A C   1 
ATOM   483  O O   . VAL A 1 64 ? -16.193 7.908   -5.673  1.00 18.70 ? 64  VAL A O   1 
ATOM   484  C CB  . VAL A 1 64 ? -14.922 5.466   -7.019  1.00 14.22 ? 64  VAL A CB  1 
ATOM   485  C CG1 . VAL A 1 64 ? -14.859 4.370   -5.968  1.00 15.84 ? 64  VAL A CG1 1 
ATOM   486  C CG2 . VAL A 1 64 ? -14.516 4.862   -8.335  1.00 12.77 ? 64  VAL A CG2 1 
ATOM   487  N N   . GLU A 1 65 ? -17.427 6.219   -4.904  1.00 18.52 ? 65  GLU A N   1 
ATOM   488  C CA  . GLU A 1 65 ? -17.761 6.966   -3.716  1.00 18.66 ? 65  GLU A CA  1 
ATOM   489  C C   . GLU A 1 65 ? -17.061 6.256   -2.595  1.00 19.28 ? 65  GLU A C   1 
ATOM   490  O O   . GLU A 1 65 ? -17.369 5.084   -2.409  1.00 20.37 ? 65  GLU A O   1 
ATOM   491  C CB  . GLU A 1 65 ? -19.236 6.927   -3.581  1.00 24.91 ? 65  GLU A CB  1 
ATOM   492  C CG  . GLU A 1 65 ? -19.667 7.861   -2.509  1.00 31.53 ? 65  GLU A CG  1 
ATOM   493  C CD  . GLU A 1 65 ? -21.182 7.876   -2.493  1.00 37.33 ? 65  GLU A CD  1 
ATOM   494  O OE1 . GLU A 1 65 ? -21.784 6.910   -1.990  1.00 39.78 ? 65  GLU A OE1 1 
ATOM   495  O OE2 . GLU A 1 65 ? -21.735 8.855   -3.006  1.00 39.13 ? 65  GLU A OE2 1 
ATOM   496  N N   . ILE A 1 66 ? -16.121 6.863   -1.873  1.00 17.86 ? 66  ILE A N   1 
ATOM   497  C CA  . ILE A 1 66 ? -15.296 6.151   -0.901  1.00 17.50 ? 66  ILE A CA  1 
ATOM   498  C C   . ILE A 1 66 ? -15.686 6.726   0.413   1.00 18.17 ? 66  ILE A C   1 
ATOM   499  O O   . ILE A 1 66 ? -15.417 7.916   0.631   1.00 12.90 ? 66  ILE A O   1 
ATOM   500  C CB  . ILE A 1 66 ? -13.821 6.443   -1.182  1.00 19.34 ? 66  ILE A CB  1 
ATOM   501  C CG1 . ILE A 1 66 ? -13.511 5.993   -2.578  1.00 22.17 ? 66  ILE A CG1 1 
ATOM   502  C CG2 . ILE A 1 66 ? -12.918 5.689   -0.251  1.00 19.76 ? 66  ILE A CG2 1 
ATOM   503  C CD1 . ILE A 1 66 ? -12.193 6.522   -3.156  1.00 23.73 ? 66  ILE A CD1 1 
ATOM   504  N N   . CYS A 1 67 ? -16.360 5.955   1.274   1.00 21.09 ? 67  CYS A N   1 
ATOM   505  C CA  . CYS A 1 67 ? -16.844 6.501   2.543   1.00 27.98 ? 67  CYS A CA  1 
ATOM   506  C C   . CYS A 1 67 ? -17.674 7.786   2.408   1.00 28.76 ? 67  CYS A C   1 
ATOM   507  O O   . CYS A 1 67 ? -17.595 8.741   3.198   1.00 30.28 ? 67  CYS A O   1 
ATOM   508  C CB  . CYS A 1 67 ? -15.707 6.830   3.485   1.00 34.12 ? 67  CYS A CB  1 
ATOM   509  S SG  . CYS A 1 67 ? -15.078 5.486   4.487   1.00 43.95 ? 67  CYS A SG  1 
ATOM   510  N N   . GLY A 1 68 ? -18.470 7.858   1.342   1.00 30.06 ? 68  GLY A N   1 
ATOM   511  C CA  . GLY A 1 68 ? -19.272 9.039   1.106   1.00 30.59 ? 68  GLY A CA  1 
ATOM   512  C C   . GLY A 1 68 ? -18.474 10.143  0.430   1.00 30.23 ? 68  GLY A C   1 
ATOM   513  O O   . GLY A 1 68 ? -19.056 11.194  0.169   1.00 34.82 ? 68  GLY A O   1 
ATOM   514  N N   . HIS A 1 69 ? -17.183 10.051  0.083   1.00 26.10 ? 69  HIS A N   1 
ATOM   515  C CA  . HIS A 1 69 ? -16.522 11.184  -0.569  1.00 20.45 ? 69  HIS A CA  1 
ATOM   516  C C   . HIS A 1 69 ? -16.447 10.793  -2.010  1.00 19.75 ? 69  HIS A C   1 
ATOM   517  O O   . HIS A 1 69 ? -16.137 9.641   -2.294  1.00 22.37 ? 69  HIS A O   1 
ATOM   518  C CB  . HIS A 1 69 ? -15.156 11.385  -0.021  1.00 20.25 ? 69  HIS A CB  1 
ATOM   519  C CG  . HIS A 1 69 ? -15.137 11.892  1.418   1.00 22.24 ? 69  HIS A CG  1 
ATOM   520  N ND1 . HIS A 1 69 ? -15.766 11.452  2.515   1.00 25.31 ? 69  HIS A ND1 1 
ATOM   521  C CD2 . HIS A 1 69 ? -14.334 12.933  1.824   1.00 26.03 ? 69  HIS A CD2 1 
ATOM   522  C CE1 . HIS A 1 69 ? -15.375 12.162  3.545   1.00 22.82 ? 69  HIS A CE1 1 
ATOM   523  N NE2 . HIS A 1 69 ? -14.509 13.058  3.119   1.00 26.35 ? 69  HIS A NE2 1 
ATOM   524  N N   . LYS A 1 70 ? -16.758 11.682  -2.935  1.00 18.34 ? 70  LYS A N   1 
ATOM   525  C CA  . LYS A 1 70 ? -16.854 11.336  -4.340  1.00 20.42 ? 70  LYS A CA  1 
ATOM   526  C C   . LYS A 1 70 ? -15.492 11.561  -4.991  1.00 17.60 ? 70  LYS A C   1 
ATOM   527  O O   . LYS A 1 70 ? -14.754 12.478  -4.624  1.00 19.28 ? 70  LYS A O   1 
ATOM   528  C CB  . LYS A 1 70 ? -17.930 12.222  -5.041  1.00 20.71 ? 70  LYS A CB  1 
ATOM   529  N N   . ALA A 1 71 ? -15.150 10.666  -5.884  1.00 14.52 ? 71  ALA A N   1 
ATOM   530  C CA  . ALA A 1 71 ? -13.935 10.729  -6.656  1.00 15.96 ? 71  ALA A CA  1 
ATOM   531  C C   . ALA A 1 71 ? -14.358 10.365  -8.098  1.00 15.09 ? 71  ALA A C   1 
ATOM   532  O O   . ALA A 1 71 ? -15.362 9.667   -8.335  1.00 15.25 ? 71  ALA A O   1 
ATOM   533  C CB  . ALA A 1 71 ? -12.928 9.696   -6.093  1.00 12.49 ? 71  ALA A CB  1 
ATOM   534  N N   . ILE A 1 72 ? -13.674 10.860  -9.116  1.00 11.38 ? 72  ILE A N   1 
ATOM   535  C CA  . ILE A 1 72 ? -13.919 10.448  -10.481 1.00 14.51 ? 72  ILE A CA  1 
ATOM   536  C C   . ILE A 1 72 ? -12.535 10.228  -11.067 1.00 12.36 ? 72  ILE A C   1 
ATOM   537  O O   . ILE A 1 72 ? -11.757 11.186  -11.253 1.00 15.80 ? 72  ILE A O   1 
ATOM   538  C CB  . ILE A 1 72 ? -14.718 11.572  -11.257 1.00 13.18 ? 72  ILE A CB  1 
ATOM   539  C CG1 . ILE A 1 72 ? -16.094 11.800  -10.640 1.00 14.58 ? 72  ILE A CG1 1 
ATOM   540  C CG2 . ILE A 1 72 ? -14.827 11.148  -12.720 1.00 14.80 ? 72  ILE A CG2 1 
ATOM   541  C CD1 . ILE A 1 72 ? -16.861 13.058  -11.096 1.00 16.49 ? 72  ILE A CD1 1 
ATOM   542  N N   . GLY A 1 73 ? -12.178 9.017   -11.412 1.00 10.74 ? 73  GLY A N   1 
ATOM   543  C CA  . GLY A 1 73 ? -10.829 8.791   -11.860 1.00 11.79 ? 73  GLY A CA  1 
ATOM   544  C C   . GLY A 1 73 ? -10.683 7.452   -12.508 1.00 13.18 ? 73  GLY A C   1 
ATOM   545  O O   . GLY A 1 73 ? -11.668 6.791   -12.799 1.00 16.62 ? 73  GLY A O   1 
ATOM   546  N N   . THR A 1 74 ? -9.457  7.100   -12.806 1.00 15.18 ? 74  THR A N   1 
ATOM   547  C CA  . THR A 1 74 ? -9.135  5.859   -13.479 1.00 17.94 ? 74  THR A CA  1 
ATOM   548  C C   . THR A 1 74 ? -9.257  4.730   -12.454 1.00 17.99 ? 74  THR A C   1 
ATOM   549  O O   . THR A 1 74 ? -8.892  4.909   -11.290 1.00 14.28 ? 74  THR A O   1 
ATOM   550  C CB  . THR A 1 74 ? -7.712  5.973   -14.013 1.00 15.86 ? 74  THR A CB  1 
ATOM   551  O OG1 . THR A 1 74 ? -7.773  7.058   -14.900 1.00 16.23 ? 74  THR A OG1 1 
ATOM   552  C CG2 . THR A 1 74 ? -7.172  4.727   -14.701 1.00 15.51 ? 74  THR A CG2 1 
ATOM   553  N N   . VAL A 1 75 ? -9.803  3.605   -12.899 1.00 17.42 ? 75  VAL A N   1 
ATOM   554  C CA  . VAL A 1 75 ? -9.981  2.405   -12.098 1.00 16.71 ? 75  VAL A CA  1 
ATOM   555  C C   . VAL A 1 75 ? -9.378  1.295   -12.983 1.00 18.53 ? 75  VAL A C   1 
ATOM   556  O O   . VAL A 1 75 ? -9.630  1.246   -14.204 1.00 16.24 ? 75  VAL A O   1 
ATOM   557  C CB  . VAL A 1 75 ? -11.490 2.193   -11.857 1.00 19.56 ? 75  VAL A CB  1 
ATOM   558  C CG1 . VAL A 1 75 ? -11.828 0.799   -11.322 1.00 20.05 ? 75  VAL A CG1 1 
ATOM   559  C CG2 . VAL A 1 75 ? -11.900 3.204   -10.821 1.00 17.06 ? 75  VAL A CG2 1 
ATOM   560  N N   . LEU A 1 76 ? -8.537  0.436   -12.400 1.00 16.03 ? 76  LEU A N   1 
ATOM   561  C CA  . LEU A 1 76 ? -7.910  -0.657  -13.119 1.00 14.75 ? 76  LEU A CA  1 
ATOM   562  C C   . LEU A 1 76 ? -8.620  -1.884  -12.576 1.00 13.49 ? 76  LEU A C   1 
ATOM   563  O O   . LEU A 1 76 ? -8.945  -1.931  -11.381 1.00 13.34 ? 76  LEU A O   1 
ATOM   564  C CB  . LEU A 1 76 ? -6.380  -0.697  -12.825 1.00 13.40 ? 76  LEU A CB  1 
ATOM   565  C CG  . LEU A 1 76 ? -5.588  0.634   -12.979 1.00 14.51 ? 76  LEU A CG  1 
ATOM   566  C CD1 . LEU A 1 76 ? -4.134  0.379   -12.725 1.00 12.52 ? 76  LEU A CD1 1 
ATOM   567  C CD2 . LEU A 1 76 ? -5.698  1.200   -14.366 1.00 14.36 ? 76  LEU A CD2 1 
ATOM   568  N N   . VAL A 1 77 ? -8.963  -2.832  -13.449 1.00 13.03 ? 77  VAL A N   1 
ATOM   569  C CA  . VAL A 1 77 ? -9.666  -4.052  -13.037 1.00 12.67 ? 77  VAL A CA  1 
ATOM   570  C C   . VAL A 1 77 ? -8.833  -5.237  -13.496 1.00 12.57 ? 77  VAL A C   1 
ATOM   571  O O   . VAL A 1 77 ? -8.443  -5.367  -14.663 1.00 12.12 ? 77  VAL A O   1 
ATOM   572  C CB  . VAL A 1 77 ? -11.098 -4.073  -13.675 1.00 10.89 ? 77  VAL A CB  1 
ATOM   573  C CG1 . VAL A 1 77 ? -11.762 -5.387  -13.460 1.00 11.84 ? 77  VAL A CG1 1 
ATOM   574  C CG2 . VAL A 1 77 ? -12.013 -3.089  -12.954 1.00 13.55 ? 77  VAL A CG2 1 
ATOM   575  N N   . GLY A 1 78 ? -8.531  -6.118  -12.566 1.00 14.99 ? 78  GLY A N   1 
ATOM   576  C CA  . GLY A 1 78 ? -7.755  -7.253  -12.940 1.00 14.44 ? 78  GLY A CA  1 
ATOM   577  C C   . GLY A 1 78 ? -7.546  -8.112  -11.747 1.00 12.82 ? 78  GLY A C   1 
ATOM   578  O O   . GLY A 1 78 ? -8.166  -7.880  -10.727 1.00 14.29 ? 78  GLY A O   1 
ATOM   579  N N   . PRO A 1 79 ? -6.649  -9.093  -11.827 1.00 18.56 ? 79  PRO A N   1 
ATOM   580  C CA  . PRO A 1 79 ? -6.440  -10.115 -10.809 1.00 16.43 ? 79  PRO A CA  1 
ATOM   581  C C   . PRO A 1 79 ? -5.585  -9.754  -9.599  1.00 15.51 ? 79  PRO A C   1 
ATOM   582  O O   . PRO A 1 79 ? -4.525  -10.287 -9.302  1.00 18.73 ? 79  PRO A O   1 
ATOM   583  C CB  . PRO A 1 79 ? -5.939  -11.255 -11.679 1.00 18.20 ? 79  PRO A CB  1 
ATOM   584  C CG  . PRO A 1 79 ? -5.044  -10.576 -12.706 1.00 17.93 ? 79  PRO A CG  1 
ATOM   585  C CD  . PRO A 1 79 ? -5.868  -9.370  -13.057 1.00 17.76 ? 79  PRO A CD  1 
ATOM   586  N N   . THR A 1 80 ? -6.108  -8.831  -8.834  1.00 19.32 ? 80  THR A N   1 
ATOM   587  C CA  . THR A 1 80 ? -5.549  -8.351  -7.592  1.00 16.51 ? 80  THR A CA  1 
ATOM   588  C C   . THR A 1 80 ? -6.145  -9.238  -6.502  1.00 17.13 ? 80  THR A C   1 
ATOM   589  O O   . THR A 1 80 ? -7.328  -9.573  -6.589  1.00 16.59 ? 80  THR A O   1 
ATOM   590  C CB  . THR A 1 80 ? -5.951  -6.870  -7.341  1.00 15.16 ? 80  THR A CB  1 
ATOM   591  O OG1 . THR A 1 80 ? -5.343  -6.583  -6.086  1.00 15.18 ? 80  THR A OG1 1 
ATOM   592  C CG2 . THR A 1 80 ? -7.462  -6.568  -7.348  1.00 12.74 ? 80  THR A CG2 1 
ATOM   593  N N   . PRO A 1 81 ? -5.397  -9.603  -5.436  1.00 16.97 ? 81  PRO A N   1 
ATOM   594  C CA  . PRO A 1 81 ? -5.912  -10.340 -4.313  1.00 13.47 ? 81  PRO A CA  1 
ATOM   595  C C   . PRO A 1 81 ? -6.877  -9.515  -3.507  1.00 16.76 ? 81  PRO A C   1 
ATOM   596  O O   . PRO A 1 81 ? -7.619  -10.115 -2.746  1.00 18.21 ? 81  PRO A O   1 
ATOM   597  C CB  . PRO A 1 81 ? -4.680  -10.744 -3.553  1.00 13.94 ? 81  PRO A CB  1 
ATOM   598  C CG  . PRO A 1 81 ? -3.699  -9.667  -3.841  1.00 12.86 ? 81  PRO A CG  1 
ATOM   599  C CD  . PRO A 1 81 ? -3.945  -9.430  -5.304  1.00 15.99 ? 81  PRO A CD  1 
ATOM   600  N N   . VAL A 1 82 ? -6.912  -8.173  -3.607  1.00 18.57 ? 82  VAL A N   1 
ATOM   601  C CA  . VAL A 1 82 ? -7.791  -7.340  -2.777  1.00 17.62 ? 82  VAL A CA  1 
ATOM   602  C C   . VAL A 1 82 ? -8.076  -6.028  -3.540  1.00 17.32 ? 82  VAL A C   1 
ATOM   603  O O   . VAL A 1 82 ? -7.258  -5.576  -4.323  1.00 15.56 ? 82  VAL A O   1 
ATOM   604  C CB  . VAL A 1 82 ? -7.065  -7.109  -1.397  1.00 20.44 ? 82  VAL A CB  1 
ATOM   605  C CG1 . VAL A 1 82 ? -5.732  -6.356  -1.555  1.00 17.85 ? 82  VAL A CG1 1 
ATOM   606  C CG2 . VAL A 1 82 ? -8.004  -6.361  -0.475  1.00 25.71 ? 82  VAL A CG2 1 
ATOM   607  N N   . ASN A 1 83 ? -9.234  -5.388  -3.394  1.00 15.80 ? 83  ASN A N   1 
ATOM   608  C CA  . ASN A 1 83 ? -9.573  -4.147  -4.072  1.00 13.58 ? 83  ASN A CA  1 
ATOM   609  C C   . ASN A 1 83 ? -8.739  -3.104  -3.368  1.00 13.39 ? 83  ASN A C   1 
ATOM   610  O O   . ASN A 1 83 ? -8.779  -3.094  -2.128  1.00 16.03 ? 83  ASN A O   1 
ATOM   611  C CB  . ASN A 1 83 ? -11.043 -3.825  -3.877  1.00 13.30 ? 83  ASN A CB  1 
ATOM   612  C CG  . ASN A 1 83 ? -11.954 -4.812  -4.572  1.00 13.15 ? 83  ASN A CG  1 
ATOM   613  O OD1 . ASN A 1 83 ? -11.700 -5.217  -5.695  1.00 13.32 ? 83  ASN A OD1 1 
ATOM   614  N ND2 . ASN A 1 83 ? -12.991 -5.301  -3.926  1.00 13.44 ? 83  ASN A ND2 1 
ATOM   615  N N   . ILE A 1 84 ? -7.935  -2.279  -4.032  1.00 10.80 ? 84  ILE A N   1 
ATOM   616  C CA  . ILE A 1 84 ? -7.158  -1.284  -3.355  1.00 9.71  ? 84  ILE A CA  1 
ATOM   617  C C   . ILE A 1 84 ? -7.483  0.083   -3.956  1.00 10.03 ? 84  ILE A C   1 
ATOM   618  O O   . ILE A 1 84 ? -7.728  0.217   -5.154  1.00 9.48  ? 84  ILE A O   1 
ATOM   619  C CB  . ILE A 1 84 ? -5.624  -1.569  -3.437  1.00 16.10 ? 84  ILE A CB  1 
ATOM   620  C CG1 . ILE A 1 84 ? -5.113  -1.470  -4.801  1.00 20.80 ? 84  ILE A CG1 1 
ATOM   621  C CG2 . ILE A 1 84 ? -5.337  -2.957  -2.868  1.00 14.33 ? 84  ILE A CG2 1 
ATOM   622  C CD1 . ILE A 1 84 ? -3.719  -2.141  -4.942  1.00 26.90 ? 84  ILE A CD1 1 
ATOM   623  N N   . ILE A 1 85 ? -7.692  1.083   -3.088  1.00 9.51  ? 85  ILE A N   1 
ATOM   624  C CA  . ILE A 1 85 ? -7.884  2.465   -3.512  1.00 9.82  ? 85  ILE A CA  1 
ATOM   625  C C   . ILE A 1 85 ? -6.474  3.062   -3.410  1.00 11.27 ? 85  ILE A C   1 
ATOM   626  O O   . ILE A 1 85 ? -5.880  3.121   -2.323  1.00 9.74  ? 85  ILE A O   1 
ATOM   627  C CB  . ILE A 1 85 ? -8.835  3.205   -2.571  1.00 7.39  ? 85  ILE A CB  1 
ATOM   628  C CG1 . ILE A 1 85 ? -10.198 2.552   -2.454  1.00 6.63  ? 85  ILE A CG1 1 
ATOM   629  C CG2 . ILE A 1 85 ? -9.010  4.572   -3.160  1.00 8.08  ? 85  ILE A CG2 1 
ATOM   630  C CD1 . ILE A 1 85 ? -10.964 2.456   -3.805  1.00 13.27 ? 85  ILE A CD1 1 
ATOM   631  N N   . GLY A 1 86 ? -5.927  3.508   -4.522  1.00 9.35  ? 86  GLY A N   1 
ATOM   632  C CA  . GLY A 1 86 ? -4.569  3.992   -4.514  1.00 8.75  ? 86  GLY A CA  1 
ATOM   633  C C   . GLY A 1 86 ? -4.570  5.496   -4.477  1.00 10.06 ? 86  GLY A C   1 
ATOM   634  O O   . GLY A 1 86 ? -5.605  6.181   -4.438  1.00 8.00  ? 86  GLY A O   1 
ATOM   635  N N   . ARG A 1 87 ? -3.366  6.020   -4.591  1.00 8.53  ? 87  ARG A N   1 
ATOM   636  C CA  . ARG A 1 87 ? -3.168  7.433   -4.454  1.00 9.27  ? 87  ARG A CA  1 
ATOM   637  C C   . ARG A 1 87 ? -3.877  8.265   -5.488  1.00 10.73 ? 87  ARG A C   1 
ATOM   638  O O   . ARG A 1 87 ? -4.281  9.370   -5.132  1.00 12.41 ? 87  ARG A O   1 
ATOM   639  C CB  . ARG A 1 87 ? -1.717  7.702   -4.490  1.00 10.19 ? 87  ARG A CB  1 
ATOM   640  C CG  . ARG A 1 87 ? -1.117  7.390   -3.122  1.00 14.52 ? 87  ARG A CG  1 
ATOM   641  C CD  . ARG A 1 87 ? 0.381   7.279   -3.146  1.00 15.46 ? 87  ARG A CD  1 
ATOM   642  N NE  . ARG A 1 87 ? 0.908   8.319   -3.951  1.00 21.01 ? 87  ARG A NE  1 
ATOM   643  C CZ  . ARG A 1 87 ? 1.365   8.176   -5.194  1.00 20.21 ? 87  ARG A CZ  1 
ATOM   644  N NH1 . ARG A 1 87 ? 1.658   7.034   -5.750  1.00 22.56 ? 87  ARG A NH1 1 
ATOM   645  N NH2 . ARG A 1 87 ? 1.549   9.288   -5.869  1.00 19.72 ? 87  ARG A NH2 1 
ATOM   646  N N   . ASN A 1 88 ? -4.139  7.803   -6.711  1.00 9.13  ? 88  ASN A N   1 
ATOM   647  C CA  . ASN A 1 88 ? -4.918  8.597   -7.680  1.00 9.90  ? 88  ASN A CA  1 
ATOM   648  C C   . ASN A 1 88 ? -6.297  9.016   -7.164  1.00 9.60  ? 88  ASN A C   1 
ATOM   649  O O   . ASN A 1 88 ? -6.719  10.126  -7.478  1.00 13.46 ? 88  ASN A O   1 
ATOM   650  C CB  . ASN A 1 88 ? -5.065  7.806   -9.012  1.00 6.34  ? 88  ASN A CB  1 
ATOM   651  C CG  . ASN A 1 88 ? -6.052  6.669   -8.962  1.00 10.77 ? 88  ASN A CG  1 
ATOM   652  O OD1 . ASN A 1 88 ? -5.993  5.823   -8.093  1.00 12.32 ? 88  ASN A OD1 1 
ATOM   653  N ND2 . ASN A 1 88 ? -7.018  6.567   -9.850  1.00 13.92 ? 88  ASN A ND2 1 
ATOM   654  N N   . LEU A 1 89 ? -6.993  8.197   -6.351  1.00 9.29  ? 89  LEU A N   1 
ATOM   655  C CA  . LEU A 1 89 ? -8.273  8.572   -5.740  1.00 8.83  ? 89  LEU A CA  1 
ATOM   656  C C   . LEU A 1 89 ? -8.235  9.106   -4.313  1.00 9.21  ? 89  LEU A C   1 
ATOM   657  O O   . LEU A 1 89 ? -9.086  9.898   -3.888  1.00 9.71  ? 89  LEU A O   1 
ATOM   658  C CB  . LEU A 1 89 ? -9.238  7.362   -5.832  1.00 11.75 ? 89  LEU A CB  1 
ATOM   659  C CG  . LEU A 1 89 ? -9.566  6.762   -7.224  1.00 12.59 ? 89  LEU A CG  1 
ATOM   660  C CD1 . LEU A 1 89 ? -10.715 5.810   -6.996  1.00 16.72 ? 89  LEU A CD1 1 
ATOM   661  C CD2 . LEU A 1 89 ? -10.020 7.792   -8.276  1.00 11.99 ? 89  LEU A CD2 1 
ATOM   662  N N   . LEU A 1 90 ? -7.228  8.690   -3.526  1.00 9.21  ? 90  LEU A N   1 
ATOM   663  C CA  . LEU A 1 90 ? -7.004  9.160   -2.187  1.00 5.71  ? 90  LEU A CA  1 
ATOM   664  C C   . LEU A 1 90 ? -6.698  10.639  -2.257  1.00 8.68  ? 90  LEU A C   1 
ATOM   665  O O   . LEU A 1 90 ? -7.175  11.380  -1.396  1.00 11.99 ? 90  LEU A O   1 
ATOM   666  C CB  . LEU A 1 90 ? -5.823  8.427   -1.547  1.00 4.57  ? 90  LEU A CB  1 
ATOM   667  C CG  . LEU A 1 90 ? -5.997  6.949   -1.261  1.00 6.60  ? 90  LEU A CG  1 
ATOM   668  C CD1 . LEU A 1 90 ? -4.711  6.410   -0.655  1.00 8.35  ? 90  LEU A CD1 1 
ATOM   669  C CD2 . LEU A 1 90 ? -7.104  6.728   -0.277  1.00 7.97  ? 90  LEU A CD2 1 
ATOM   670  N N   . THR A 1 91 ? -5.958  11.164  -3.216  1.00 6.00  ? 91  THR A N   1 
ATOM   671  C CA  . THR A 1 91 ? -5.757  12.599  -3.290  1.00 9.91  ? 91  THR A CA  1 
ATOM   672  C C   . THR A 1 91 ? -7.042  13.354  -3.581  1.00 10.28 ? 91  THR A C   1 
ATOM   673  O O   . THR A 1 91 ? -7.250  14.426  -3.031  1.00 9.26  ? 91  THR A O   1 
ATOM   674  C CB  . THR A 1 91 ? -4.763  12.956  -4.379  1.00 10.67 ? 91  THR A CB  1 
ATOM   675  O OG1 . THR A 1 91 ? -5.295  12.329  -5.533  1.00 13.83 ? 91  THR A OG1 1 
ATOM   676  C CG2 . THR A 1 91 ? -3.343  12.551  -4.074  1.00 8.76  ? 91  THR A CG2 1 
ATOM   677  N N   . GLN A 1 92 ? -7.919  12.838  -4.450  1.00 11.51 ? 92  GLN A N   1 
ATOM   678  C CA  . GLN A 1 92 ? -9.194  13.482  -4.722  1.00 12.81 ? 92  GLN A CA  1 
ATOM   679  C C   . GLN A 1 92 ? -10.040 13.610  -3.466  1.00 16.67 ? 92  GLN A C   1 
ATOM   680  O O   . GLN A 1 92 ? -10.677 14.644  -3.268  1.00 19.35 ? 92  GLN A O   1 
ATOM   681  C CB  . GLN A 1 92 ? -9.986  12.691  -5.709  1.00 10.47 ? 92  GLN A CB  1 
ATOM   682  C CG  . GLN A 1 92 ? -9.340  12.702  -7.046  1.00 11.73 ? 92  GLN A CG  1 
ATOM   683  C CD  . GLN A 1 92 ? -10.310 12.261  -8.116  1.00 12.92 ? 92  GLN A CD  1 
ATOM   684  O OE1 . GLN A 1 92 ? -11.524 12.254  -7.914  1.00 13.73 ? 92  GLN A OE1 1 
ATOM   685  N NE2 . GLN A 1 92 ? -9.824  11.867  -9.288  1.00 15.04 ? 92  GLN A NE2 1 
ATOM   686  N N   . ILE A 1 93 ? -10.056 12.640  -2.536  1.00 18.91 ? 93  ILE A N   1 
ATOM   687  C CA  . ILE A 1 93 ? -10.874 12.813  -1.333  1.00 17.22 ? 93  ILE A CA  1 
ATOM   688  C C   . ILE A 1 93 ? -10.095 13.472  -0.191  1.00 17.14 ? 93  ILE A C   1 
ATOM   689  O O   . ILE A 1 93 ? -10.530 13.484  0.964   1.00 18.96 ? 93  ILE A O   1 
ATOM   690  C CB  . ILE A 1 93 ? -11.488 11.443  -0.843  1.00 14.85 ? 93  ILE A CB  1 
ATOM   691  C CG1 . ILE A 1 93 ? -10.407 10.527  -0.290  1.00 13.04 ? 93  ILE A CG1 1 
ATOM   692  C CG2 . ILE A 1 93 ? -12.274 10.829  -1.992  1.00 8.92  ? 93  ILE A CG2 1 
ATOM   693  C CD1 . ILE A 1 93 ? -10.966 9.266   0.376   1.00 12.11 ? 93  ILE A CD1 1 
ATOM   694  N N   . GLY A 1 94 ? -8.912  13.989  -0.495  1.00 16.27 ? 94  GLY A N   1 
ATOM   695  C CA  . GLY A 1 94 ? -8.158  14.814  0.447   1.00 16.99 ? 94  GLY A CA  1 
ATOM   696  C C   . GLY A 1 94 ? -7.527  14.037  1.581   1.00 20.34 ? 94  GLY A C   1 
ATOM   697  O O   . GLY A 1 94 ? -7.202  14.568  2.644   1.00 18.86 ? 94  GLY A O   1 
ATOM   698  N N   . CYS A 1 95 ? -7.206  12.788  1.313   1.00 18.43 ? 95  CYS A N   1 
ATOM   699  C CA  . CYS A 1 95 ? -6.647  11.938  2.343   1.00 16.94 ? 95  CYS A CA  1 
ATOM   700  C C   . CYS A 1 95 ? -5.171  12.209  2.632   1.00 15.17 ? 95  CYS A C   1 
ATOM   701  O O   . CYS A 1 95 ? -4.381  12.398  1.690   1.00 14.03 ? 95  CYS A O   1 
ATOM   702  C CB  . CYS A 1 95 ? -6.930  10.519  1.861   1.00 19.82 ? 95  CYS A CB  1 
ATOM   703  S SG  . CYS A 1 95 ? -6.304  9.272   2.975   1.00 26.12 ? 95  CYS A SG  1 
ATOM   704  N N   . THR A 1 96 ? -4.738  12.337  3.896   1.00 13.70 ? 96  THR A N   1 
ATOM   705  C CA  . THR A 1 96 ? -3.317  12.484  4.194   1.00 15.28 ? 96  THR A CA  1 
ATOM   706  C C   . THR A 1 96 ? -2.848  11.476  5.235   1.00 16.13 ? 96  THR A C   1 
ATOM   707  O O   . THR A 1 96 ? -3.688  10.927  5.962   1.00 15.65 ? 96  THR A O   1 
ATOM   708  C CB  . THR A 1 96 ? -2.979  13.870  4.747   1.00 13.89 ? 96  THR A CB  1 
ATOM   709  O OG1 . THR A 1 96 ? -3.782  14.101  5.890   1.00 12.23 ? 96  THR A OG1 1 
ATOM   710  C CG2 . THR A 1 96 ? -3.213  14.930  3.692   1.00 15.07 ? 96  THR A CG2 1 
ATOM   711  N N   . LEU A 1 97 ? -1.531  11.221  5.256   1.00 16.39 ? 97  LEU A N   1 
ATOM   712  C CA  . LEU A 1 97 ? -0.924  10.408  6.295   1.00 16.88 ? 97  LEU A CA  1 
ATOM   713  C C   . LEU A 1 97 ? -0.435  11.340  7.379   1.00 19.70 ? 97  LEU A C   1 
ATOM   714  O O   . LEU A 1 97 ? 0.218   12.331  7.086   1.00 21.20 ? 97  LEU A O   1 
ATOM   715  C CB  . LEU A 1 97 ? 0.283   9.650   5.831   1.00 13.59 ? 97  LEU A CB  1 
ATOM   716  C CG  . LEU A 1 97 ? 0.019   8.378   5.050   1.00 16.15 ? 97  LEU A CG  1 
ATOM   717  C CD1 . LEU A 1 97 ? 1.283   8.022   4.304   1.00 13.83 ? 97  LEU A CD1 1 
ATOM   718  C CD2 . LEU A 1 97 ? -0.495  7.291   5.979   1.00 15.11 ? 97  LEU A CD2 1 
ATOM   719  N N   . ASN A 1 98 ? -0.706  11.053  8.632   1.00 20.43 ? 98  ASN A N   1 
ATOM   720  C CA  . ASN A 1 98 ? -0.292  11.911  9.716   1.00 23.58 ? 98  ASN A CA  1 
ATOM   721  C C   . ASN A 1 98 ? 0.322   11.116  10.858  1.00 23.82 ? 98  ASN A C   1 
ATOM   722  O O   . ASN A 1 98 ? -0.109  9.998   11.127  1.00 23.87 ? 98  ASN A O   1 
ATOM   723  C CB  . ASN A 1 98 ? -1.509  12.684  10.213  1.00 27.83 ? 98  ASN A CB  1 
ATOM   724  C CG  . ASN A 1 98 ? -2.015  13.727  9.228   1.00 29.81 ? 98  ASN A CG  1 
ATOM   725  O OD1 . ASN A 1 98 ? -1.557  14.865  9.227   1.00 32.62 ? 98  ASN A OD1 1 
ATOM   726  N ND2 . ASN A 1 98 ? -2.955  13.378  8.366   1.00 31.42 ? 98  ASN A ND2 1 
ATOM   727  N N   . PHE A 1 99 ? 1.337   11.648  11.514  1.00 28.68 ? 99  PHE A N   1 
ATOM   728  C CA  . PHE A 1 99 ? 1.978   11.037  12.677  1.00 34.51 ? 99  PHE A CA  1 
ATOM   729  C C   . PHE A 1 99 ? 2.863   12.030  13.411  1.00 38.61 ? 99  PHE A C   1 
ATOM   730  O O   . PHE A 1 99 ? 3.117   13.098  12.835  1.00 40.61 ? 99  PHE A O   1 
ATOM   731  C CB  . PHE A 1 99 ? 2.846   9.870   12.282  1.00 33.49 ? 99  PHE A CB  1 
ATOM   732  C CG  . PHE A 1 99 ? 3.983   10.164  11.357  1.00 32.22 ? 99  PHE A CG  1 
ATOM   733  C CD1 . PHE A 1 99 ? 3.748   10.262  9.999   1.00 36.47 ? 99  PHE A CD1 1 
ATOM   734  C CD2 . PHE A 1 99 ? 5.266   10.214  11.870  1.00 35.43 ? 99  PHE A CD2 1 
ATOM   735  C CE1 . PHE A 1 99 ? 4.815   10.400  9.123   1.00 37.87 ? 99  PHE A CE1 1 
ATOM   736  C CE2 . PHE A 1 99 ? 6.339   10.350  10.999  1.00 39.77 ? 99  PHE A CE2 1 
ATOM   737  C CZ  . PHE A 1 99 ? 6.116   10.437  9.618   1.00 41.18 ? 99  PHE A CZ  1 
ATOM   738  O OXT . PHE A 1 99 ? 3.344   11.705  14.502  1.00 39.88 ? 99  PHE A OXT 1 
ATOM   739  N N   . PRO B 1 1  ? 4.125   14.960  11.294  1.00 33.17 ? 1   PRO B N   1 
ATOM   740  C CA  . PRO B 1 1  ? 4.015   15.528  9.957   1.00 30.50 ? 1   PRO B CA  1 
ATOM   741  C C   . PRO B 1 1  ? 2.689   15.158  9.343   1.00 29.12 ? 1   PRO B C   1 
ATOM   742  O O   . PRO B 1 1  ? 1.976   14.333  9.898   1.00 27.86 ? 1   PRO B O   1 
ATOM   743  C CB  . PRO B 1 1  ? 5.116   14.984  9.103   1.00 30.78 ? 1   PRO B CB  1 
ATOM   744  C CG  . PRO B 1 1  ? 5.583   13.798  9.909   1.00 32.90 ? 1   PRO B CG  1 
ATOM   745  C CD  . PRO B 1 1  ? 5.435   14.349  11.304  1.00 32.92 ? 1   PRO B CD  1 
ATOM   746  N N   . GLN B 1 2  ? 2.383   15.766  8.216   1.00 29.86 ? 2   GLN B N   1 
ATOM   747  C CA  . GLN B 1 2  ? 1.188   15.457  7.470   1.00 29.60 ? 2   GLN B CA  1 
ATOM   748  C C   . GLN B 1 2  ? 1.741   15.225  6.081   1.00 27.63 ? 2   GLN B C   1 
ATOM   749  O O   . GLN B 1 2  ? 2.352   16.134  5.518   1.00 29.40 ? 2   GLN B O   1 
ATOM   750  C CB  . GLN B 1 2  ? 0.254   16.630  7.425   1.00 32.84 ? 2   GLN B CB  1 
ATOM   751  C CG  . GLN B 1 2  ? -0.832  16.304  6.432   1.00 34.27 ? 2   GLN B CG  1 
ATOM   752  C CD  . GLN B 1 2  ? -1.918  17.325  6.372   1.00 36.75 ? 2   GLN B CD  1 
ATOM   753  O OE1 . GLN B 1 2  ? -2.899  17.248  7.117   1.00 39.28 ? 2   GLN B OE1 1 
ATOM   754  N NE2 . GLN B 1 2  ? -1.762  18.283  5.456   1.00 35.38 ? 2   GLN B NE2 1 
ATOM   755  N N   . ILE B 1 3  ? 1.543   14.071  5.473   1.00 27.05 ? 3   ILE B N   1 
ATOM   756  C CA  . ILE B 1 3  ? 2.104   13.775  4.173   1.00 25.30 ? 3   ILE B CA  1 
ATOM   757  C C   . ILE B 1 3  ? 0.928   13.700  3.209   1.00 24.08 ? 3   ILE B C   1 
ATOM   758  O O   . ILE B 1 3  ? -0.038  12.970  3.464   1.00 23.88 ? 3   ILE B O   1 
ATOM   759  C CB  . ILE B 1 3  ? 2.875   12.436  4.268   1.00 25.61 ? 3   ILE B CB  1 
ATOM   760  C CG1 . ILE B 1 3  ? 4.019   12.597  5.258   1.00 26.19 ? 3   ILE B CG1 1 
ATOM   761  C CG2 . ILE B 1 3  ? 3.376   12.003  2.888   1.00 24.59 ? 3   ILE B CG2 1 
ATOM   762  C CD1 . ILE B 1 3  ? 4.677   11.279  5.630   1.00 26.59 ? 3   ILE B CD1 1 
ATOM   763  N N   . THR B 1 4  ? 0.992   14.482  2.140   1.00 21.65 ? 4   THR B N   1 
ATOM   764  C CA  . THR B 1 4  ? -0.047  14.418  1.117   1.00 22.72 ? 4   THR B CA  1 
ATOM   765  C C   . THR B 1 4  ? 0.387   13.315  0.132   1.00 19.70 ? 4   THR B C   1 
ATOM   766  O O   . THR B 1 4  ? 1.544   12.872  0.137   1.00 17.17 ? 4   THR B O   1 
ATOM   767  C CB  . THR B 1 4  ? -0.173  15.799  0.445   1.00 22.26 ? 4   THR B CB  1 
ATOM   768  O OG1 . THR B 1 4  ? 1.138   16.136  -0.005  1.00 22.78 ? 4   THR B OG1 1 
ATOM   769  C CG2 . THR B 1 4  ? -0.751  16.856  1.390   1.00 19.53 ? 4   THR B CG2 1 
ATOM   770  N N   . LEU B 1 5  ? -0.511  12.840  -0.711  1.00 15.45 ? 5   LEU B N   1 
ATOM   771  C CA  . LEU B 1 5  ? -0.224  11.675  -1.503  1.00 10.35 ? 5   LEU B CA  1 
ATOM   772  C C   . LEU B 1 5  ? -0.123  12.019  -2.947  1.00 10.46 ? 5   LEU B C   1 
ATOM   773  O O   . LEU B 1 5  ? -0.388  11.189  -3.799  1.00 13.52 ? 5   LEU B O   1 
ATOM   774  C CB  . LEU B 1 5  ? -1.324  10.681  -1.191  1.00 11.03 ? 5   LEU B CB  1 
ATOM   775  C CG  . LEU B 1 5  ? -1.386  10.331  0.318   1.00 11.31 ? 5   LEU B CG  1 
ATOM   776  C CD1 . LEU B 1 5  ? -2.610  9.501   0.658   1.00 12.17 ? 5   LEU B CD1 1 
ATOM   777  C CD2 . LEU B 1 5  ? -0.097  9.621   0.673   1.00 9.67  ? 5   LEU B CD2 1 
ATOM   778  N N   . TRP B 1 6  ? 0.276   13.241  -3.317  1.00 12.52 ? 6   TRP B N   1 
ATOM   779  C CA  . TRP B 1 6  ? 0.468   13.585  -4.737  1.00 12.43 ? 6   TRP B CA  1 
ATOM   780  C C   . TRP B 1 6  ? 1.617   12.782  -5.288  1.00 12.58 ? 6   TRP B C   1 
ATOM   781  O O   . TRP B 1 6  ? 1.687   12.415  -6.457  1.00 15.29 ? 6   TRP B O   1 
ATOM   782  C CB  . TRP B 1 6  ? 0.822   15.037  -4.927  1.00 11.98 ? 6   TRP B CB  1 
ATOM   783  C CG  . TRP B 1 6  ? -0.245  16.011  -4.429  1.00 14.45 ? 6   TRP B CG  1 
ATOM   784  C CD1 . TRP B 1 6  ? -0.038  16.757  -3.307  1.00 15.34 ? 6   TRP B CD1 1 
ATOM   785  C CD2 . TRP B 1 6  ? -1.420  16.305  -5.071  1.00 16.62 ? 6   TRP B CD2 1 
ATOM   786  N NE1 . TRP B 1 6  ? -1.078  17.549  -3.243  1.00 18.89 ? 6   TRP B NE1 1 
ATOM   787  C CE2 . TRP B 1 6  ? -1.923  17.325  -4.264  1.00 17.74 ? 6   TRP B CE2 1 
ATOM   788  C CE3 . TRP B 1 6  ? -2.105  15.879  -6.212  1.00 16.31 ? 6   TRP B CE3 1 
ATOM   789  C CZ2 . TRP B 1 6  ? -3.131  17.938  -4.598  1.00 17.83 ? 6   TRP B CZ2 1 
ATOM   790  C CZ3 . TRP B 1 6  ? -3.307  16.498  -6.546  1.00 15.86 ? 6   TRP B CZ3 1 
ATOM   791  C CH2 . TRP B 1 6  ? -3.815  17.514  -5.742  1.00 15.41 ? 6   TRP B CH2 1 
ATOM   792  N N   . LYS B 1 7  ? 2.588   12.513  -4.434  1.00 12.51 ? 7   LYS B N   1 
ATOM   793  C CA  . LYS B 1 7  ? 3.672   11.644  -4.853  1.00 13.72 ? 7   LYS B CA  1 
ATOM   794  C C   . LYS B 1 7  ? 3.681   10.479  -3.877  1.00 12.41 ? 7   LYS B C   1 
ATOM   795  O O   . LYS B 1 7  ? 2.911   10.487  -2.921  1.00 13.64 ? 7   LYS B O   1 
ATOM   796  C CB  . LYS B 1 7  ? 5.009   12.390  -4.795  1.00 17.98 ? 7   LYS B CB  1 
ATOM   797  N N   . ARG B 1 8  ? 4.508   9.479   -4.155  1.00 13.06 ? 8   ARG B N   1 
ATOM   798  C CA  . ARG B 1 8  ? 4.673   8.323   -3.298  1.00 12.25 ? 8   ARG B CA  1 
ATOM   799  C C   . ARG B 1 8  ? 5.153   8.785   -1.945  1.00 11.81 ? 8   ARG B C   1 
ATOM   800  O O   . ARG B 1 8  ? 6.092   9.577   -1.883  1.00 13.41 ? 8   ARG B O   1 
ATOM   801  C CB  . ARG B 1 8  ? 5.679   7.411   -3.911  1.00 13.63 ? 8   ARG B CB  1 
ATOM   802  C CG  . ARG B 1 8  ? 5.150   6.857   -5.181  1.00 16.13 ? 8   ARG B CG  1 
ATOM   803  C CD  . ARG B 1 8  ? 6.082   5.803   -5.757  1.00 24.02 ? 8   ARG B CD  1 
ATOM   804  N NE  . ARG B 1 8  ? 5.598   5.276   -7.041  1.00 28.40 ? 8   ARG B NE  1 
ATOM   805  C CZ  . ARG B 1 8  ? 6.325   4.450   -7.803  1.00 33.12 ? 8   ARG B CZ  1 
ATOM   806  N NH1 . ARG B 1 8  ? 7.516   3.984   -7.385  1.00 38.44 ? 8   ARG B NH1 1 
ATOM   807  N NH2 . ARG B 1 8  ? 5.854   4.060   -8.988  1.00 32.35 ? 8   ARG B NH2 1 
ATOM   808  N N   . PRO B 1 9  ? 4.581   8.381   -0.813  1.00 11.97 ? 9   PRO B N   1 
ATOM   809  C CA  . PRO B 1 9  ? 5.015   8.846   0.500   1.00 12.73 ? 9   PRO B CA  1 
ATOM   810  C C   . PRO B 1 9  ? 6.347   8.193   0.919   1.00 15.23 ? 9   PRO B C   1 
ATOM   811  O O   . PRO B 1 9  ? 6.358   7.227   1.684   1.00 15.88 ? 9   PRO B O   1 
ATOM   812  C CB  . PRO B 1 9  ? 3.809   8.519   1.373   1.00 9.72  ? 9   PRO B CB  1 
ATOM   813  C CG  . PRO B 1 9  ? 3.281   7.234   0.725   1.00 6.47  ? 9   PRO B CG  1 
ATOM   814  C CD  . PRO B 1 9  ? 3.420   7.503   -0.744  1.00 9.26  ? 9   PRO B CD  1 
ATOM   815  N N   . LEU B 1 10 ? 7.470   8.674   0.378   1.00 16.86 ? 10  LEU B N   1 
ATOM   816  C CA  . LEU B 1 10 ? 8.817   8.203   0.721   1.00 20.93 ? 10  LEU B CA  1 
ATOM   817  C C   . LEU B 1 10 ? 9.391   8.951   1.901   1.00 23.23 ? 10  LEU B C   1 
ATOM   818  O O   . LEU B 1 10 ? 9.377   10.189  1.989   1.00 25.26 ? 10  LEU B O   1 
ATOM   819  C CB  . LEU B 1 10 ? 9.758   8.381   -0.433  1.00 19.09 ? 10  LEU B CB  1 
ATOM   820  C CG  . LEU B 1 10 ? 9.455   7.441   -1.588  1.00 21.91 ? 10  LEU B CG  1 
ATOM   821  C CD1 . LEU B 1 10 ? 10.299  7.861   -2.773  1.00 25.90 ? 10  LEU B CD1 1 
ATOM   822  C CD2 . LEU B 1 10 ? 9.792   5.997   -1.235  1.00 22.54 ? 10  LEU B CD2 1 
ATOM   823  N N   . VAL B 1 11 ? 9.985   8.217   2.822   1.00 21.80 ? 11  VAL B N   1 
ATOM   824  C CA  . VAL B 1 11 ? 10.423  8.791   4.084   1.00 23.84 ? 11  VAL B CA  1 
ATOM   825  C C   . VAL B 1 11 ? 11.803  8.176   4.414   1.00 23.65 ? 11  VAL B C   1 
ATOM   826  O O   . VAL B 1 11 ? 12.142  7.101   3.894   1.00 20.32 ? 11  VAL B O   1 
ATOM   827  C CB  . VAL B 1 11 ? 9.175   8.431   4.974   1.00 25.20 ? 11  VAL B CB  1 
ATOM   828  C CG1 . VAL B 1 11 ? 9.519   7.528   6.131   1.00 24.87 ? 11  VAL B CG1 1 
ATOM   829  C CG2 . VAL B 1 11 ? 8.502   9.736   5.321   1.00 28.40 ? 11  VAL B CG2 1 
ATOM   830  N N   . THR B 1 12 ? 12.646  8.823   5.221   1.00 23.30 ? 12  THR B N   1 
ATOM   831  C CA  . THR B 1 12 ? 13.939  8.256   5.621   1.00 21.84 ? 12  THR B CA  1 
ATOM   832  C C   . THR B 1 12 ? 13.754  7.337   6.798   1.00 21.65 ? 12  THR B C   1 
ATOM   833  O O   . THR B 1 12 ? 13.073  7.718   7.760   1.00 24.23 ? 12  THR B O   1 
ATOM   834  C CB  . THR B 1 12 ? 14.877  9.400   6.004   1.00 24.53 ? 12  THR B CB  1 
ATOM   835  O OG1 . THR B 1 12 ? 15.029  10.126  4.803   1.00 27.54 ? 12  THR B OG1 1 
ATOM   836  C CG2 . THR B 1 12 ? 16.253  8.999   6.516   1.00 25.52 ? 12  THR B CG2 1 
ATOM   837  N N   . ILE B 1 13 ? 14.365  6.168   6.790   1.00 21.55 ? 13  ILE B N   1 
ATOM   838  C CA  . ILE B 1 13 ? 14.337  5.285   7.944   1.00 24.42 ? 13  ILE B CA  1 
ATOM   839  C C   . ILE B 1 13 ? 15.767  4.894   8.342   1.00 24.80 ? 13  ILE B C   1 
ATOM   840  O O   . ILE B 1 13 ? 16.684  4.969   7.521   1.00 26.13 ? 13  ILE B O   1 
ATOM   841  C CB  . ILE B 1 13 ? 13.551  3.972   7.668   1.00 21.85 ? 13  ILE B CB  1 
ATOM   842  C CG1 . ILE B 1 13 ? 14.209  3.072   6.630   1.00 19.38 ? 13  ILE B CG1 1 
ATOM   843  C CG2 . ILE B 1 13 ? 12.145  4.409   7.250   1.00 23.35 ? 13  ILE B CG2 1 
ATOM   844  C CD1 . ILE B 1 13 ? 13.606  1.676   6.690   1.00 20.78 ? 13  ILE B CD1 1 
ATOM   845  N N   . ARG B 1 14 ? 16.035  4.506   9.576   1.00 28.25 ? 14  ARG B N   1 
ATOM   846  C CA  . ARG B 1 14 ? 17.338  3.936   9.927   1.00 28.27 ? 14  ARG B CA  1 
ATOM   847  C C   . ARG B 1 14 ? 17.077  2.546   10.479  1.00 29.26 ? 14  ARG B C   1 
ATOM   848  O O   . ARG B 1 14 ? 16.227  2.345   11.362  1.00 30.00 ? 14  ARG B O   1 
ATOM   849  C CB  . ARG B 1 14 ? 18.057  4.714   11.016  1.00 29.36 ? 14  ARG B CB  1 
ATOM   850  N N   . ILE B 1 15 ? 17.765  1.571   9.906   1.00 33.33 ? 15  ILE B N   1 
ATOM   851  C CA  . ILE B 1 15 ? 17.663  0.181   10.311  1.00 36.05 ? 15  ILE B CA  1 
ATOM   852  C C   . ILE B 1 15 ? 19.065  -0.383  10.194  1.00 38.56 ? 15  ILE B C   1 
ATOM   853  O O   . ILE B 1 15 ? 19.802  -0.117  9.238   1.00 35.55 ? 15  ILE B O   1 
ATOM   854  C CB  . ILE B 1 15 ? 16.684  -0.643  9.407   1.00 34.80 ? 15  ILE B CB  1 
ATOM   855  C CG1 . ILE B 1 15 ? 16.699  -2.081  9.911   1.00 34.15 ? 15  ILE B CG1 1 
ATOM   856  C CG2 . ILE B 1 15 ? 17.068  -0.580  7.929   1.00 33.73 ? 15  ILE B CG2 1 
ATOM   857  C CD1 . ILE B 1 15 ? 15.479  -2.932  9.553   1.00 34.47 ? 15  ILE B CD1 1 
ATOM   858  N N   . GLY B 1 16 ? 19.454  -1.054  11.292  1.00 44.71 ? 16  GLY B N   1 
ATOM   859  C CA  . GLY B 1 16 ? 20.776  -1.672  11.454  1.00 47.95 ? 16  GLY B CA  1 
ATOM   860  C C   . GLY B 1 16 ? 21.960  -0.714  11.245  1.00 49.31 ? 16  GLY B C   1 
ATOM   861  O O   . GLY B 1 16 ? 23.045  -1.141  10.824  1.00 54.29 ? 16  GLY B O   1 
ATOM   862  N N   . GLY B 1 17 ? 21.762  0.583   11.524  1.00 48.75 ? 17  GLY B N   1 
ATOM   863  C CA  . GLY B 1 17 ? 22.807  1.584   11.335  1.00 47.17 ? 17  GLY B CA  1 
ATOM   864  C C   . GLY B 1 17 ? 22.796  2.238   9.961   1.00 47.96 ? 17  GLY B C   1 
ATOM   865  O O   . GLY B 1 17 ? 23.505  3.218   9.749   1.00 50.07 ? 17  GLY B O   1 
ATOM   866  N N   . GLN B 1 18 ? 21.994  1.750   9.001   1.00 48.40 ? 18  GLN B N   1 
ATOM   867  C CA  . GLN B 1 18 ? 21.882  2.324   7.662   1.00 43.81 ? 18  GLN B CA  1 
ATOM   868  C C   . GLN B 1 18 ? 20.630  3.203   7.519   1.00 42.61 ? 18  GLN B C   1 
ATOM   869  O O   . GLN B 1 18 ? 19.594  2.922   8.148   1.00 40.60 ? 18  GLN B O   1 
ATOM   870  C CB  . GLN B 1 18 ? 21.810  1.200   6.647   1.00 45.03 ? 18  GLN B CB  1 
ATOM   871  N N   . LEU B 1 19 ? 20.758  4.298   6.743   1.00 39.39 ? 19  LEU B N   1 
ATOM   872  C CA  . LEU B 1 19 ? 19.649  5.198   6.420   1.00 36.36 ? 19  LEU B CA  1 
ATOM   873  C C   . LEU B 1 19 ? 19.104  4.728   5.095   1.00 35.13 ? 19  LEU B C   1 
ATOM   874  O O   . LEU B 1 19 ? 19.893  4.538   4.159   1.00 35.79 ? 19  LEU B O   1 
ATOM   875  C CB  . LEU B 1 19 ? 20.041  6.645   6.187   1.00 33.74 ? 19  LEU B CB  1 
ATOM   876  C CG  . LEU B 1 19 ? 20.475  7.483   7.361   1.00 37.21 ? 19  LEU B CG  1 
ATOM   877  C CD1 . LEU B 1 19 ? 20.575  8.935   6.965   1.00 35.87 ? 19  LEU B CD1 1 
ATOM   878  C CD2 . LEU B 1 19 ? 19.423  7.396   8.447   1.00 38.65 ? 19  LEU B CD2 1 
ATOM   879  N N   . LYS B 1 20 ? 17.792  4.546   4.982   1.00 33.15 ? 20  LYS B N   1 
ATOM   880  C CA  . LYS B 1 20 ? 17.153  4.090   3.746   1.00 31.30 ? 20  LYS B CA  1 
ATOM   881  C C   . LYS B 1 20 ? 15.883  4.898   3.437   1.00 26.60 ? 20  LYS B C   1 
ATOM   882  O O   . LYS B 1 20 ? 15.311  5.513   4.333   1.00 22.98 ? 20  LYS B O   1 
ATOM   883  C CB  . LYS B 1 20 ? 16.846  2.603   3.924   1.00 33.04 ? 20  LYS B CB  1 
ATOM   884  C CG  . LYS B 1 20 ? 18.056  1.714   3.705   1.00 36.56 ? 20  LYS B CG  1 
ATOM   885  C CD  . LYS B 1 20 ? 17.952  0.422   4.486   1.00 40.47 ? 20  LYS B CD  1 
ATOM   886  C CE  . LYS B 1 20 ? 18.731  -0.678  3.753   1.00 42.30 ? 20  LYS B CE  1 
ATOM   887  N NZ  . LYS B 1 20 ? 17.991  -1.146  2.585   1.00 48.78 ? 20  LYS B NZ  1 
ATOM   888  N N   . GLU B 1 21 ? 15.443  4.978   2.187   1.00 25.20 ? 21  GLU B N   1 
ATOM   889  C CA  . GLU B 1 21 ? 14.182  5.627   1.807   1.00 23.60 ? 21  GLU B CA  1 
ATOM   890  C C   . GLU B 1 21 ? 13.162  4.522   1.766   1.00 20.57 ? 21  GLU B C   1 
ATOM   891  O O   . GLU B 1 21 ? 13.440  3.454   1.193   1.00 22.22 ? 21  GLU B O   1 
ATOM   892  C CB  . GLU B 1 21 ? 14.193  6.211   0.406   1.00 26.88 ? 21  GLU B CB  1 
ATOM   893  N N   . ALA B 1 22 ? 12.004  4.742   2.361   1.00 18.28 ? 22  ALA B N   1 
ATOM   894  C CA  . ALA B 1 22 ? 11.016  3.693   2.426   1.00 16.99 ? 22  ALA B CA  1 
ATOM   895  C C   . ALA B 1 22 ? 9.640   4.280   2.225   1.00 16.59 ? 22  ALA B C   1 
ATOM   896  O O   . ALA B 1 22 ? 9.406   5.440   2.559   1.00 18.77 ? 22  ALA B O   1 
ATOM   897  C CB  . ALA B 1 22 ? 11.057  3.027   3.776   1.00 14.90 ? 22  ALA B CB  1 
ATOM   898  N N   . LEU B 1 23 ? 8.764   3.492   1.629   1.00 12.56 ? 23  LEU B N   1 
ATOM   899  C CA  . LEU B 1 23 ? 7.415   3.896   1.336   1.00 10.22 ? 23  LEU B CA  1 
ATOM   900  C C   . LEU B 1 23 ? 6.483   3.625   2.504   1.00 9.02  ? 23  LEU B C   1 
ATOM   901  O O   . LEU B 1 23 ? 6.379   2.489   2.981   1.00 10.07 ? 23  LEU B O   1 
ATOM   902  C CB  . LEU B 1 23 ? 6.986   3.118   0.107   1.00 10.94 ? 23  LEU B CB  1 
ATOM   903  C CG  . LEU B 1 23 ? 5.665   3.387   -0.479  1.00 9.12  ? 23  LEU B CG  1 
ATOM   904  C CD1 . LEU B 1 23 ? 5.678   4.607   -1.349  1.00 11.82 ? 23  LEU B CD1 1 
ATOM   905  C CD2 . LEU B 1 23 ? 5.335   2.194   -1.329  1.00 14.10 ? 23  LEU B CD2 1 
ATOM   906  N N   . LEU B 1 24 ? 5.737   4.607   2.981   1.00 11.51 ? 24  LEU B N   1 
ATOM   907  C CA  . LEU B 1 24 ? 4.759   4.362   4.032   1.00 13.05 ? 24  LEU B CA  1 
ATOM   908  C C   . LEU B 1 24 ? 3.563   3.781   3.291   1.00 13.40 ? 24  LEU B C   1 
ATOM   909  O O   . LEU B 1 24 ? 2.925   4.397   2.422   1.00 9.69  ? 24  LEU B O   1 
ATOM   910  C CB  . LEU B 1 24 ? 4.369   5.662   4.741   1.00 13.84 ? 24  LEU B CB  1 
ATOM   911  C CG  . LEU B 1 24 ? 5.542   6.413   5.326   1.00 15.33 ? 24  LEU B CG  1 
ATOM   912  C CD1 . LEU B 1 24 ? 4.983   7.706   5.747   1.00 15.73 ? 24  LEU B CD1 1 
ATOM   913  C CD2 . LEU B 1 24 ? 6.243   5.658   6.471   1.00 15.72 ? 24  LEU B CD2 1 
ATOM   914  N N   . ASP B 1 25 ? 3.303   2.550   3.654   1.00 10.56 ? 25  ASP B N   1 
ATOM   915  C CA  . ASP B 1 25 ? 2.307   1.800   2.952   1.00 11.69 ? 25  ASP B CA  1 
ATOM   916  C C   . ASP B 1 25 ? 1.215   1.267   3.875   1.00 13.75 ? 25  ASP B C   1 
ATOM   917  O O   . ASP B 1 25 ? 1.359   0.197   4.485   1.00 12.39 ? 25  ASP B O   1 
ATOM   918  C CB  . ASP B 1 25 ? 3.052   0.673   2.228   1.00 9.95  ? 25  ASP B CB  1 
ATOM   919  C CG  . ASP B 1 25 ? 2.268   -0.181  1.242   1.00 14.22 ? 25  ASP B CG  1 
ATOM   920  O OD1 . ASP B 1 25 ? 1.046   -0.135  1.230   1.00 16.59 ? 25  ASP B OD1 1 
ATOM   921  O OD2 . ASP B 1 25 ? 2.892   -0.910  0.485   1.00 11.65 ? 25  ASP B OD2 1 
ATOM   922  N N   . THR B 1 26 ? 0.029   1.902   3.842   1.00 8.77  ? 26  THR B N   1 
ATOM   923  C CA  . THR B 1 26 ? -1.063  1.453   4.669   1.00 11.74 ? 26  THR B CA  1 
ATOM   924  C C   . THR B 1 26 ? -1.658  0.168   4.136   1.00 13.18 ? 26  THR B C   1 
ATOM   925  O O   . THR B 1 26 ? -2.462  -0.484  4.790   1.00 16.36 ? 26  THR B O   1 
ATOM   926  C CB  . THR B 1 26 ? -2.131  2.517   4.730   1.00 8.04  ? 26  THR B CB  1 
ATOM   927  O OG1 . THR B 1 26 ? -2.554  2.780   3.412   1.00 9.42  ? 26  THR B OG1 1 
ATOM   928  C CG2 . THR B 1 26 ? -1.593  3.757   5.384   1.00 9.76  ? 26  THR B CG2 1 
ATOM   929  N N   . GLY B 1 27 ? -1.324  -0.192  2.920   1.00 12.07 ? 27  GLY B N   1 
ATOM   930  C CA  . GLY B 1 27 ? -1.830  -1.430  2.377   1.00 15.74 ? 27  GLY B CA  1 
ATOM   931  C C   . GLY B 1 27 ? -1.035  -2.647  2.877   1.00 20.88 ? 27  GLY B C   1 
ATOM   932  O O   . GLY B 1 27 ? -1.612  -3.743  3.013   1.00 25.29 ? 27  GLY B O   1 
ATOM   933  N N   . ALA B 1 28 ? 0.252   -2.465  3.233   1.00 15.14 ? 28  ALA B N   1 
ATOM   934  C CA  . ALA B 1 28 ? 1.122   -3.548  3.656   1.00 12.78 ? 28  ALA B CA  1 
ATOM   935  C C   . ALA B 1 28 ? 0.938   -3.895  5.132   1.00 14.54 ? 28  ALA B C   1 
ATOM   936  O O   . ALA B 1 28 ? 1.042   -3.057  6.029   1.00 15.65 ? 28  ALA B O   1 
ATOM   937  C CB  . ALA B 1 28 ? 2.544   -3.161  3.458   1.00 9.60  ? 28  ALA B CB  1 
ATOM   938  N N   . ASP B 1 29 ? 0.654   -5.135  5.463   1.00 15.39 ? 29  ASP B N   1 
ATOM   939  C CA  . ASP B 1 29 ? 0.516   -5.540  6.853   1.00 18.12 ? 29  ASP B CA  1 
ATOM   940  C C   . ASP B 1 29 ? 1.798   -5.495  7.654   1.00 16.14 ? 29  ASP B C   1 
ATOM   941  O O   . ASP B 1 29 ? 1.825   -5.101  8.813   1.00 15.92 ? 29  ASP B O   1 
ATOM   942  C CB  . ASP B 1 29 ? -0.018  -6.962  6.936   1.00 23.25 ? 29  ASP B CB  1 
ATOM   943  C CG  . ASP B 1 29 ? -1.403  -7.138  6.346   1.00 25.61 ? 29  ASP B CG  1 
ATOM   944  O OD1 . ASP B 1 29 ? -2.230  -6.238  6.400   1.00 27.28 ? 29  ASP B OD1 1 
ATOM   945  O OD2 . ASP B 1 29 ? -1.652  -8.209  5.829   1.00 29.16 ? 29  ASP B OD2 1 
ATOM   946  N N   . ASP B 1 30 ? 2.862   -5.852  6.946   1.00 17.17 ? 30  ASP B N   1 
ATOM   947  C CA  . ASP B 1 30 ? 4.170   -6.076  7.491   1.00 18.17 ? 30  ASP B CA  1 
ATOM   948  C C   . ASP B 1 30 ? 5.153   -5.262  6.709   1.00 14.16 ? 30  ASP B C   1 
ATOM   949  O O   . ASP B 1 30 ? 4.862   -4.925  5.576   1.00 15.85 ? 30  ASP B O   1 
ATOM   950  C CB  . ASP B 1 30 ? 4.489   -7.551  7.363   1.00 25.69 ? 30  ASP B CB  1 
ATOM   951  C CG  . ASP B 1 30 ? 5.146   -8.034  8.633   1.00 34.56 ? 30  ASP B CG  1 
ATOM   952  O OD1 . ASP B 1 30 ? 4.400   -8.363  9.555   1.00 37.75 ? 30  ASP B OD1 1 
ATOM   953  O OD2 . ASP B 1 30 ? 6.387   -8.051  8.706   1.00 40.64 ? 30  ASP B OD2 1 
ATOM   954  N N   . THR B 1 31 ? 6.295   -4.938  7.293   1.00 15.48 ? 31  THR B N   1 
ATOM   955  C CA  . THR B 1 31 ? 7.347   -4.186  6.632   1.00 14.75 ? 31  THR B CA  1 
ATOM   956  C C   . THR B 1 31 ? 8.247   -5.130  5.843   1.00 14.10 ? 31  THR B C   1 
ATOM   957  O O   . THR B 1 31 ? 8.610   -6.211  6.338   1.00 16.05 ? 31  THR B O   1 
ATOM   958  C CB  . THR B 1 31 ? 8.073   -3.438  7.758   1.00 12.37 ? 31  THR B CB  1 
ATOM   959  O OG1 . THR B 1 31 ? 7.085   -2.574  8.306   1.00 12.01 ? 31  THR B OG1 1 
ATOM   960  C CG2 . THR B 1 31 ? 9.303   -2.698  7.334   1.00 11.87 ? 31  THR B CG2 1 
ATOM   961  N N   . VAL B 1 32 ? 8.644   -4.746  4.641   1.00 12.37 ? 32  VAL B N   1 
ATOM   962  C CA  . VAL B 1 32 ? 9.496   -5.582  3.826   1.00 13.29 ? 32  VAL B CA  1 
ATOM   963  C C   . VAL B 1 32 ? 10.502  -4.689  3.176   1.00 14.58 ? 32  VAL B C   1 
ATOM   964  O O   . VAL B 1 32 ? 10.252  -3.655  2.575   1.00 15.75 ? 32  VAL B O   1 
ATOM   965  C CB  . VAL B 1 32 ? 8.639   -6.454  2.803   1.00 15.49 ? 32  VAL B CB  1 
ATOM   966  C CG1 . VAL B 1 32 ? 7.259   -5.883  2.666   1.00 16.41 ? 32  VAL B CG1 1 
ATOM   967  C CG2 . VAL B 1 32 ? 9.389   -6.662  1.516   1.00 11.22 ? 32  VAL B CG2 1 
ATOM   968  N N   . LEU B 1 33 ? 11.728  -5.062  3.497   1.00 14.66 ? 33  LEU B N   1 
ATOM   969  C CA  . LEU B 1 33 ? 12.866  -4.251  3.160   1.00 15.87 ? 33  LEU B CA  1 
ATOM   970  C C   . LEU B 1 33 ? 13.668  -4.952  2.114   1.00 14.26 ? 33  LEU B C   1 
ATOM   971  O O   . LEU B 1 33 ? 13.613  -6.174  2.021   1.00 16.86 ? 33  LEU B O   1 
ATOM   972  C CB  . LEU B 1 33 ? 13.681  -4.012  4.416   1.00 18.53 ? 33  LEU B CB  1 
ATOM   973  C CG  . LEU B 1 33 ? 12.983  -3.167  5.492   1.00 21.81 ? 33  LEU B CG  1 
ATOM   974  C CD1 . LEU B 1 33 ? 14.020  -2.838  6.523   1.00 27.38 ? 33  LEU B CD1 1 
ATOM   975  C CD2 . LEU B 1 33 ? 12.492  -1.798  4.976   1.00 24.09 ? 33  LEU B CD2 1 
ATOM   976  N N   . GLU B 1 34 ? 14.383  -4.190  1.306   1.00 16.26 ? 34  GLU B N   1 
ATOM   977  C CA  . GLU B 1 34 ? 15.192  -4.712  0.227   1.00 19.99 ? 34  GLU B CA  1 
ATOM   978  C C   . GLU B 1 34 ? 16.264  -5.575  0.852   1.00 18.13 ? 34  GLU B C   1 
ATOM   979  O O   . GLU B 1 34 ? 16.544  -5.478  2.047   1.00 15.57 ? 34  GLU B O   1 
ATOM   980  C CB  . GLU B 1 34 ? 15.825  -3.568  -0.538  1.00 26.26 ? 34  GLU B CB  1 
ATOM   981  C CG  . GLU B 1 34 ? 15.583  -3.597  -2.051  1.00 38.12 ? 34  GLU B CG  1 
ATOM   982  C CD  . GLU B 1 34 ? 16.324  -4.664  -2.884  1.00 43.42 ? 34  GLU B CD  1 
ATOM   983  O OE1 . GLU B 1 34 ? 15.854  -5.808  -2.999  1.00 43.15 ? 34  GLU B OE1 1 
ATOM   984  O OE2 . GLU B 1 34 ? 17.380  -4.323  -3.438  1.00 47.02 ? 34  GLU B OE2 1 
ATOM   985  N N   . GLU B 1 35 ? 16.771  -6.491  0.052   1.00 18.68 ? 35  GLU B N   1 
ATOM   986  C CA  . GLU B 1 35 ? 17.820  -7.370  0.473   1.00 22.47 ? 35  GLU B CA  1 
ATOM   987  C C   . GLU B 1 35 ? 18.918  -6.679  1.287   1.00 23.82 ? 35  GLU B C   1 
ATOM   988  O O   . GLU B 1 35 ? 19.528  -5.688  0.855   1.00 21.15 ? 35  GLU B O   1 
ATOM   989  C CB  . GLU B 1 35 ? 18.440  -8.006  -0.752  1.00 25.85 ? 35  GLU B CB  1 
ATOM   990  C CG  . GLU B 1 35 ? 18.034  -9.437  -0.893  1.00 31.27 ? 35  GLU B CG  1 
ATOM   991  C CD  . GLU B 1 35 ? 18.212  -10.221 0.403   1.00 35.20 ? 35  GLU B CD  1 
ATOM   992  O OE1 . GLU B 1 35 ? 19.290  -10.237 1.043   1.00 32.38 ? 35  GLU B OE1 1 
ATOM   993  O OE2 . GLU B 1 35 ? 17.195  -10.802 0.780   1.00 41.35 ? 35  GLU B OE2 1 
ATOM   994  N N   . MET B 1 36 ? 19.146  -7.154  2.505   1.00 24.72 ? 36  MET B N   1 
ATOM   995  C CA  . MET B 1 36 ? 20.167  -6.556  3.356   1.00 28.67 ? 36  MET B CA  1 
ATOM   996  C C   . MET B 1 36 ? 20.597  -7.647  4.315   1.00 29.50 ? 36  MET B C   1 
ATOM   997  O O   . MET B 1 36 ? 19.846  -8.563  4.706   1.00 25.55 ? 36  MET B O   1 
ATOM   998  C CB  . MET B 1 36 ? 19.630  -5.336  4.143   1.00 27.64 ? 36  MET B CB  1 
ATOM   999  C CG  . MET B 1 36 ? 18.538  -5.486  5.186   1.00 29.52 ? 36  MET B CG  1 
ATOM   1000 S SD  . MET B 1 36 ? 18.024  -3.819  5.691   1.00 40.19 ? 36  MET B SD  1 
ATOM   1001 C CE  . MET B 1 36 ? 19.474  -3.137  6.444   1.00 39.07 ? 36  MET B CE  1 
ATOM   1002 N N   . ASN B 1 37 ? 21.851  -7.489  4.723   1.00 31.95 ? 37  ASN B N   1 
ATOM   1003 C CA  . ASN B 1 37 ? 22.451  -8.560  5.479   1.00 35.66 ? 37  ASN B CA  1 
ATOM   1004 C C   . ASN B 1 37 ? 22.512  -8.336  6.962   1.00 33.08 ? 37  ASN B C   1 
ATOM   1005 O O   . ASN B 1 37 ? 23.545  -8.073  7.570   1.00 36.66 ? 37  ASN B O   1 
ATOM   1006 C CB  . ASN B 1 37 ? 23.820  -8.806  4.909   1.00 37.41 ? 37  ASN B CB  1 
ATOM   1007 C CG  . ASN B 1 37 ? 24.295  -10.086 5.507   1.00 42.40 ? 37  ASN B CG  1 
ATOM   1008 O OD1 . ASN B 1 37 ? 23.573  -11.089 5.592   1.00 44.16 ? 37  ASN B OD1 1 
ATOM   1009 N ND2 . ASN B 1 37 ? 25.536  -9.996  5.975   1.00 47.52 ? 37  ASN B ND2 1 
ATOM   1010 N N   . LEU B 1 38 ? 21.333  -8.459  7.500   1.00 32.90 ? 38  LEU B N   1 
ATOM   1011 C CA  . LEU B 1 38 ? 21.119  -8.262  8.907   1.00 35.44 ? 38  LEU B CA  1 
ATOM   1012 C C   . LEU B 1 38 ? 21.542  -9.453  9.781   1.00 36.72 ? 38  LEU B C   1 
ATOM   1013 O O   . LEU B 1 38 ? 21.355  -10.628 9.429   1.00 32.76 ? 38  LEU B O   1 
ATOM   1014 C CB  . LEU B 1 38 ? 19.655  -7.972  9.144   1.00 35.88 ? 38  LEU B CB  1 
ATOM   1015 C CG  . LEU B 1 38 ? 19.042  -6.693  8.626   1.00 36.59 ? 38  LEU B CG  1 
ATOM   1016 C CD1 . LEU B 1 38 ? 17.547  -6.729  8.973   1.00 36.78 ? 38  LEU B CD1 1 
ATOM   1017 C CD2 . LEU B 1 38 ? 19.779  -5.474  9.199   1.00 36.22 ? 38  LEU B CD2 1 
ATOM   1018 N N   . PRO B 1 39 ? 22.126  -9.194  10.958  1.00 37.38 ? 39  PRO B N   1 
ATOM   1019 C CA  . PRO B 1 39 ? 22.292  -10.235 11.960  1.00 35.45 ? 39  PRO B CA  1 
ATOM   1020 C C   . PRO B 1 39 ? 20.972  -10.609 12.614  1.00 32.41 ? 39  PRO B C   1 
ATOM   1021 O O   . PRO B 1 39 ? 20.040  -9.825  12.814  1.00 30.85 ? 39  PRO B O   1 
ATOM   1022 C CB  . PRO B 1 39 ? 23.332  -9.654  12.921  1.00 34.34 ? 39  PRO B CB  1 
ATOM   1023 C CG  . PRO B 1 39 ? 23.127  -8.151  12.835  1.00 34.90 ? 39  PRO B CG  1 
ATOM   1024 C CD  . PRO B 1 39 ? 22.763  -7.925  11.357  1.00 36.78 ? 39  PRO B CD  1 
ATOM   1025 N N   . GLY B 1 40 ? 20.930  -11.873 12.958  1.00 32.95 ? 40  GLY B N   1 
ATOM   1026 C CA  . GLY B 1 40 ? 19.807  -12.363 13.716  1.00 34.02 ? 40  GLY B CA  1 
ATOM   1027 C C   . GLY B 1 40 ? 19.419  -13.720 13.175  1.00 34.98 ? 40  GLY B C   1 
ATOM   1028 O O   . GLY B 1 40 ? 19.948  -14.215 12.164  1.00 34.83 ? 40  GLY B O   1 
ATOM   1029 N N   . LYS B 1 41 ? 18.527  -14.337 13.934  1.00 32.27 ? 41  LYS B N   1 
ATOM   1030 C CA  . LYS B 1 41 ? 17.938  -15.575 13.477  1.00 35.13 ? 41  LYS B CA  1 
ATOM   1031 C C   . LYS B 1 41 ? 16.772  -15.170 12.534  1.00 34.95 ? 41  LYS B C   1 
ATOM   1032 O O   . LYS B 1 41 ? 16.115  -14.143 12.777  1.00 36.27 ? 41  LYS B O   1 
ATOM   1033 C CB  . LYS B 1 41 ? 17.410  -16.352 14.693  1.00 35.86 ? 41  LYS B CB  1 
ATOM   1034 N N   . TRP B 1 42 ? 16.505  -15.894 11.451  1.00 31.66 ? 42  TRP B N   1 
ATOM   1035 C CA  . TRP B 1 42 ? 15.390  -15.551 10.601  1.00 33.61 ? 42  TRP B CA  1 
ATOM   1036 C C   . TRP B 1 42 ? 14.565  -16.766 10.249  1.00 33.07 ? 42  TRP B C   1 
ATOM   1037 O O   . TRP B 1 42 ? 15.049  -17.897 10.397  1.00 36.00 ? 42  TRP B O   1 
ATOM   1038 C CB  . TRP B 1 42 ? 15.890  -14.895 9.344   1.00 33.93 ? 42  TRP B CB  1 
ATOM   1039 C CG  . TRP B 1 42 ? 16.837  -15.746 8.533   1.00 38.18 ? 42  TRP B CG  1 
ATOM   1040 C CD1 . TRP B 1 42 ? 18.190  -15.599 8.693   1.00 38.59 ? 42  TRP B CD1 1 
ATOM   1041 C CD2 . TRP B 1 42 ? 16.490  -16.663 7.576   1.00 35.45 ? 42  TRP B CD2 1 
ATOM   1042 N NE1 . TRP B 1 42 ? 18.699  -16.431 7.823   1.00 38.59 ? 42  TRP B NE1 1 
ATOM   1043 C CE2 . TRP B 1 42 ? 17.739  -17.083 7.147   1.00 35.02 ? 42  TRP B CE2 1 
ATOM   1044 C CE3 . TRP B 1 42 ? 15.339  -17.198 7.020   1.00 37.43 ? 42  TRP B CE3 1 
ATOM   1045 C CZ2 . TRP B 1 42 ? 17.856  -18.032 6.147   1.00 33.83 ? 42  TRP B CZ2 1 
ATOM   1046 C CZ3 . TRP B 1 42 ? 15.447  -18.154 6.013   1.00 37.66 ? 42  TRP B CZ3 1 
ATOM   1047 C CH2 . TRP B 1 42 ? 16.700  -18.570 5.586   1.00 36.91 ? 42  TRP B CH2 1 
ATOM   1048 N N   . LYS B 1 43 ? 13.338  -16.581 9.775   1.00 28.77 ? 43  LYS B N   1 
ATOM   1049 C CA  . LYS B 1 43 ? 12.501  -17.718 9.394   1.00 30.25 ? 43  LYS B CA  1 
ATOM   1050 C C   . LYS B 1 43 ? 12.012  -17.525 7.947   1.00 31.85 ? 43  LYS B C   1 
ATOM   1051 O O   . LYS B 1 43 ? 11.811  -16.372 7.525   1.00 33.63 ? 43  LYS B O   1 
ATOM   1052 C CB  . LYS B 1 43 ? 11.304  -17.809 10.341  1.00 25.82 ? 43  LYS B CB  1 
ATOM   1053 N N   . PRO B 1 44 ? 11.867  -18.556 7.102   1.00 30.04 ? 44  PRO B N   1 
ATOM   1054 C CA  . PRO B 1 44 ? 11.420  -18.411 5.722   1.00 29.53 ? 44  PRO B CA  1 
ATOM   1055 C C   . PRO B 1 44 ? 9.931   -18.089 5.661   1.00 26.37 ? 44  PRO B C   1 
ATOM   1056 O O   . PRO B 1 44 ? 9.115   -18.734 6.335   1.00 27.68 ? 44  PRO B O   1 
ATOM   1057 C CB  . PRO B 1 44 ? 11.788  -19.744 5.087   1.00 31.38 ? 44  PRO B CB  1 
ATOM   1058 C CG  . PRO B 1 44 ? 12.798  -20.340 6.032   1.00 31.12 ? 44  PRO B CG  1 
ATOM   1059 C CD  . PRO B 1 44 ? 12.212  -19.942 7.375   1.00 29.33 ? 44  PRO B CD  1 
ATOM   1060 N N   . LYS B 1 45 ? 9.557   -17.138 4.814   1.00 23.43 ? 45  LYS B N   1 
ATOM   1061 C CA  . LYS B 1 45 ? 8.191   -16.696 4.683   1.00 19.63 ? 45  LYS B CA  1 
ATOM   1062 C C   . LYS B 1 45 ? 7.926   -16.432 3.210   1.00 17.54 ? 45  LYS B C   1 
ATOM   1063 O O   . LYS B 1 45 ? 8.839   -16.191 2.427   1.00 15.47 ? 45  LYS B O   1 
ATOM   1064 C CB  . LYS B 1 45 ? 7.996   -15.413 5.453   1.00 19.17 ? 45  LYS B CB  1 
ATOM   1065 C CG  . LYS B 1 45 ? 6.819   -15.531 6.329   1.00 25.09 ? 45  LYS B CG  1 
ATOM   1066 C CD  . LYS B 1 45 ? 6.422   -14.150 6.716   1.00 30.70 ? 45  LYS B CD  1 
ATOM   1067 C CE  . LYS B 1 45 ? 5.308   -14.229 7.754   1.00 36.77 ? 45  LYS B CE  1 
ATOM   1068 N NZ  . LYS B 1 45 ? 4.837   -12.899 8.159   1.00 42.88 ? 45  LYS B NZ  1 
ATOM   1069 N N   . MET B 1 46 ? 6.676   -16.505 2.788   1.00 20.67 ? 46  MET B N   1 
ATOM   1070 C CA  . MET B 1 46 ? 6.221   -16.137 1.441   1.00 22.77 ? 46  MET B CA  1 
ATOM   1071 C C   . MET B 1 46 ? 5.188   -15.041 1.665   1.00 21.92 ? 46  MET B C   1 
ATOM   1072 O O   . MET B 1 46 ? 4.262   -15.221 2.472   1.00 23.94 ? 46  MET B O   1 
ATOM   1073 C CB  . MET B 1 46 ? 5.473   -17.234 0.708   1.00 23.34 ? 46  MET B CB  1 
ATOM   1074 C CG  . MET B 1 46 ? 6.234   -18.491 0.446   1.00 24.34 ? 46  MET B CG  1 
ATOM   1075 S SD  . MET B 1 46 ? 7.262   -18.275 -0.987  1.00 30.87 ? 46  MET B SD  1 
ATOM   1076 C CE  . MET B 1 46 ? 6.180   -18.785 -2.296  1.00 23.38 ? 46  MET B CE  1 
ATOM   1077 N N   . ILE B 1 47 ? 5.315   -13.869 1.027   1.00 21.27 ? 47  ILE B N   1 
ATOM   1078 C CA  . ILE B 1 47 ? 4.264   -12.857 1.126   1.00 17.13 ? 47  ILE B CA  1 
ATOM   1079 C C   . ILE B 1 47 ? 3.770   -12.590 -0.290  1.00 14.00 ? 47  ILE B C   1 
ATOM   1080 O O   . ILE B 1 47 ? 4.579   -12.689 -1.225  1.00 13.37 ? 47  ILE B O   1 
ATOM   1081 C CB  . ILE B 1 47 ? 4.802   -11.564 1.748   1.00 19.73 ? 47  ILE B CB  1 
ATOM   1082 C CG1 . ILE B 1 47 ? 6.104   -11.176 1.079   1.00 19.40 ? 47  ILE B CG1 1 
ATOM   1083 C CG2 . ILE B 1 47 ? 4.885   -11.756 3.264   1.00 20.12 ? 47  ILE B CG2 1 
ATOM   1084 C CD1 . ILE B 1 47 ? 6.378   -9.685  1.205   1.00 26.05 ? 47  ILE B CD1 1 
ATOM   1085 N N   . GLY B 1 48 ? 2.497   -12.279 -0.498  1.00 15.24 ? 48  GLY B N   1 
ATOM   1086 C CA  . GLY B 1 48 ? 2.010   -12.124 -1.863  1.00 18.35 ? 48  GLY B CA  1 
ATOM   1087 C C   . GLY B 1 48 ? 1.166   -10.873 -2.011  1.00 19.06 ? 48  GLY B C   1 
ATOM   1088 O O   . GLY B 1 48 ? 0.802   -10.255 -1.023  1.00 23.85 ? 48  GLY B O   1 
ATOM   1089 N N   . GLY B 1 49 ? 0.838   -10.473 -3.218  1.00 19.23 ? 49  GLY B N   1 
ATOM   1090 C CA  . GLY B 1 49 ? 0.001   -9.331  -3.455  1.00 14.03 ? 49  GLY B CA  1 
ATOM   1091 C C   . GLY B 1 49 ? -0.075  -9.256  -4.949  1.00 17.87 ? 49  GLY B C   1 
ATOM   1092 O O   . GLY B 1 49 ? 0.003   -10.287 -5.607  1.00 19.53 ? 49  GLY B O   1 
ATOM   1093 N N   . ILE B 1 50 ? -0.114  -8.110  -5.584  1.00 14.64 ? 50  ILE B N   1 
ATOM   1094 C CA  . ILE B 1 50 ? -0.246  -8.093  -7.031  1.00 16.36 ? 50  ILE B CA  1 
ATOM   1095 C C   . ILE B 1 50 ? 0.951   -8.741  -7.673  1.00 15.91 ? 50  ILE B C   1 
ATOM   1096 O O   . ILE B 1 50 ? 2.089   -8.494  -7.275  1.00 16.83 ? 50  ILE B O   1 
ATOM   1097 C CB  . ILE B 1 50 ? -0.422  -6.603  -7.482  1.00 15.85 ? 50  ILE B CB  1 
ATOM   1098 C CG1 . ILE B 1 50 ? -1.887  -6.323  -7.262  1.00 16.12 ? 50  ILE B CG1 1 
ATOM   1099 C CG2 . ILE B 1 50 ? -0.042  -6.300  -8.911  1.00 12.92 ? 50  ILE B CG2 1 
ATOM   1100 C CD1 . ILE B 1 50 ? -2.151  -4.832  -7.193  1.00 20.99 ? 50  ILE B CD1 1 
ATOM   1101 N N   . GLY B 1 51 ? 0.676   -9.613  -8.634  1.00 16.37 ? 51  GLY B N   1 
ATOM   1102 C CA  . GLY B 1 51 ? 1.742   -10.249 -9.389  1.00 14.19 ? 51  GLY B CA  1 
ATOM   1103 C C   . GLY B 1 51 ? 2.139   -11.596 -8.791  1.00 16.48 ? 51  GLY B C   1 
ATOM   1104 O O   . GLY B 1 51 ? 2.816   -12.352 -9.476  1.00 18.72 ? 51  GLY B O   1 
ATOM   1105 N N   . GLY B 1 52 ? 1.745   -11.978 -7.574  1.00 13.99 ? 52  GLY B N   1 
ATOM   1106 C CA  . GLY B 1 52 ? 2.138   -13.249 -6.997  1.00 14.08 ? 52  GLY B CA  1 
ATOM   1107 C C   . GLY B 1 52 ? 2.875   -13.040 -5.683  1.00 15.46 ? 52  GLY B C   1 
ATOM   1108 O O   . GLY B 1 52 ? 2.715   -12.054 -4.943  1.00 17.21 ? 52  GLY B O   1 
ATOM   1109 N N   . PHE B 1 53 ? 3.775   -13.971 -5.451  1.00 16.09 ? 53  PHE B N   1 
ATOM   1110 C CA  . PHE B 1 53 ? 4.440   -14.095 -4.157  1.00 16.85 ? 53  PHE B CA  1 
ATOM   1111 C C   . PHE B 1 53 ? 5.937   -13.940 -4.236  1.00 15.40 ? 53  PHE B C   1 
ATOM   1112 O O   . PHE B 1 53 ? 6.521   -14.239 -5.271  1.00 15.71 ? 53  PHE B O   1 
ATOM   1113 C CB  . PHE B 1 53 ? 4.160   -15.477 -3.516  1.00 14.39 ? 53  PHE B CB  1 
ATOM   1114 C CG  . PHE B 1 53 ? 2.762   -15.630 -2.935  1.00 16.60 ? 53  PHE B CG  1 
ATOM   1115 C CD1 . PHE B 1 53 ? 1.654   -15.802 -3.764  1.00 17.86 ? 53  PHE B CD1 1 
ATOM   1116 C CD2 . PHE B 1 53 ? 2.598   -15.580 -1.549  1.00 17.19 ? 53  PHE B CD2 1 
ATOM   1117 C CE1 . PHE B 1 53 ? 0.384   -15.922 -3.210  1.00 17.43 ? 53  PHE B CE1 1 
ATOM   1118 C CE2 . PHE B 1 53 ? 1.319   -15.702 -1.007  1.00 20.41 ? 53  PHE B CE2 1 
ATOM   1119 C CZ  . PHE B 1 53 ? 0.217   -15.871 -1.835  1.00 16.25 ? 53  PHE B CZ  1 
ATOM   1120 N N   . ILE B 1 54 ? 6.575   -13.449 -3.188  1.00 16.64 ? 54  ILE B N   1 
ATOM   1121 C CA  . ILE B 1 54 ? 8.009   -13.453 -3.144  1.00 15.72 ? 54  ILE B CA  1 
ATOM   1122 C C   . ILE B 1 54 ? 8.359   -14.094 -1.810  1.00 15.25 ? 54  ILE B C   1 
ATOM   1123 O O   . ILE B 1 54 ? 7.645   -13.999 -0.793  1.00 13.43 ? 54  ILE B O   1 
ATOM   1124 C CB  . ILE B 1 54 ? 8.631   -12.027 -3.196  1.00 18.41 ? 54  ILE B CB  1 
ATOM   1125 C CG1 . ILE B 1 54 ? 8.055   -11.081 -2.161  1.00 19.16 ? 54  ILE B CG1 1 
ATOM   1126 C CG2 . ILE B 1 54 ? 8.403   -11.488 -4.598  1.00 21.46 ? 54  ILE B CG2 1 
ATOM   1127 C CD1 . ILE B 1 54 ? 9.018   -9.863  -1.954  1.00 19.91 ? 54  ILE B CD1 1 
ATOM   1128 N N   . LYS B 1 55 ? 9.508   -14.742 -1.823  1.00 13.85 ? 55  LYS B N   1 
ATOM   1129 C CA  . LYS B 1 55 ? 9.997   -15.446 -0.655  1.00 18.90 ? 55  LYS B CA  1 
ATOM   1130 C C   . LYS B 1 55 ? 10.830  -14.433 0.110   1.00 16.43 ? 55  LYS B C   1 
ATOM   1131 O O   . LYS B 1 55 ? 11.653  -13.742 -0.491  1.00 17.60 ? 55  LYS B O   1 
ATOM   1132 C CB  . LYS B 1 55 ? 10.868  -16.651 -1.094  1.00 19.63 ? 55  LYS B CB  1 
ATOM   1133 N N   . VAL B 1 56 ? 10.595  -14.264 1.397   1.00 16.95 ? 56  VAL B N   1 
ATOM   1134 C CA  . VAL B 1 56 ? 11.364  -13.311 2.206   1.00 16.85 ? 56  VAL B CA  1 
ATOM   1135 C C   . VAL B 1 56 ? 11.922  -13.978 3.482   1.00 16.89 ? 56  VAL B C   1 
ATOM   1136 O O   . VAL B 1 56 ? 11.541  -15.103 3.840   1.00 18.35 ? 56  VAL B O   1 
ATOM   1137 C CB  . VAL B 1 56 ? 10.445  -12.068 2.582   1.00 17.04 ? 56  VAL B CB  1 
ATOM   1138 C CG1 . VAL B 1 56 ? 10.100  -11.307 1.333   1.00 15.67 ? 56  VAL B CG1 1 
ATOM   1139 C CG2 . VAL B 1 56 ? 9.157   -12.505 3.276   1.00 15.17 ? 56  VAL B CG2 1 
ATOM   1140 N N   . ARG B 1 57 ? 12.831  -13.323 4.225   1.00 19.04 ? 57  ARG B N   1 
ATOM   1141 C CA  . ARG B 1 57 ? 13.381  -13.841 5.470   1.00 16.22 ? 57  ARG B CA  1 
ATOM   1142 C C   . ARG B 1 57 ? 12.759  -12.979 6.514   1.00 15.88 ? 57  ARG B C   1 
ATOM   1143 O O   . ARG B 1 57 ? 12.809  -11.759 6.433   1.00 16.25 ? 57  ARG B O   1 
ATOM   1144 C CB  . ARG B 1 57 ? 14.875  -13.657 5.561   1.00 18.97 ? 57  ARG B CB  1 
ATOM   1145 C CG  . ARG B 1 57 ? 15.615  -14.297 4.426   1.00 21.18 ? 57  ARG B CG  1 
ATOM   1146 C CD  . ARG B 1 57 ? 17.093  -14.319 4.776   1.00 27.54 ? 57  ARG B CD  1 
ATOM   1147 N NE  . ARG B 1 57 ? 17.740  -13.004 4.961   1.00 31.91 ? 57  ARG B NE  1 
ATOM   1148 C CZ  . ARG B 1 57 ? 18.218  -12.265 3.937   1.00 30.12 ? 57  ARG B CZ  1 
ATOM   1149 N NH1 . ARG B 1 57 ? 18.080  -12.668 2.675   1.00 32.33 ? 57  ARG B NH1 1 
ATOM   1150 N NH2 . ARG B 1 57 ? 18.820  -11.102 4.175   1.00 30.35 ? 57  ARG B NH2 1 
ATOM   1151 N N   . GLN B 1 58 ? 12.133  -13.571 7.480   1.00 16.64 ? 58  GLN B N   1 
ATOM   1152 C CA  . GLN B 1 58 ? 11.524  -12.822 8.541   1.00 20.12 ? 58  GLN B CA  1 
ATOM   1153 C C   . GLN B 1 58 ? 12.459  -12.588 9.747   1.00 22.71 ? 58  GLN B C   1 
ATOM   1154 O O   . GLN B 1 58 ? 12.875  -13.583 10.356  1.00 23.54 ? 58  GLN B O   1 
ATOM   1155 C CB  . GLN B 1 58 ? 10.289  -13.591 8.938   1.00 19.34 ? 58  GLN B CB  1 
ATOM   1156 C CG  . GLN B 1 58 ? 9.597   -12.761 9.953   1.00 24.12 ? 58  GLN B CG  1 
ATOM   1157 C CD  . GLN B 1 58 ? 8.450   -13.484 10.563  1.00 27.78 ? 58  GLN B CD  1 
ATOM   1158 O OE1 . GLN B 1 58 ? 7.770   -14.243 9.912   1.00 31.74 ? 58  GLN B OE1 1 
ATOM   1159 N NE2 . GLN B 1 58 ? 8.163   -13.271 11.826  1.00 31.72 ? 58  GLN B NE2 1 
ATOM   1160 N N   . TYR B 1 59 ? 12.797  -11.353 10.124  1.00 21.00 ? 59  TYR B N   1 
ATOM   1161 C CA  . TYR B 1 59 ? 13.564  -11.093 11.328  1.00 20.08 ? 59  TYR B CA  1 
ATOM   1162 C C   . TYR B 1 59 ? 12.612  -10.433 12.293  1.00 24.34 ? 59  TYR B C   1 
ATOM   1163 O O   . TYR B 1 59 ? 11.707  -9.694  11.913  1.00 20.95 ? 59  TYR B O   1 
ATOM   1164 C CB  . TYR B 1 59 ? 14.714  -10.176 11.069  1.00 17.32 ? 59  TYR B CB  1 
ATOM   1165 C CG  . TYR B 1 59 ? 15.814  -10.708 10.152  1.00 20.30 ? 59  TYR B CG  1 
ATOM   1166 C CD1 . TYR B 1 59 ? 15.669  -10.608 8.761   1.00 18.41 ? 59  TYR B CD1 1 
ATOM   1167 C CD2 . TYR B 1 59 ? 16.994  -11.233 10.698  1.00 20.89 ? 59  TYR B CD2 1 
ATOM   1168 C CE1 . TYR B 1 59 ? 16.681  -11.017 7.904   1.00 20.56 ? 59  TYR B CE1 1 
ATOM   1169 C CE2 . TYR B 1 59 ? 18.024  -11.653 9.836   1.00 21.66 ? 59  TYR B CE2 1 
ATOM   1170 C CZ  . TYR B 1 59 ? 17.861  -11.535 8.454   1.00 24.38 ? 59  TYR B CZ  1 
ATOM   1171 O OH  . TYR B 1 59 ? 18.885  -11.898 7.610   1.00 25.47 ? 59  TYR B OH  1 
ATOM   1172 N N   . ASP B 1 60 ? 12.745  -10.709 13.585  1.00 28.61 ? 60  ASP B N   1 
ATOM   1173 C CA  . ASP B 1 60 ? 11.824  -10.200 14.569  1.00 31.26 ? 60  ASP B CA  1 
ATOM   1174 C C   . ASP B 1 60 ? 12.586  -9.281  15.483  1.00 31.93 ? 60  ASP B C   1 
ATOM   1175 O O   . ASP B 1 60 ? 13.801  -9.429  15.569  1.00 31.35 ? 60  ASP B O   1 
ATOM   1176 C CB  . ASP B 1 60 ? 11.266  -11.329 15.355  1.00 36.61 ? 60  ASP B CB  1 
ATOM   1177 C CG  . ASP B 1 60 ? 10.607  -12.348 14.449  1.00 44.02 ? 60  ASP B CG  1 
ATOM   1178 O OD1 . ASP B 1 60 ? 9.426   -12.177 14.143  1.00 46.86 ? 60  ASP B OD1 1 
ATOM   1179 O OD2 . ASP B 1 60 ? 11.283  -13.305 14.049  1.00 50.21 ? 60  ASP B OD2 1 
ATOM   1180 N N   . GLN B 1 61 ? 11.895  -8.334  16.135  1.00 34.20 ? 61  GLN B N   1 
ATOM   1181 C CA  . GLN B 1 61 ? 12.445  -7.409  17.126  1.00 32.87 ? 61  GLN B CA  1 
ATOM   1182 C C   . GLN B 1 61 ? 13.561  -6.530  16.639  1.00 30.52 ? 61  GLN B C   1 
ATOM   1183 O O   . GLN B 1 61 ? 14.476  -6.182  17.387  1.00 32.72 ? 61  GLN B O   1 
ATOM   1184 C CB  . GLN B 1 61 ? 12.922  -8.190  18.380  1.00 36.68 ? 61  GLN B CB  1 
ATOM   1185 C CG  . GLN B 1 61 ? 11.804  -8.661  19.300  1.00 43.10 ? 61  GLN B CG  1 
ATOM   1186 C CD  . GLN B 1 61 ? 10.913  -7.495  19.703  1.00 48.98 ? 61  GLN B CD  1 
ATOM   1187 O OE1 . GLN B 1 61 ? 9.916   -7.238  19.032  1.00 52.89 ? 61  GLN B OE1 1 
ATOM   1188 N NE2 . GLN B 1 61 ? 11.197  -6.681  20.719  1.00 50.61 ? 61  GLN B NE2 1 
ATOM   1189 N N   . ILE B 1 62 ? 13.431  -6.106  15.383  1.00 29.63 ? 62  ILE B N   1 
ATOM   1190 C CA  . ILE B 1 62 ? 14.400  -5.233  14.712  1.00 30.21 ? 62  ILE B CA  1 
ATOM   1191 C C   . ILE B 1 62 ? 14.008  -3.779  14.990  1.00 33.12 ? 62  ILE B C   1 
ATOM   1192 O O   . ILE B 1 62 ? 12.845  -3.437  14.735  1.00 37.24 ? 62  ILE B O   1 
ATOM   1193 C CB  . ILE B 1 62 ? 14.374  -5.480  13.186  1.00 28.56 ? 62  ILE B CB  1 
ATOM   1194 C CG1 . ILE B 1 62 ? 14.565  -6.979  12.894  1.00 28.40 ? 62  ILE B CG1 1 
ATOM   1195 C CG2 . ILE B 1 62 ? 15.395  -4.585  12.527  1.00 23.80 ? 62  ILE B CG2 1 
ATOM   1196 C CD1 . ILE B 1 62 ? 15.879  -7.596  13.388  1.00 29.66 ? 62  ILE B CD1 1 
ATOM   1197 N N   . PRO B 1 63 ? 14.847  -2.900  15.532  1.00 32.72 ? 63  PRO B N   1 
ATOM   1198 C CA  . PRO B 1 63 ? 14.506  -1.511  15.778  1.00 32.58 ? 63  PRO B CA  1 
ATOM   1199 C C   . PRO B 1 63 ? 14.723  -0.720  14.498  1.00 30.86 ? 63  PRO B C   1 
ATOM   1200 O O   . PRO B 1 63 ? 15.673  -0.960  13.750  1.00 30.46 ? 63  PRO B O   1 
ATOM   1201 C CB  . PRO B 1 63 ? 15.408  -1.058  16.906  1.00 32.83 ? 63  PRO B CB  1 
ATOM   1202 C CG  . PRO B 1 63 ? 16.083  -2.323  17.369  1.00 35.01 ? 63  PRO B CG  1 
ATOM   1203 C CD  . PRO B 1 63 ? 16.137  -3.209  16.123  1.00 34.26 ? 63  PRO B CD  1 
ATOM   1204 N N   . VAL B 1 64 ? 13.813  0.222   14.282  1.00 28.62 ? 64  VAL B N   1 
ATOM   1205 C CA  . VAL B 1 64 ? 13.768  1.045   13.094  1.00 29.93 ? 64  VAL B CA  1 
ATOM   1206 C C   . VAL B 1 64 ? 13.374  2.436   13.611  1.00 31.10 ? 64  VAL B C   1 
ATOM   1207 O O   . VAL B 1 64 ? 12.589  2.589   14.570  1.00 34.66 ? 64  VAL B O   1 
ATOM   1208 C CB  . VAL B 1 64 ? 12.676  0.542   12.062  1.00 28.93 ? 64  VAL B CB  1 
ATOM   1209 C CG1 . VAL B 1 64 ? 12.852  1.234   10.716  1.00 24.71 ? 64  VAL B CG1 1 
ATOM   1210 C CG2 . VAL B 1 64 ? 12.826  -0.946  11.790  1.00 29.01 ? 64  VAL B CG2 1 
ATOM   1211 N N   . GLU B 1 65 ? 13.983  3.477   13.061  1.00 29.60 ? 65  GLU B N   1 
ATOM   1212 C CA  . GLU B 1 65 ? 13.528  4.838   13.352  1.00 30.39 ? 65  GLU B CA  1 
ATOM   1213 C C   . GLU B 1 65 ? 12.980  5.362   12.015  1.00 27.18 ? 65  GLU B C   1 
ATOM   1214 O O   . GLU B 1 65 ? 13.636  5.341   10.965  1.00 24.39 ? 65  GLU B O   1 
ATOM   1215 C CB  . GLU B 1 65 ? 14.689  5.753   13.831  1.00 30.04 ? 65  GLU B CB  1 
ATOM   1216 N N   . ILE B 1 66 ? 11.718  5.766   12.025  1.00 27.21 ? 66  ILE B N   1 
ATOM   1217 C CA  . ILE B 1 66 ? 11.041  6.245   10.837  1.00 27.02 ? 66  ILE B CA  1 
ATOM   1218 C C   . ILE B 1 66 ? 10.761  7.695   11.144  1.00 26.07 ? 66  ILE B C   1 
ATOM   1219 O O   . ILE B 1 66 ? 9.986   8.002   12.063  1.00 23.66 ? 66  ILE B O   1 
ATOM   1220 C CB  . ILE B 1 66 ? 9.764   5.442   10.653  1.00 25.37 ? 66  ILE B CB  1 
ATOM   1221 C CG1 . ILE B 1 66 ? 10.043  3.958   10.485  1.00 24.81 ? 66  ILE B CG1 1 
ATOM   1222 C CG2 . ILE B 1 66 ? 9.084   5.952   9.407   1.00 26.81 ? 66  ILE B CG2 1 
ATOM   1223 C CD1 . ILE B 1 66 ? 9.010   3.076   11.198  1.00 27.57 ? 66  ILE B CD1 1 
ATOM   1224 N N   . CYS B 1 67 ? 11.447  8.570   10.406  1.00 29.30 ? 67  CYS B N   1 
ATOM   1225 C CA  . CYS B 1 67 ? 11.377  10.005  10.643  1.00 35.31 ? 67  CYS B CA  1 
ATOM   1226 C C   . CYS B 1 67 ? 11.646  10.365  12.097  1.00 39.04 ? 67  CYS B C   1 
ATOM   1227 O O   . CYS B 1 67 ? 10.864  11.056  12.774  1.00 41.71 ? 67  CYS B O   1 
ATOM   1228 C CB  . CYS B 1 67 ? 10.017  10.536  10.258  1.00 36.18 ? 67  CYS B CB  1 
ATOM   1229 S SG  . CYS B 1 67 ? 10.107  10.643  8.480   1.00 42.14 ? 67  CYS B SG  1 
ATOM   1230 N N   . GLY B 1 68 ? 12.738  9.792   12.620  1.00 39.20 ? 68  GLY B N   1 
ATOM   1231 C CA  . GLY B 1 68 ? 13.143  10.031  13.996  1.00 38.05 ? 68  GLY B CA  1 
ATOM   1232 C C   . GLY B 1 68 ? 12.168  9.484   15.028  1.00 38.53 ? 68  GLY B C   1 
ATOM   1233 O O   . GLY B 1 68 ? 12.305  9.783   16.220  1.00 41.45 ? 68  GLY B O   1 
ATOM   1234 N N   . HIS B 1 69 ? 11.175  8.675   14.626  1.00 34.07 ? 69  HIS B N   1 
ATOM   1235 C CA  . HIS B 1 69 ? 10.240  8.084   15.566  1.00 32.23 ? 69  HIS B CA  1 
ATOM   1236 C C   . HIS B 1 69 ? 10.674  6.648   15.707  1.00 33.20 ? 69  HIS B C   1 
ATOM   1237 O O   . HIS B 1 69 ? 10.867  5.966   14.694  1.00 35.29 ? 69  HIS B O   1 
ATOM   1238 C CB  . HIS B 1 69 ? 8.831   8.076   15.059  1.00 29.54 ? 69  HIS B CB  1 
ATOM   1239 C CG  . HIS B 1 69 ? 8.159   9.430   15.043  1.00 29.49 ? 69  HIS B CG  1 
ATOM   1240 N ND1 . HIS B 1 69 ? 7.142   9.850   15.782  1.00 29.41 ? 69  HIS B ND1 1 
ATOM   1241 C CD2 . HIS B 1 69 ? 8.489   10.439  14.196  1.00 30.83 ? 69  HIS B CD2 1 
ATOM   1242 C CE1 . HIS B 1 69 ? 6.838   11.063  15.419  1.00 28.98 ? 69  HIS B CE1 1 
ATOM   1243 N NE2 . HIS B 1 69 ? 7.661   11.402  14.466  1.00 31.81 ? 69  HIS B NE2 1 
ATOM   1244 N N   . LYS B 1 70 ? 10.852  6.185   16.940  1.00 30.96 ? 70  LYS B N   1 
ATOM   1245 C CA  . LYS B 1 70 ? 11.371  4.853   17.128  1.00 27.57 ? 70  LYS B CA  1 
ATOM   1246 C C   . LYS B 1 70 ? 10.223  3.854   17.124  1.00 25.92 ? 70  LYS B C   1 
ATOM   1247 O O   . LYS B 1 70 ? 9.103   4.138   17.567  1.00 25.37 ? 70  LYS B O   1 
ATOM   1248 C CB  . LYS B 1 70 ? 12.152  4.859   18.446  1.00 25.62 ? 70  LYS B CB  1 
ATOM   1249 N N   . ALA B 1 71 ? 10.518  2.693   16.555  1.00 26.52 ? 71  ALA B N   1 
ATOM   1250 C CA  . ALA B 1 71 ? 9.614   1.569   16.494  1.00 22.57 ? 71  ALA B CA  1 
ATOM   1251 C C   . ALA B 1 71 ? 10.512  0.323   16.562  1.00 22.86 ? 71  ALA B C   1 
ATOM   1252 O O   . ALA B 1 71 ? 11.758  0.402   16.524  1.00 23.19 ? 71  ALA B O   1 
ATOM   1253 C CB  . ALA B 1 71 ? 8.832   1.603   15.163  1.00 24.11 ? 71  ALA B CB  1 
ATOM   1254 N N   . ILE B 1 72 ? 9.910   -0.859  16.686  1.00 20.22 ? 72  ILE B N   1 
ATOM   1255 C CA  . ILE B 1 72 ? 10.651  -2.088  16.760  1.00 21.65 ? 72  ILE B CA  1 
ATOM   1256 C C   . ILE B 1 72 ? 9.699   -3.208  16.415  1.00 17.08 ? 72  ILE B C   1 
ATOM   1257 O O   . ILE B 1 72 ? 8.619   -3.308  16.982  1.00 19.76 ? 72  ILE B O   1 
ATOM   1258 C CB  . ILE B 1 72 ? 11.265  -2.184  18.211  1.00 24.32 ? 72  ILE B CB  1 
ATOM   1259 C CG1 . ILE B 1 72 ? 12.091  -3.447  18.212  1.00 28.31 ? 72  ILE B CG1 1 
ATOM   1260 C CG2 . ILE B 1 72 ? 10.208  -2.139  19.357  1.00 24.02 ? 72  ILE B CG2 1 
ATOM   1261 C CD1 . ILE B 1 72 ? 13.010  -3.548  19.431  1.00 30.59 ? 72  ILE B CD1 1 
ATOM   1262 N N   . GLY B 1 73 ? 10.012  -4.087  15.498  1.00 17.19 ? 73  GLY B N   1 
ATOM   1263 C CA  . GLY B 1 73 ? 9.079   -5.159  15.214  1.00 19.47 ? 73  GLY B CA  1 
ATOM   1264 C C   . GLY B 1 73 ? 9.624   -6.127  14.177  1.00 20.79 ? 73  GLY B C   1 
ATOM   1265 O O   . GLY B 1 73 ? 10.835  -6.244  14.038  1.00 27.20 ? 73  GLY B O   1 
ATOM   1266 N N   . THR B 1 74 ? 8.782   -6.859  13.466  1.00 22.76 ? 74  THR B N   1 
ATOM   1267 C CA  . THR B 1 74 ? 9.189   -7.795  12.425  1.00 25.06 ? 74  THR B CA  1 
ATOM   1268 C C   . THR B 1 74 ? 9.500   -7.014  11.153  1.00 25.23 ? 74  THR B C   1 
ATOM   1269 O O   . THR B 1 74 ? 8.779   -6.050  10.809  1.00 25.28 ? 74  THR B O   1 
ATOM   1270 C CB  . THR B 1 74 ? 8.035   -8.767  12.177  1.00 25.48 ? 74  THR B CB  1 
ATOM   1271 O OG1 . THR B 1 74 ? 7.982   -9.476  13.393  1.00 28.28 ? 74  THR B OG1 1 
ATOM   1272 C CG2 . THR B 1 74 ? 8.169   -9.723  11.020  1.00 24.07 ? 74  THR B CG2 1 
ATOM   1273 N N   . VAL B 1 75 ? 10.570  -7.452  10.476  1.00 21.66 ? 75  VAL B N   1 
ATOM   1274 C CA  . VAL B 1 75 ? 10.995  -6.889  9.207   1.00 21.18 ? 75  VAL B CA  1 
ATOM   1275 C C   . VAL B 1 75 ? 11.166  -8.136  8.351   1.00 21.34 ? 75  VAL B C   1 
ATOM   1276 O O   . VAL B 1 75 ? 11.633  -9.167  8.839   1.00 18.53 ? 75  VAL B O   1 
ATOM   1277 C CB  . VAL B 1 75 ? 12.286  -6.085  9.469   1.00 22.45 ? 75  VAL B CB  1 
ATOM   1278 C CG1 . VAL B 1 75 ? 13.229  -5.946  8.317   1.00 24.15 ? 75  VAL B CG1 1 
ATOM   1279 C CG2 . VAL B 1 75 ? 11.790  -4.674  9.813   1.00 24.75 ? 75  VAL B CG2 1 
ATOM   1280 N N   . LEU B 1 76 ? 10.627  -8.084  7.132   1.00 18.43 ? 76  LEU B N   1 
ATOM   1281 C CA  . LEU B 1 76 ? 10.790  -9.133  6.138   1.00 17.86 ? 76  LEU B CA  1 
ATOM   1282 C C   . LEU B 1 76 ? 11.839  -8.596  5.195   1.00 16.72 ? 76  LEU B C   1 
ATOM   1283 O O   . LEU B 1 76 ? 11.788  -7.401  4.869   1.00 17.06 ? 76  LEU B O   1 
ATOM   1284 C CB  . LEU B 1 76 ? 9.502   -9.388  5.359   1.00 15.23 ? 76  LEU B CB  1 
ATOM   1285 C CG  . LEU B 1 76 ? 8.316   -9.673  6.222   1.00 19.13 ? 76  LEU B CG  1 
ATOM   1286 C CD1 . LEU B 1 76 ? 7.142   -9.839  5.332   1.00 20.78 ? 76  LEU B CD1 1 
ATOM   1287 C CD2 . LEU B 1 76 ? 8.508   -10.934 7.015   1.00 20.64 ? 76  LEU B CD2 1 
ATOM   1288 N N   . VAL B 1 77 ? 12.832  -9.390  4.802   1.00 14.63 ? 77  VAL B N   1 
ATOM   1289 C CA  . VAL B 1 77 ? 13.850  -8.914  3.891   1.00 16.42 ? 77  VAL B CA  1 
ATOM   1290 C C   . VAL B 1 77 ? 13.713  -9.788  2.676   1.00 15.98 ? 77  VAL B C   1 
ATOM   1291 O O   . VAL B 1 77 ? 13.682  -10.998 2.829   1.00 22.20 ? 77  VAL B O   1 
ATOM   1292 C CB  . VAL B 1 77 ? 15.242  -9.066  4.469   1.00 16.49 ? 77  VAL B CB  1 
ATOM   1293 C CG1 . VAL B 1 77 ? 16.248  -8.524  3.511   1.00 15.55 ? 77  VAL B CG1 1 
ATOM   1294 C CG2 . VAL B 1 77 ? 15.372  -8.185  5.695   1.00 19.08 ? 77  VAL B CG2 1 
ATOM   1295 N N   . GLY B 1 78 ? 13.584  -9.255  1.484   1.00 17.97 ? 78  GLY B N   1 
ATOM   1296 C CA  . GLY B 1 78 ? 13.438  -10.041 0.284   1.00 18.79 ? 78  GLY B CA  1 
ATOM   1297 C C   . GLY B 1 78 ? 13.673  -9.138  -0.903  1.00 17.85 ? 78  GLY B C   1 
ATOM   1298 O O   . GLY B 1 78 ? 13.914  -7.935  -0.734  1.00 16.31 ? 78  GLY B O   1 
ATOM   1299 N N   . PRO B 1 79 ? 13.618  -9.661  -2.124  1.00 19.70 ? 79  PRO B N   1 
ATOM   1300 C CA  . PRO B 1 79 ? 13.877  -8.934  -3.356  1.00 25.05 ? 79  PRO B CA  1 
ATOM   1301 C C   . PRO B 1 79 ? 12.893  -7.844  -3.865  1.00 32.29 ? 79  PRO B C   1 
ATOM   1302 O O   . PRO B 1 79 ? 12.798  -7.624  -5.092  1.00 37.02 ? 79  PRO B O   1 
ATOM   1303 C CB  . PRO B 1 79 ? 14.087  -10.052 -4.361  1.00 23.19 ? 79  PRO B CB  1 
ATOM   1304 C CG  . PRO B 1 79 ? 13.121  -11.075 -3.877  1.00 24.97 ? 79  PRO B CG  1 
ATOM   1305 C CD  . PRO B 1 79 ? 13.366  -11.068 -2.379  1.00 20.37 ? 79  PRO B CD  1 
ATOM   1306 N N   . THR B 1 80 ? 12.240  -7.096  -2.947  1.00 30.21 ? 80  THR B N   1 
ATOM   1307 C CA  . THR B 1 80 ? 11.307  -6.013  -3.268  1.00 26.20 ? 80  THR B CA  1 
ATOM   1308 C C   . THR B 1 80 ? 12.030  -4.879  -3.993  1.00 25.92 ? 80  THR B C   1 
ATOM   1309 O O   . THR B 1 80 ? 13.188  -4.650  -3.673  1.00 24.73 ? 80  THR B O   1 
ATOM   1310 C CB  . THR B 1 80 ? 10.653  -5.504  -1.949  1.00 21.49 ? 80  THR B CB  1 
ATOM   1311 O OG1 . THR B 1 80 ? 9.898   -4.362  -2.333  1.00 21.09 ? 80  THR B OG1 1 
ATOM   1312 C CG2 . THR B 1 80 ? 11.626  -5.102  -0.854  1.00 18.02 ? 80  THR B CG2 1 
ATOM   1313 N N   . PRO B 1 81 ? 11.460  -4.121  -4.948  1.00 28.64 ? 81  PRO B N   1 
ATOM   1314 C CA  . PRO B 1 81 ? 12.032  -2.883  -5.465  1.00 28.30 ? 81  PRO B CA  1 
ATOM   1315 C C   . PRO B 1 81 ? 12.041  -1.754  -4.460  1.00 31.28 ? 81  PRO B C   1 
ATOM   1316 O O   . PRO B 1 81 ? 12.856  -0.833  -4.557  1.00 32.40 ? 81  PRO B O   1 
ATOM   1317 C CB  . PRO B 1 81 ? 11.201  -2.516  -6.649  1.00 29.26 ? 81  PRO B CB  1 
ATOM   1318 C CG  . PRO B 1 81 ? 9.867   -3.071  -6.281  1.00 29.01 ? 81  PRO B CG  1 
ATOM   1319 C CD  . PRO B 1 81 ? 10.242  -4.428  -5.681  1.00 30.54 ? 81  PRO B CD  1 
ATOM   1320 N N   . VAL B 1 82 ? 11.137  -1.764  -3.473  1.00 29.84 ? 82  VAL B N   1 
ATOM   1321 C CA  . VAL B 1 82 ? 11.000  -0.580  -2.665  1.00 25.79 ? 82  VAL B CA  1 
ATOM   1322 C C   . VAL B 1 82 ? 10.991  -1.088  -1.222  1.00 22.70 ? 82  VAL B C   1 
ATOM   1323 O O   . VAL B 1 82 ? 10.484  -2.170  -0.970  1.00 20.09 ? 82  VAL B O   1 
ATOM   1324 C CB  . VAL B 1 82 ? 9.648   0.154   -3.078  1.00 24.78 ? 82  VAL B CB  1 
ATOM   1325 C CG1 . VAL B 1 82 ? 9.765   1.575   -2.568  1.00 24.61 ? 82  VAL B CG1 1 
ATOM   1326 C CG2 . VAL B 1 82 ? 9.395   0.258   -4.590  1.00 26.89 ? 82  VAL B CG2 1 
ATOM   1327 N N   . ASN B 1 83 ? 11.593  -0.368  -0.274  1.00 19.29 ? 83  ASN B N   1 
ATOM   1328 C CA  . ASN B 1 83 ? 11.438  -0.683  1.131   1.00 18.97 ? 83  ASN B CA  1 
ATOM   1329 C C   . ASN B 1 83 ? 10.030  -0.275  1.481   1.00 17.06 ? 83  ASN B C   1 
ATOM   1330 O O   . ASN B 1 83 ? 9.589   0.821   1.120   1.00 15.23 ? 83  ASN B O   1 
ATOM   1331 C CB  . ASN B 1 83 ? 12.377  0.121   1.994   1.00 23.07 ? 83  ASN B CB  1 
ATOM   1332 C CG  . ASN B 1 83 ? 13.819  -0.301  1.774   1.00 25.61 ? 83  ASN B CG  1 
ATOM   1333 O OD1 . ASN B 1 83 ? 14.191  -1.434  2.039   1.00 23.62 ? 83  ASN B OD1 1 
ATOM   1334 N ND2 . ASN B 1 83 ? 14.691  0.554   1.263   1.00 29.17 ? 83  ASN B ND2 1 
ATOM   1335 N N   . ILE B 1 84 ? 9.298   -1.077  2.194   1.00 14.72 ? 84  ILE B N   1 
ATOM   1336 C CA  . ILE B 1 84 ? 7.914   -0.798  2.452   1.00 13.37 ? 84  ILE B CA  1 
ATOM   1337 C C   . ILE B 1 84 ? 7.801   -0.841  3.942   1.00 14.05 ? 84  ILE B C   1 
ATOM   1338 O O   . ILE B 1 84 ? 8.135   -1.852  4.577   1.00 15.99 ? 84  ILE B O   1 
ATOM   1339 C CB  . ILE B 1 84 ? 7.003   -1.893  1.811   1.00 14.97 ? 84  ILE B CB  1 
ATOM   1340 C CG1 . ILE B 1 84 ? 6.994   -1.731  0.314   1.00 16.39 ? 84  ILE B CG1 1 
ATOM   1341 C CG2 . ILE B 1 84 ? 5.595   -1.808  2.369   1.00 12.55 ? 84  ILE B CG2 1 
ATOM   1342 C CD1 . ILE B 1 84 ? 6.510   -2.981  -0.424  1.00 19.65 ? 84  ILE B CD1 1 
ATOM   1343 N N   . ILE B 1 85 ? 7.251   0.253   4.461   1.00 12.60 ? 85  ILE B N   1 
ATOM   1344 C CA  . ILE B 1 85 ? 6.941   0.379   5.869   1.00 12.79 ? 85  ILE B CA  1 
ATOM   1345 C C   . ILE B 1 85 ? 5.469   0.010   5.951   1.00 11.11 ? 85  ILE B C   1 
ATOM   1346 O O   . ILE B 1 85 ? 4.598   0.687   5.401   1.00 12.74 ? 85  ILE B O   1 
ATOM   1347 C CB  . ILE B 1 85 ? 7.212   1.853   6.334   1.00 14.04 ? 85  ILE B CB  1 
ATOM   1348 C CG1 . ILE B 1 85 ? 8.685   2.224   6.187   1.00 13.56 ? 85  ILE B CG1 1 
ATOM   1349 C CG2 . ILE B 1 85 ? 6.789   1.982   7.790   1.00 15.56 ? 85  ILE B CG2 1 
ATOM   1350 C CD1 . ILE B 1 85 ? 9.647   1.262   6.915   1.00 15.59 ? 85  ILE B CD1 1 
ATOM   1351 N N   . GLY B 1 86 ? 5.159   -1.039  6.661   1.00 7.06  ? 86  GLY B N   1 
ATOM   1352 C CA  . GLY B 1 86 ? 3.800   -1.501  6.689   1.00 8.56  ? 86  GLY B CA  1 
ATOM   1353 C C   . GLY B 1 86 ? 3.181   -1.178  8.023   1.00 11.57 ? 86  GLY B C   1 
ATOM   1354 O O   . GLY B 1 86 ? 3.801   -0.606  8.930   1.00 13.80 ? 86  GLY B O   1 
ATOM   1355 N N   . ARG B 1 87 ? 1.931   -1.572  8.171   1.00 11.32 ? 87  ARG B N   1 
ATOM   1356 C CA  . ARG B 1 87 ? 1.173   -1.291  9.358   1.00 13.74 ? 87  ARG B CA  1 
ATOM   1357 C C   . ARG B 1 87 ? 1.809   -1.737  10.672  1.00 14.77 ? 87  ARG B C   1 
ATOM   1358 O O   . ARG B 1 87 ? 1.655   -1.014  11.671  1.00 14.08 ? 87  ARG B O   1 
ATOM   1359 C CB  . ARG B 1 87 ? -0.190  -1.916  9.220   1.00 13.73 ? 87  ARG B CB  1 
ATOM   1360 C CG  . ARG B 1 87 ? -1.199  -1.164  8.331   1.00 14.61 ? 87  ARG B CG  1 
ATOM   1361 C CD  . ARG B 1 87 ? -2.344  -2.111  8.016   1.00 15.56 ? 87  ARG B CD  1 
ATOM   1362 N NE  . ARG B 1 87 ? -2.879  -2.627  9.242   1.00 29.16 ? 87  ARG B NE  1 
ATOM   1363 C CZ  . ARG B 1 87 ? -3.069  -3.928  9.488   1.00 31.02 ? 87  ARG B CZ  1 
ATOM   1364 N NH1 . ARG B 1 87 ? -2.893  -4.893  8.586   1.00 29.54 ? 87  ARG B NH1 1 
ATOM   1365 N NH2 . ARG B 1 87 ? -3.512  -4.255  10.690  1.00 34.30 ? 87  ARG B NH2 1 
ATOM   1366 N N   . ASN B 1 88 ? 2.541   -2.860  10.722  1.00 17.70 ? 88  ASN B N   1 
ATOM   1367 C CA  . ASN B 1 88 ? 3.158   -3.310  11.969  1.00 16.78 ? 88  ASN B CA  1 
ATOM   1368 C C   . ASN B 1 88 ? 4.059   -2.183  12.530  1.00 18.81 ? 88  ASN B C   1 
ATOM   1369 O O   . ASN B 1 88 ? 4.075   -1.978  13.743  1.00 18.53 ? 88  ASN B O   1 
ATOM   1370 C CB  . ASN B 1 88 ? 3.962   -4.606  11.712  1.00 15.34 ? 88  ASN B CB  1 
ATOM   1371 C CG  . ASN B 1 88 ? 5.289   -4.384  11.019  1.00 15.17 ? 88  ASN B CG  1 
ATOM   1372 O OD1 . ASN B 1 88 ? 5.313   -3.786  9.944   1.00 15.58 ? 88  ASN B OD1 1 
ATOM   1373 N ND2 . ASN B 1 88 ? 6.413   -4.831  11.572  1.00 13.59 ? 88  ASN B ND2 1 
ATOM   1374 N N   . LEU B 1 89 ? 4.726   -1.321  11.746  1.00 16.95 ? 89  LEU B N   1 
ATOM   1375 C CA  . LEU B 1 89 ? 5.495   -0.229  12.310  1.00 13.46 ? 89  LEU B CA  1 
ATOM   1376 C C   . LEU B 1 89 ? 4.791   1.123   12.311  1.00 15.35 ? 89  LEU B C   1 
ATOM   1377 O O   . LEU B 1 89 ? 5.010   1.969   13.185  1.00 16.69 ? 89  LEU B O   1 
ATOM   1378 C CB  . LEU B 1 89 ? 6.808   -0.143  11.552  1.00 13.93 ? 89  LEU B CB  1 
ATOM   1379 C CG  . LEU B 1 89 ? 7.699   -1.395  11.574  1.00 16.99 ? 89  LEU B CG  1 
ATOM   1380 C CD1 . LEU B 1 89 ? 9.014   -1.051  10.937  1.00 16.48 ? 89  LEU B CD1 1 
ATOM   1381 C CD2 . LEU B 1 89 ? 7.867   -1.903  12.998  1.00 16.17 ? 89  LEU B CD2 1 
ATOM   1382 N N   . LEU B 1 90 ? 3.898   1.364   11.352  1.00 14.10 ? 90  LEU B N   1 
ATOM   1383 C CA  . LEU B 1 90 ? 3.150   2.614   11.267  1.00 14.81 ? 90  LEU B CA  1 
ATOM   1384 C C   . LEU B 1 90 ? 2.270   2.768   12.496  1.00 14.07 ? 90  LEU B C   1 
ATOM   1385 O O   . LEU B 1 90 ? 2.101   3.893   12.952  1.00 16.50 ? 90  LEU B O   1 
ATOM   1386 C CB  . LEU B 1 90 ? 2.253   2.655   9.984   1.00 11.11 ? 90  LEU B CB  1 
ATOM   1387 C CG  . LEU B 1 90 ? 2.957   2.652   8.634   1.00 7.79  ? 90  LEU B CG  1 
ATOM   1388 C CD1 . LEU B 1 90 ? 1.979   2.583   7.465   1.00 7.82  ? 90  LEU B CD1 1 
ATOM   1389 C CD2 . LEU B 1 90 ? 3.696   3.963   8.524   1.00 9.84  ? 90  LEU B CD2 1 
ATOM   1390 N N   . THR B 1 91 ? 1.683   1.703   13.039  1.00 17.01 ? 91  THR B N   1 
ATOM   1391 C CA  . THR B 1 91 ? 0.892   1.797   14.250  1.00 20.11 ? 91  THR B CA  1 
ATOM   1392 C C   . THR B 1 91 ? 1.806   2.269   15.394  1.00 24.43 ? 91  THR B C   1 
ATOM   1393 O O   . THR B 1 91 ? 1.431   3.116   16.207  1.00 24.82 ? 91  THR B O   1 
ATOM   1394 C CB  . THR B 1 91 ? 0.277   0.441   14.677  1.00 19.55 ? 91  THR B CB  1 
ATOM   1395 O OG1 . THR B 1 91 ? 1.303   -0.536  14.664  1.00 20.45 ? 91  THR B OG1 1 
ATOM   1396 C CG2 . THR B 1 91 ? -0.848  -0.001  13.800  1.00 17.36 ? 91  THR B CG2 1 
ATOM   1397 N N   . GLN B 1 92 ? 3.060   1.819   15.465  1.00 24.96 ? 92  GLN B N   1 
ATOM   1398 C CA  . GLN B 1 92 ? 3.950   2.237   16.531  1.00 25.18 ? 92  GLN B CA  1 
ATOM   1399 C C   . GLN B 1 92 ? 4.366   3.693   16.451  1.00 24.22 ? 92  GLN B C   1 
ATOM   1400 O O   . GLN B 1 92 ? 4.738   4.251   17.482  1.00 21.63 ? 92  GLN B O   1 
ATOM   1401 C CB  . GLN B 1 92 ? 5.201   1.388   16.533  1.00 25.33 ? 92  GLN B CB  1 
ATOM   1402 C CG  . GLN B 1 92 ? 4.854   -0.032  16.864  1.00 28.04 ? 92  GLN B CG  1 
ATOM   1403 C CD  . GLN B 1 92 ? 6.089   -0.906  16.960  1.00 30.99 ? 92  GLN B CD  1 
ATOM   1404 O OE1 . GLN B 1 92 ? 7.211   -0.470  17.191  1.00 31.45 ? 92  GLN B OE1 1 
ATOM   1405 N NE2 . GLN B 1 92 ? 5.965   -2.193  16.718  1.00 34.02 ? 92  GLN B NE2 1 
ATOM   1406 N N   . ILE B 1 93 ? 4.390   4.343   15.284  1.00 22.58 ? 93  ILE B N   1 
ATOM   1407 C CA  . ILE B 1 93 ? 4.748   5.751   15.290  1.00 21.52 ? 93  ILE B CA  1 
ATOM   1408 C C   . ILE B 1 93 ? 3.512   6.650   15.320  1.00 21.70 ? 93  ILE B C   1 
ATOM   1409 O O   . ILE B 1 93 ? 3.585   7.868   15.199  1.00 24.39 ? 93  ILE B O   1 
ATOM   1410 C CB  . ILE B 1 93 ? 5.628   6.140   14.074  1.00 20.87 ? 93  ILE B CB  1 
ATOM   1411 C CG1 . ILE B 1 93 ? 4.912   6.013   12.760  1.00 17.95 ? 93  ILE B CG1 1 
ATOM   1412 C CG2 . ILE B 1 93 ? 6.874   5.279   14.173  1.00 21.30 ? 93  ILE B CG2 1 
ATOM   1413 C CD1 . ILE B 1 93 ? 5.821   6.340   11.601  1.00 18.80 ? 93  ILE B CD1 1 
ATOM   1414 N N   . GLY B 1 94 ? 2.368   6.022   15.534  1.00 23.92 ? 94  GLY B N   1 
ATOM   1415 C CA  . GLY B 1 94 ? 1.081   6.673   15.663  1.00 26.10 ? 94  GLY B CA  1 
ATOM   1416 C C   . GLY B 1 94 ? 0.550   7.240   14.380  1.00 25.48 ? 94  GLY B C   1 
ATOM   1417 O O   . GLY B 1 94 ? -0.179  8.227   14.421  1.00 26.11 ? 94  GLY B O   1 
ATOM   1418 N N   . CYS B 1 95 ? 0.858   6.569   13.269  1.00 23.45 ? 95  CYS B N   1 
ATOM   1419 C CA  . CYS B 1 95 ? 0.501   7.077   11.966  1.00 20.23 ? 95  CYS B CA  1 
ATOM   1420 C C   . CYS B 1 95 ? -0.950  6.779   11.684  1.00 18.19 ? 95  CYS B C   1 
ATOM   1421 O O   . CYS B 1 95 ? -1.445  5.694   12.026  1.00 24.95 ? 95  CYS B O   1 
ATOM   1422 C CB  . CYS B 1 95 ? 1.455   6.442   10.983  1.00 19.51 ? 95  CYS B CB  1 
ATOM   1423 S SG  . CYS B 1 95 ? 0.994   7.033   9.363   1.00 24.73 ? 95  CYS B SG  1 
ATOM   1424 N N   . THR B 1 96 ? -1.668  7.738   11.113  1.00 14.79 ? 96  THR B N   1 
ATOM   1425 C CA  . THR B 1 96 ? -3.098  7.650   10.891  1.00 16.89 ? 96  THR B CA  1 
ATOM   1426 C C   . THR B 1 96 ? -3.463  8.147   9.479   1.00 17.19 ? 96  THR B C   1 
ATOM   1427 O O   . THR B 1 96 ? -2.679  8.857   8.858   1.00 17.93 ? 96  THR B O   1 
ATOM   1428 C CB  . THR B 1 96 ? -3.727  8.469   12.054  1.00 20.40 ? 96  THR B CB  1 
ATOM   1429 O OG1 . THR B 1 96 ? -5.037  7.977   12.232  1.00 29.15 ? 96  THR B OG1 1 
ATOM   1430 C CG2 . THR B 1 96 ? -3.733  9.937   11.822  1.00 14.24 ? 96  THR B CG2 1 
ATOM   1431 N N   . LEU B 1 97 ? -4.570  7.699   8.902   1.00 16.57 ? 97  LEU B N   1 
ATOM   1432 C CA  . LEU B 1 97 ? -5.012  8.146   7.601   1.00 20.55 ? 97  LEU B CA  1 
ATOM   1433 C C   . LEU B 1 97 ? -6.121  9.106   7.934   1.00 21.05 ? 97  LEU B C   1 
ATOM   1434 O O   . LEU B 1 97 ? -6.978  8.767   8.743   1.00 23.36 ? 97  LEU B O   1 
ATOM   1435 C CB  . LEU B 1 97 ? -5.649  7.053   6.773   1.00 19.47 ? 97  LEU B CB  1 
ATOM   1436 C CG  . LEU B 1 97 ? -4.774  6.098   6.023   1.00 21.69 ? 97  LEU B CG  1 
ATOM   1437 C CD1 . LEU B 1 97 ? -5.544  4.876   5.539   1.00 19.74 ? 97  LEU B CD1 1 
ATOM   1438 C CD2 . LEU B 1 97 ? -4.211  6.867   4.859   1.00 22.05 ? 97  LEU B CD2 1 
ATOM   1439 N N   . ASN B 1 98 ? -6.227  10.244  7.279   1.00 22.26 ? 98  ASN B N   1 
ATOM   1440 C CA  . ASN B 1 98 ? -7.265  11.196  7.580   1.00 22.55 ? 98  ASN B CA  1 
ATOM   1441 C C   . ASN B 1 98 ? -7.868  11.808  6.316   1.00 21.84 ? 98  ASN B C   1 
ATOM   1442 O O   . ASN B 1 98 ? -7.133  12.106  5.371   1.00 18.22 ? 98  ASN B O   1 
ATOM   1443 C CB  . ASN B 1 98 ? -6.676  12.309  8.432   1.00 24.84 ? 98  ASN B CB  1 
ATOM   1444 C CG  . ASN B 1 98 ? -5.950  11.889  9.711   1.00 28.46 ? 98  ASN B CG  1 
ATOM   1445 O OD1 . ASN B 1 98 ? -4.770  11.516  9.703   1.00 29.02 ? 98  ASN B OD1 1 
ATOM   1446 N ND2 . ASN B 1 98 ? -6.621  11.960  10.840  1.00 29.10 ? 98  ASN B ND2 1 
ATOM   1447 N N   . PHE B 1 99 ? -9.176  12.027  6.264   1.00 23.01 ? 99  PHE B N   1 
ATOM   1448 C CA  . PHE B 1 99 ? -9.863  12.746  5.175   1.00 26.06 ? 99  PHE B CA  1 
ATOM   1449 C C   . PHE B 1 99 ? -11.249 13.183  5.681   1.00 28.31 ? 99  PHE B C   1 
ATOM   1450 O O   . PHE B 1 99 ? -12.060 13.722  4.932   1.00 29.97 ? 99  PHE B O   1 
ATOM   1451 C CB  . PHE B 1 99 ? -10.047 11.876  3.898   1.00 24.31 ? 99  PHE B CB  1 
ATOM   1452 C CG  . PHE B 1 99 ? -10.743 10.540  4.065   1.00 24.41 ? 99  PHE B CG  1 
ATOM   1453 C CD1 . PHE B 1 99 ? -10.035 9.454   4.552   1.00 25.55 ? 99  PHE B CD1 1 
ATOM   1454 C CD2 . PHE B 1 99 ? -12.077 10.397  3.718   1.00 25.59 ? 99  PHE B CD2 1 
ATOM   1455 C CE1 . PHE B 1 99 ? -10.665 8.228   4.702   1.00 26.47 ? 99  PHE B CE1 1 
ATOM   1456 C CE2 . PHE B 1 99 ? -12.702 9.166   3.872   1.00 26.78 ? 99  PHE B CE2 1 
ATOM   1457 C CZ  . PHE B 1 99 ? -12.000 8.080   4.358   1.00 27.15 ? 99  PHE B CZ  1 
ATOM   1458 O OXT . PHE B 1 99 ? -11.550 12.960  6.852   1.00 27.69 ? 99  PHE B OXT 1 
HETATM 1459 C C   . ACE C 2 1  ? 4.499   3.144   -13.201 1.00 42.61 ? 0   ACE I C   1 
HETATM 1460 O O   . ACE C 2 1  ? 4.111   3.069   -14.368 0.00 41.61 ? 0   ACE I O   1 
HETATM 1461 C CH3 . ACE C 2 1  ? 5.860   3.741   -12.881 0.00 41.50 ? 0   ACE I CH3 1 
ATOM   1462 N N   . SER C 2 2  ? 3.806   2.788   -12.101 1.00 41.50 ? 1   SER I N   1 
ATOM   1463 C CA  . SER C 2 2  ? 2.496   2.161   -11.964 1.00 32.71 ? 1   SER I CA  1 
ATOM   1464 C C   . SER C 2 2  ? 2.812   0.976   -11.058 1.00 28.29 ? 1   SER I C   1 
ATOM   1465 O O   . SER C 2 2  ? 2.892   -0.204  -11.468 1.00 21.19 ? 1   SER I O   1 
ATOM   1466 C CB  . SER C 2 2  ? 1.936   1.611   -13.244 1.00 35.86 ? 1   SER I CB  1 
ATOM   1467 O OG  . SER C 2 2  ? 0.590   1.580   -12.860 1.00 39.84 ? 1   SER I OG  1 
ATOM   1468 N N   . LEU C 2 3  ? 3.053   1.306   -9.794  1.00 20.62 ? 2   LEU I N   1 
ATOM   1469 C CA  . LEU C 2 3  ? 3.509   0.284   -8.878  1.00 19.34 ? 2   LEU I CA  1 
ATOM   1470 C C   . LEU C 2 3  ? 2.528   0.302   -7.780  1.00 17.40 ? 2   LEU I C   1 
ATOM   1471 O O   . LEU C 2 3  ? 2.121   1.377   -7.381  1.00 17.46 ? 2   LEU I O   1 
ATOM   1472 C CB  . LEU C 2 3  ? 4.867   0.593   -8.350  1.00 22.58 ? 2   LEU I CB  1 
ATOM   1473 C CG  . LEU C 2 3  ? 5.909   0.500   -9.471  1.00 27.49 ? 2   LEU I CG  1 
ATOM   1474 C CD1 . LEU C 2 3  ? 7.228   1.001   -8.923  1.00 31.16 ? 2   LEU I CD1 1 
ATOM   1475 C CD2 . LEU C 2 3  ? 5.988   -0.928  -10.035 1.00 25.10 ? 2   LEU I CD2 1 
ATOM   1476 N N   . ASN C 2 4  ? 2.109   -0.866  -7.332  1.00 16.24 ? 3   ASN I N   1 
ATOM   1477 C CA  . ASN C 2 4  ? 1.016   -0.979  -6.403  1.00 15.86 ? 3   ASN I CA  1 
ATOM   1478 C C   . ASN C 2 4  ? 1.361   -1.994  -5.332  1.00 15.05 ? 3   ASN I C   1 
ATOM   1479 O O   . ASN C 2 4  ? 1.206   -3.219  -5.557  1.00 16.10 ? 3   ASN I O   1 
ATOM   1480 C CB  . ASN C 2 4  ? -0.223  -1.406  -7.174  1.00 15.02 ? 3   ASN I CB  1 
ATOM   1481 C CG  . ASN C 2 4  ? -0.564  -0.339  -8.212  1.00 21.09 ? 3   ASN I CG  1 
ATOM   1482 O OD1 . ASN C 2 4  ? -1.110  0.718   -7.907  1.00 22.58 ? 3   ASN I OD1 1 
ATOM   1483 N ND2 . ASN C 2 4  ? -0.164  -0.490  -9.465  1.00 19.37 ? 3   ASN I ND2 1 
ATOM   1484 N N   . PHE C 2 5  ? 1.848   -1.472  -4.199  1.00 14.49 ? 4   PHE I N   1 
ATOM   1485 C CA  . PHE C 2 5  ? 2.213   -2.295  -3.050  1.00 12.92 ? 4   PHE I CA  1 
ATOM   1486 C C   . PHE C 2 5  ? 1.108   -2.215  -2.027  1.00 14.32 ? 4   PHE I C   1 
ATOM   1487 O O   . PHE C 2 5  ? 1.309   -2.546  -0.857  1.00 15.04 ? 4   PHE I O   1 
ATOM   1488 C CB  . PHE C 2 5  ? 3.522   -1.802  -2.459  1.00 13.46 ? 4   PHE I CB  1 
ATOM   1489 C CG  . PHE C 2 5  ? 4.618   -1.831  -3.495  1.00 17.43 ? 4   PHE I CG  1 
ATOM   1490 C CD1 . PHE C 2 5  ? 5.092   -3.064  -3.965  1.00 19.70 ? 4   PHE I CD1 1 
ATOM   1491 C CD2 . PHE C 2 5  ? 5.138   -0.630  -3.994  1.00 19.48 ? 4   PHE I CD2 1 
ATOM   1492 C CE1 . PHE C 2 5  ? 6.081   -3.094  -4.932  1.00 18.46 ? 4   PHE I CE1 1 
ATOM   1493 C CE2 . PHE C 2 5  ? 6.134   -0.674  -4.970  1.00 19.92 ? 4   PHE I CE2 1 
ATOM   1494 C CZ  . PHE C 2 5  ? 6.598   -1.905  -5.430  1.00 20.27 ? 4   PHE I CZ  1 
ATOM   1495 O OXT . PHE C 2 5  ? -0.010  -1.917  -2.420  1.00 16.91 ? 4   PHE I OXT 1 
HETATM 1496 O O   . HOH D 3 .  ? 2.473   5.321   -3.497  1.00 10.29 ? 404 HOH A O   1 
HETATM 1497 O O   . HOH D 3 .  ? -2.105  -10.773 -8.892  1.00 17.60 ? 405 HOH A O   1 
HETATM 1498 O O   . HOH D 3 .  ? -3.199  13.667  -0.188  1.00 21.79 ? 406 HOH A O   1 
HETATM 1499 O O   . HOH D 3 .  ? -20.393 5.358   -7.566  1.00 22.88 ? 407 HOH A O   1 
HETATM 1500 O O   . HOH D 3 .  ? -6.033  3.932   -11.170 1.00 21.56 ? 408 HOH A O   1 
HETATM 1501 O O   . HOH D 3 .  ? -7.305  8.892   -11.656 1.00 17.89 ? 410 HOH A O   1 
HETATM 1502 O O   . HOH D 3 .  ? -6.822  11.686  -10.070 1.00 34.60 ? 414 HOH A O   1 
HETATM 1503 O O   . HOH D 3 .  ? -19.584 4.296   -11.046 1.00 29.16 ? 415 HOH A O   1 
HETATM 1504 O O   . HOH D 3 .  ? -19.591 -7.818  -11.910 1.00 32.94 ? 416 HOH A O   1 
HETATM 1505 O O   . HOH D 3 .  ? 1.874   0.325   -19.054 1.00 59.52 ? 418 HOH A O   1 
HETATM 1506 O O   . HOH D 3 .  ? -12.178 13.097  -13.216 1.00 24.80 ? 420 HOH A O   1 
HETATM 1507 O O   . HOH D 3 .  ? -9.332  -11.576 -7.274  1.00 33.28 ? 421 HOH A O   1 
HETATM 1508 O O   . HOH D 3 .  ? 3.416   3.123   -5.010  1.00 17.40 ? 424 HOH A O   1 
HETATM 1509 O O   . HOH D 3 .  ? -11.781 4.335   -20.410 1.00 50.84 ? 425 HOH A O   1 
HETATM 1510 O O   . HOH D 3 .  ? -27.337 2.365   -3.646  1.00 37.87 ? 427 HOH A O   1 
HETATM 1511 O O   . HOH E 3 .  ? -2.383  3.896   13.627  1.00 19.20 ? 402 HOH B O   1 
HETATM 1512 O O   . HOH E 3 .  ? -2.966  -3.392  5.411   1.00 15.15 ? 403 HOH B O   1 
HETATM 1513 O O   . HOH E 3 .  ? 14.652  9.050   10.456  1.00 45.08 ? 409 HOH B O   1 
HETATM 1514 O O   . HOH E 3 .  ? 6.036   -6.295  14.216  1.00 26.77 ? 411 HOH B O   1 
HETATM 1515 O O   . HOH E 3 .  ? 13.036  9.843   1.613   1.00 46.17 ? 412 HOH B O   1 
HETATM 1516 O O   . HOH E 3 .  ? 10.684  -8.847  23.433  1.00 58.54 ? 413 HOH B O   1 
HETATM 1517 O O   . HOH E 3 .  ? 13.836  9.434   -0.994  1.00 86.51 ? 417 HOH B O   1 
HETATM 1518 O O   . HOH E 3 .  ? 3.666   17.871  13.933  1.00 27.84 ? 419 HOH B O   1 
HETATM 1519 O O   . HOH E 3 .  ? 11.423  -14.782 -4.203  1.00 20.64 ? 423 HOH B O   1 
HETATM 1520 O O   . HOH E 3 .  ? 5.722   9.490   -7.100  1.00 25.54 ? 426 HOH B O   1 
HETATM 1521 O O   . HOH E 3 .  ? 7.583   6.419   18.439  1.00 34.83 ? 428 HOH B O   1 
HETATM 1522 O O   . HOH E 3 .  ? 0.621   -10.299 2.969   1.00 53.93 ? 431 HOH B O   1 
HETATM 1523 O O   . HOH F 3 .  ? 1.537   -5.619  -4.319  1.00 15.94 ? 401 HOH I O   1 
HETATM 1524 O O   . HOH F 3 .  ? -1.718  -5.341  -1.083  1.00 43.56 ? 429 HOH I O   1 
HETATM 1525 O O   . HOH F 3 .  ? 2.265   -6.233  0.001   1.00 53.22 ? 430 HOH I O   1 
# 
